data_9VPZ
#
_entry.id   9VPZ
#
_cell.length_a   139.376
_cell.length_b   146.632
_cell.length_c   65.594
_cell.angle_alpha   90.00
_cell.angle_beta   90.00
_cell.angle_gamma   90.00
#
_symmetry.space_group_name_H-M   'P 21 21 2'
#
loop_
_entity.id
_entity.type
_entity.pdbx_description
1 polymer 'Dihydroorotate dehydrogenase (fumarate)'
2 non-polymer 1-DEOXY-1-(7,8-DIMETHYL-2,4-DIOXO-3,4-DIHYDRO-2H-BENZO[G]PTERIDIN-1-ID-10(5H)-YL)-5-O-PHOSPHONATO-D-RIBITOL
3 non-polymer 'MALONATE ION'
4 non-polymer 'SULFUR DIOXIDE'
5 non-polymer 'SULFITE ION'
6 water water
#
_entity_poly.entity_id   1
_entity_poly.type   'polypeptide(L)'
_entity_poly.pdbx_seq_one_letter_code
;GPGSMSLKVNILGHEFSNPFMNAAGVLCTTEEDLRRMTESESGSLIGKSCTLAPRTGNPEPRYFGLPLGSINSMGLPNLG
VDFYLSYAAQTHDYSRKPLFLSMSGLSVEESVEMVKKLVPITKEKGTILELNLSCPNVPGKPQVGYDFDTTRTYLQKVSE
AYGLPFGVKMPPYFDIAHFDMAAAVLNDFPLVKFITCVNSIGNGLVIDPANETVVIKPKQGFGGLGGKYVLPTALANVNA
FFRRCPDKLVFGCGGVYSGEEAFLHILAGASMVQVGTALHDEGPIIFARLNKELQEIMTNKGYKTLDEFRGRVKTMD
;
_entity_poly.pdbx_strand_id   A,C,B,D
#
loop_
_chem_comp.id
_chem_comp.type
_chem_comp.name
_chem_comp.formula
FNR non-polymer 1-DEOXY-1-(7,8-DIMETHYL-2,4-DIOXO-3,4-DIHYDRO-2H-BENZO[G]PTERIDIN-1-ID-10(5H)-YL)-5-O-PHOSPHONATO-D-RIBITOL 'C17 H23 N4 O9 P'
MLI non-polymer 'MALONATE ION' 'C3 H2 O4 -2'
SO2 non-polymer 'SULFUR DIOXIDE' 'O2 S'
SO3 non-polymer 'SULFITE ION' 'O3 S -2'
#
# COMPACT_ATOMS: atom_id res chain seq x y z
N MET A 5 -5.61 -35.39 -2.65
CA MET A 5 -5.02 -34.30 -1.82
C MET A 5 -4.38 -34.88 -0.55
N SER A 6 -3.34 -34.19 -0.06
CA SER A 6 -2.50 -34.73 1.00
C SER A 6 -1.89 -33.60 1.83
N LEU A 7 -1.99 -33.72 3.17
CA LEU A 7 -1.32 -32.81 4.09
C LEU A 7 0.01 -33.41 4.54
N LYS A 8 0.47 -34.48 3.86
CA LYS A 8 1.61 -35.23 4.32
C LYS A 8 2.89 -34.38 4.27
N VAL A 9 3.78 -34.64 5.24
CA VAL A 9 5.09 -34.01 5.32
C VAL A 9 6.11 -35.13 5.47
N ASN A 10 7.15 -35.09 4.64
CA ASN A 10 8.24 -36.05 4.69
C ASN A 10 9.53 -35.33 5.08
N ILE A 11 9.87 -35.40 6.36
CA ILE A 11 11.09 -34.79 6.88
C ILE A 11 11.66 -35.68 7.97
N LEU A 12 12.96 -35.50 8.24
CA LEU A 12 13.64 -36.16 9.35
C LEU A 12 13.50 -37.68 9.27
N GLY A 13 13.16 -38.20 8.08
CA GLY A 13 13.04 -39.63 7.88
C GLY A 13 11.66 -40.21 8.19
N HIS A 14 10.64 -39.36 8.40
CA HIS A 14 9.31 -39.85 8.75
C HIS A 14 8.27 -39.32 7.78
N GLU A 15 7.17 -40.07 7.62
CA GLU A 15 5.94 -39.52 7.09
C GLU A 15 5.15 -38.98 8.29
N PHE A 16 4.80 -37.70 8.21
CA PHE A 16 3.84 -37.08 9.10
C PHE A 16 2.52 -36.98 8.33
N SER A 17 1.41 -37.38 8.95
CA SER A 17 0.12 -37.36 8.29
C SER A 17 -0.27 -35.93 7.91
N ASN A 18 0.18 -34.96 8.72
CA ASN A 18 -0.11 -33.56 8.51
C ASN A 18 0.96 -32.75 9.23
N PRO A 19 1.06 -31.43 9.00
CA PRO A 19 2.17 -30.64 9.56
C PRO A 19 1.95 -30.18 11.00
N PHE A 20 0.79 -30.50 11.57
CA PHE A 20 0.38 -29.90 12.84
C PHE A 20 0.91 -30.70 14.02
N MET A 21 1.33 -29.96 15.06
CA MET A 21 1.68 -30.52 16.34
C MET A 21 1.42 -29.48 17.42
N ASN A 22 1.50 -29.88 18.70
CA ASN A 22 1.40 -28.93 19.78
C ASN A 22 2.70 -28.12 19.85
N ALA A 23 2.60 -26.89 20.36
CA ALA A 23 3.78 -26.16 20.82
C ALA A 23 4.20 -26.73 22.16
N ALA A 24 5.52 -26.87 22.37
CA ALA A 24 6.04 -27.33 23.65
C ALA A 24 5.45 -26.48 24.76
N GLY A 25 5.00 -27.14 25.84
CA GLY A 25 4.38 -26.47 26.96
C GLY A 25 2.88 -26.68 27.04
N VAL A 26 2.23 -26.92 25.89
CA VAL A 26 0.79 -27.01 25.83
C VAL A 26 0.39 -28.47 25.57
N LEU A 27 -0.49 -28.97 26.45
CA LEU A 27 -1.05 -30.33 26.39
C LEU A 27 0.08 -31.35 26.21
N CYS A 28 1.08 -31.32 27.10
CA CYS A 28 2.19 -32.25 26.93
C CYS A 28 3.04 -32.44 28.20
N THR A 29 2.48 -32.16 29.39
CA THR A 29 3.25 -32.24 30.62
C THR A 29 3.12 -33.63 31.25
N THR A 30 1.90 -34.17 31.28
CA THR A 30 1.60 -35.43 31.94
C THR A 30 1.44 -36.55 30.91
N GLU A 31 1.42 -37.79 31.40
CA GLU A 31 1.13 -38.95 30.56
C GLU A 31 -0.25 -38.78 29.91
N GLU A 32 -1.23 -38.28 30.66
CA GLU A 32 -2.58 -38.10 30.14
C GLU A 32 -2.58 -37.08 29.01
N ASP A 33 -1.86 -35.96 29.20
CA ASP A 33 -1.69 -34.95 28.18
C ASP A 33 -1.17 -35.57 26.88
N LEU A 34 -0.10 -36.36 27.00
CA LEU A 34 0.58 -36.93 25.85
C LEU A 34 -0.31 -37.97 25.17
N ARG A 35 -1.12 -38.70 25.95
CA ARG A 35 -2.07 -39.64 25.41
C ARG A 35 -3.08 -38.91 24.52
N ARG A 36 -3.58 -37.77 25.01
CA ARG A 36 -4.60 -37.01 24.30
C ARG A 36 -4.01 -36.40 23.02
N MET A 37 -2.74 -35.98 23.06
CA MET A 37 -2.09 -35.50 21.85
C MET A 37 -1.91 -36.64 20.85
N THR A 38 -1.56 -37.83 21.34
CA THR A 38 -1.33 -38.97 20.45
C THR A 38 -2.66 -39.38 19.79
N GLU A 39 -3.75 -39.35 20.56
CA GLU A 39 -5.06 -39.76 20.07
C GLU A 39 -5.68 -38.69 19.16
N SER A 40 -5.18 -37.46 19.23
CA SER A 40 -5.66 -36.38 18.37
C SER A 40 -5.29 -36.64 16.91
N GLU A 41 -5.81 -35.80 16.03
CA GLU A 41 -5.53 -35.86 14.60
C GLU A 41 -4.19 -35.21 14.25
N SER A 42 -3.44 -34.71 15.26
CA SER A 42 -2.19 -34.01 15.00
C SER A 42 -1.20 -34.91 14.26
N GLY A 43 -0.40 -34.30 13.39
CA GLY A 43 0.66 -35.01 12.69
C GLY A 43 1.79 -35.47 13.62
N SER A 44 2.01 -34.72 14.71
CA SER A 44 3.01 -35.10 15.69
C SER A 44 2.68 -34.46 17.03
N LEU A 45 3.62 -34.60 17.98
CA LEU A 45 3.49 -34.00 19.30
C LEU A 45 4.89 -33.83 19.90
N ILE A 46 5.00 -32.95 20.90
CA ILE A 46 6.25 -32.70 21.58
C ILE A 46 5.99 -32.64 23.08
N GLY A 47 6.89 -33.28 23.85
CA GLY A 47 6.83 -33.28 25.30
C GLY A 47 7.19 -31.92 25.88
N LYS A 48 6.63 -31.62 27.05
CA LYS A 48 6.92 -30.41 27.79
C LYS A 48 8.43 -30.23 27.94
N SER A 49 8.91 -28.99 27.77
CA SER A 49 10.30 -28.67 28.06
C SER A 49 10.65 -29.16 29.46
N CYS A 50 11.63 -30.07 29.54
CA CYS A 50 11.94 -30.73 30.79
C CYS A 50 13.33 -30.33 31.32
N THR A 51 13.53 -30.66 32.60
CA THR A 51 14.79 -30.46 33.31
C THR A 51 15.22 -31.80 33.91
N LEU A 52 16.47 -31.86 34.38
CA LEU A 52 17.06 -33.10 34.85
C LEU A 52 16.23 -33.67 36.00
N ALA A 53 15.91 -32.79 36.96
CA ALA A 53 15.03 -33.12 38.07
C ALA A 53 13.64 -32.51 37.82
N PRO A 54 12.57 -33.06 38.46
CA PRO A 54 11.25 -32.47 38.34
C PRO A 54 11.18 -31.03 38.81
N ARG A 55 10.21 -30.27 38.27
CA ARG A 55 9.87 -28.94 38.76
C ARG A 55 8.36 -28.82 38.90
N THR A 56 7.89 -28.02 39.87
CA THR A 56 6.48 -27.70 39.99
C THR A 56 6.16 -26.32 39.39
N GLY A 57 7.20 -25.52 39.11
CA GLY A 57 7.01 -24.25 38.43
C GLY A 57 6.67 -23.10 39.37
N ASN A 58 6.19 -22.01 38.78
CA ASN A 58 5.95 -20.75 39.46
C ASN A 58 4.63 -20.79 40.22
N PRO A 59 4.44 -19.89 41.22
CA PRO A 59 3.19 -19.81 41.96
C PRO A 59 2.07 -19.18 41.15
N GLU A 60 0.83 -19.35 41.64
CA GLU A 60 -0.37 -18.95 40.93
C GLU A 60 -0.84 -17.54 41.27
N PRO A 61 -1.59 -16.85 40.38
CA PRO A 61 -1.84 -17.30 39.01
C PRO A 61 -0.67 -17.07 38.06
N ARG A 62 -0.42 -18.03 37.16
CA ARG A 62 0.74 -17.98 36.27
C ARG A 62 0.35 -18.13 34.80
N TYR A 63 -0.95 -18.19 34.50
CA TYR A 63 -1.45 -18.21 33.14
C TYR A 63 -2.70 -17.34 33.08
N PHE A 64 -2.81 -16.49 32.05
CA PHE A 64 -4.00 -15.67 31.87
C PHE A 64 -4.34 -15.61 30.38
N GLY A 65 -5.52 -16.14 30.02
CA GLY A 65 -6.03 -16.06 28.67
C GLY A 65 -6.47 -14.63 28.35
N LEU A 66 -6.13 -14.16 27.15
CA LEU A 66 -6.44 -12.80 26.73
C LEU A 66 -7.28 -12.83 25.46
N PRO A 67 -8.04 -11.75 25.18
CA PRO A 67 -8.70 -11.61 23.89
C PRO A 67 -7.80 -11.87 22.68
N LEU A 68 -6.55 -11.40 22.73
CA LEU A 68 -5.63 -11.52 21.60
C LEU A 68 -4.57 -12.61 21.81
N GLY A 69 -4.72 -13.43 22.86
CA GLY A 69 -3.78 -14.52 23.04
C GLY A 69 -3.66 -14.97 24.49
N SER A 70 -2.43 -14.98 25.00
CA SER A 70 -2.15 -15.48 26.33
C SER A 70 -0.92 -14.78 26.89
N ILE A 71 -0.87 -14.68 28.22
CA ILE A 71 0.36 -14.34 28.93
C ILE A 71 0.58 -15.43 29.97
N ASN A 72 1.82 -15.91 30.08
CA ASN A 72 2.13 -16.96 31.05
C ASN A 72 3.52 -16.79 31.63
N SER A 73 3.66 -17.28 32.86
CA SER A 73 4.94 -17.51 33.49
C SER A 73 4.89 -18.85 34.24
N MET A 74 4.77 -19.94 33.49
CA MET A 74 4.57 -21.27 34.09
C MET A 74 5.77 -21.67 34.95
N GLY A 75 7.00 -21.39 34.48
CA GLY A 75 8.20 -21.70 35.24
C GLY A 75 8.72 -23.12 35.04
N LEU A 76 8.46 -23.70 33.86
CA LEU A 76 8.96 -25.01 33.45
C LEU A 76 8.51 -26.11 34.42
N PRO A 77 7.21 -26.19 34.77
CA PRO A 77 6.73 -27.34 35.52
C PRO A 77 6.85 -28.60 34.66
N ASN A 78 7.51 -29.62 35.18
CA ASN A 78 7.72 -30.83 34.41
C ASN A 78 8.08 -31.99 35.34
N LEU A 79 7.85 -33.21 34.85
CA LEU A 79 7.98 -34.41 35.65
C LEU A 79 9.41 -34.93 35.68
N GLY A 80 10.34 -34.18 35.08
CA GLY A 80 11.75 -34.55 35.08
C GLY A 80 12.09 -35.39 33.85
N VAL A 81 13.35 -35.34 33.43
CA VAL A 81 13.74 -35.91 32.14
C VAL A 81 13.47 -37.42 32.12
N ASP A 82 13.62 -38.12 33.26
CA ASP A 82 13.43 -39.57 33.28
C ASP A 82 11.99 -39.93 32.91
N PHE A 83 11.02 -39.08 33.30
CA PHE A 83 9.62 -39.34 32.96
C PHE A 83 9.44 -39.30 31.44
N TYR A 84 9.99 -38.27 30.77
CA TYR A 84 9.76 -38.09 29.35
C TYR A 84 10.52 -39.14 28.56
N LEU A 85 11.72 -39.52 29.03
CA LEU A 85 12.49 -40.57 28.39
C LEU A 85 11.73 -41.88 28.45
N SER A 86 11.16 -42.19 29.62
CA SER A 86 10.42 -43.43 29.81
C SER A 86 9.15 -43.41 28.96
N TYR A 87 8.51 -42.25 28.86
CA TYR A 87 7.37 -42.09 27.96
C TYR A 87 7.79 -42.46 26.53
N ALA A 88 8.94 -41.93 26.10
CA ALA A 88 9.42 -42.08 24.74
C ALA A 88 9.82 -43.53 24.45
N ALA A 89 10.38 -44.20 25.47
CA ALA A 89 10.96 -45.52 25.33
C ALA A 89 9.89 -46.63 25.41
N GLN A 90 8.82 -46.40 26.19
CA GLN A 90 7.92 -47.47 26.57
C GLN A 90 6.47 -47.17 26.22
N THR A 91 6.03 -45.92 26.40
CA THR A 91 4.61 -45.61 26.41
C THR A 91 4.14 -45.20 25.01
N HIS A 92 4.87 -44.29 24.37
CA HIS A 92 4.38 -43.65 23.15
C HIS A 92 4.16 -44.68 22.04
N ASP A 93 3.04 -44.52 21.33
CA ASP A 93 2.70 -45.33 20.17
C ASP A 93 3.22 -44.66 18.91
N TYR A 94 4.38 -45.11 18.42
CA TYR A 94 5.03 -44.54 17.25
C TYR A 94 4.28 -44.87 15.96
N SER A 95 3.45 -45.91 15.99
CA SER A 95 2.63 -46.24 14.82
C SER A 95 1.56 -45.16 14.60
N ARG A 96 1.21 -44.41 15.66
CA ARG A 96 0.30 -43.28 15.53
C ARG A 96 1.00 -42.10 14.85
N LYS A 97 2.14 -41.67 15.42
CA LYS A 97 2.87 -40.52 14.92
C LYS A 97 4.24 -40.45 15.58
N PRO A 98 5.23 -39.78 14.97
CA PRO A 98 6.53 -39.56 15.60
C PRO A 98 6.43 -38.67 16.84
N LEU A 99 7.45 -38.73 17.70
CA LEU A 99 7.47 -38.00 18.95
C LEU A 99 8.70 -37.12 19.03
N PHE A 100 8.50 -35.87 19.44
CA PHE A 100 9.58 -34.97 19.80
C PHE A 100 9.61 -34.84 21.32
N LEU A 101 10.80 -34.59 21.87
CA LEU A 101 10.93 -34.16 23.25
C LEU A 101 11.64 -32.82 23.28
N SER A 102 11.07 -31.88 24.04
CA SER A 102 11.72 -30.61 24.31
C SER A 102 12.57 -30.74 25.56
N MET A 103 13.83 -30.31 25.48
CA MET A 103 14.69 -30.30 26.66
C MET A 103 15.20 -28.89 26.92
N SER A 104 15.07 -28.49 28.20
CA SER A 104 15.37 -27.14 28.62
C SER A 104 16.17 -27.17 29.92
N GLY A 105 17.32 -27.86 29.90
CA GLY A 105 18.26 -27.75 31.01
C GLY A 105 18.64 -26.28 31.22
N LEU A 106 18.83 -25.87 32.48
CA LEU A 106 19.04 -24.46 32.79
C LEU A 106 20.53 -24.12 32.86
N SER A 107 21.38 -25.05 32.41
CA SER A 107 22.80 -24.82 32.22
C SER A 107 23.27 -25.76 31.10
N VAL A 108 24.44 -25.48 30.53
CA VAL A 108 24.98 -26.37 29.50
C VAL A 108 25.29 -27.73 30.14
N GLU A 109 25.71 -27.74 31.41
CA GLU A 109 26.08 -28.97 32.09
C GLU A 109 24.84 -29.86 32.24
N GLU A 110 23.71 -29.26 32.64
CA GLU A 110 22.45 -29.96 32.78
C GLU A 110 21.98 -30.50 31.44
N SER A 111 22.05 -29.67 30.38
CA SER A 111 21.62 -30.09 29.06
C SER A 111 22.43 -31.28 28.56
N VAL A 112 23.75 -31.21 28.75
CA VAL A 112 24.66 -32.26 28.30
C VAL A 112 24.25 -33.58 28.94
N GLU A 113 23.99 -33.56 30.25
CA GLU A 113 23.59 -34.77 30.98
C GLU A 113 22.29 -35.32 30.40
N MET A 114 21.32 -34.43 30.12
CA MET A 114 20.00 -34.83 29.66
C MET A 114 20.05 -35.46 28.27
N VAL A 115 20.72 -34.81 27.31
CA VAL A 115 20.67 -35.26 25.93
C VAL A 115 21.43 -36.58 25.78
N LYS A 116 22.44 -36.77 26.63
CA LYS A 116 23.22 -38.00 26.68
C LYS A 116 22.30 -39.18 26.95
N LYS A 117 21.34 -38.98 27.86
CA LYS A 117 20.38 -40.00 28.22
C LYS A 117 19.44 -40.31 27.06
N LEU A 118 19.23 -39.33 26.17
CA LEU A 118 18.28 -39.49 25.07
C LEU A 118 18.87 -40.37 23.96
N VAL A 119 20.20 -40.38 23.82
CA VAL A 119 20.88 -41.02 22.69
C VAL A 119 20.30 -42.42 22.45
N PRO A 120 20.36 -43.37 23.42
CA PRO A 120 19.90 -44.73 23.17
C PRO A 120 18.44 -44.82 22.74
N ILE A 121 17.62 -43.89 23.24
CA ILE A 121 16.19 -43.91 22.96
C ILE A 121 15.93 -43.39 21.54
N THR A 122 16.66 -42.34 21.12
CA THR A 122 16.59 -41.91 19.73
C THR A 122 16.99 -43.06 18.81
N LYS A 123 18.04 -43.80 19.16
CA LYS A 123 18.55 -44.85 18.30
C LYS A 123 17.53 -45.99 18.20
N GLU A 124 16.84 -46.27 19.30
CA GLU A 124 15.92 -47.40 19.39
C GLU A 124 14.56 -47.05 18.79
N LYS A 125 14.04 -45.85 19.12
CA LYS A 125 12.64 -45.50 18.86
C LYS A 125 12.47 -44.39 17.83
N GLY A 126 13.52 -43.57 17.62
CA GLY A 126 13.47 -42.50 16.64
C GLY A 126 12.99 -41.16 17.22
N THR A 127 12.94 -41.08 18.56
CA THR A 127 12.53 -39.88 19.26
C THR A 127 13.41 -38.71 18.83
N ILE A 128 12.79 -37.54 18.61
CA ILE A 128 13.48 -36.36 18.08
C ILE A 128 13.62 -35.32 19.19
N LEU A 129 14.79 -34.66 19.24
CA LEU A 129 15.11 -33.64 20.24
C LEU A 129 14.85 -32.24 19.70
N GLU A 130 14.11 -31.42 20.47
CA GLU A 130 14.06 -29.98 20.29
C GLU A 130 14.70 -29.34 21.51
N LEU A 131 15.92 -28.80 21.35
CA LEU A 131 16.67 -28.13 22.41
C LEU A 131 16.11 -26.72 22.60
N ASN A 132 15.64 -26.41 23.82
CA ASN A 132 15.00 -25.13 24.10
C ASN A 132 16.07 -24.12 24.49
N LEU A 133 16.25 -23.08 23.66
CA LEU A 133 17.19 -22.01 23.96
C LEU A 133 16.46 -20.69 24.19
N SER A 134 15.23 -20.73 24.72
CA SER A 134 14.44 -19.50 24.71
C SER A 134 13.42 -19.37 25.83
N CYS A 135 13.45 -20.19 26.90
CA CYS A 135 12.41 -20.03 27.92
C CYS A 135 12.55 -18.69 28.63
N PRO A 136 11.53 -17.80 28.57
CA PRO A 136 11.62 -16.48 29.19
C PRO A 136 11.04 -16.34 30.60
N ASN A 137 10.67 -17.46 31.26
CA ASN A 137 9.86 -17.41 32.47
C ASN A 137 10.52 -18.04 33.69
N VAL A 138 11.83 -18.31 33.63
CA VAL A 138 12.57 -18.81 34.77
C VAL A 138 13.34 -17.65 35.40
N PRO A 139 12.98 -17.20 36.62
CA PRO A 139 13.71 -16.13 37.29
C PRO A 139 15.22 -16.36 37.30
N GLY A 140 15.98 -15.35 36.83
CA GLY A 140 17.43 -15.35 36.89
C GLY A 140 18.09 -16.14 35.76
N LYS A 141 17.28 -16.61 34.78
CA LYS A 141 17.80 -17.39 33.67
C LYS A 141 17.46 -16.68 32.36
N PRO A 142 18.38 -15.86 31.80
CA PRO A 142 18.12 -15.16 30.55
C PRO A 142 17.98 -16.10 29.35
N GLN A 143 17.28 -15.64 28.30
CA GLN A 143 17.08 -16.44 27.11
C GLN A 143 18.42 -16.66 26.41
N VAL A 144 18.82 -17.94 26.29
CA VAL A 144 20.13 -18.29 25.76
C VAL A 144 20.30 -17.73 24.36
N GLY A 145 19.24 -17.78 23.55
CA GLY A 145 19.30 -17.39 22.15
C GLY A 145 19.59 -15.90 21.93
N TYR A 146 19.50 -15.07 22.99
CA TYR A 146 19.82 -13.65 22.88
C TYR A 146 21.30 -13.42 23.20
N ASP A 147 22.03 -14.49 23.54
CA ASP A 147 23.47 -14.42 23.75
C ASP A 147 24.14 -15.42 22.81
N PHE A 148 24.79 -14.91 21.75
CA PHE A 148 25.26 -15.76 20.67
C PHE A 148 26.47 -16.57 21.10
N ASP A 149 27.27 -16.07 22.05
CA ASP A 149 28.40 -16.85 22.56
C ASP A 149 27.88 -18.02 23.39
N THR A 150 26.90 -17.76 24.26
CA THR A 150 26.29 -18.81 25.06
C THR A 150 25.58 -19.81 24.14
N THR A 151 24.87 -19.32 23.12
CA THR A 151 24.19 -20.21 22.18
C THR A 151 25.21 -21.15 21.54
N ARG A 152 26.35 -20.61 21.13
CA ARG A 152 27.39 -21.40 20.49
C ARG A 152 27.86 -22.53 21.41
N THR A 153 28.05 -22.22 22.70
CA THR A 153 28.51 -23.22 23.67
C THR A 153 27.49 -24.36 23.77
N TYR A 154 26.21 -24.02 23.93
CA TYR A 154 25.17 -25.03 24.04
C TYR A 154 25.17 -25.94 22.82
N LEU A 155 25.22 -25.35 21.62
CA LEU A 155 25.15 -26.11 20.38
C LEU A 155 26.38 -27.02 20.22
N GLN A 156 27.55 -26.49 20.63
CA GLN A 156 28.79 -27.24 20.58
C GLN A 156 28.68 -28.47 21.49
N LYS A 157 28.31 -28.24 22.76
CA LYS A 157 28.34 -29.31 23.76
C LYS A 157 27.23 -30.32 23.51
N VAL A 158 26.07 -29.87 23.03
CA VAL A 158 24.99 -30.79 22.75
C VAL A 158 25.31 -31.59 21.49
N SER A 159 25.94 -30.94 20.49
CA SER A 159 26.39 -31.65 19.29
C SER A 159 27.35 -32.78 19.67
N GLU A 160 28.26 -32.49 20.60
CA GLU A 160 29.25 -33.48 21.03
C GLU A 160 28.59 -34.61 21.83
N ALA A 161 27.72 -34.25 22.78
CA ALA A 161 27.18 -35.22 23.72
C ALA A 161 26.12 -36.10 23.06
N TYR A 162 25.29 -35.47 22.21
CA TYR A 162 24.14 -36.14 21.62
C TYR A 162 24.57 -36.80 20.31
N GLY A 163 25.18 -36.02 19.42
CA GLY A 163 25.87 -36.56 18.25
C GLY A 163 24.91 -37.01 17.15
N LEU A 164 23.62 -36.66 17.26
CA LEU A 164 22.62 -37.02 16.28
C LEU A 164 21.88 -35.75 15.86
N PRO A 165 21.21 -35.71 14.69
CA PRO A 165 20.43 -34.55 14.30
C PRO A 165 19.40 -34.16 15.36
N PHE A 166 19.29 -32.85 15.61
CA PHE A 166 18.34 -32.30 16.56
C PHE A 166 17.91 -30.92 16.08
N GLY A 167 16.94 -30.35 16.79
CA GLY A 167 16.41 -29.04 16.47
C GLY A 167 16.52 -28.09 17.65
N VAL A 168 16.22 -26.81 17.40
CA VAL A 168 16.36 -25.78 18.42
C VAL A 168 15.07 -24.95 18.44
N LYS A 169 14.61 -24.61 19.65
CA LYS A 169 13.52 -23.67 19.83
C LYS A 169 14.14 -22.30 20.11
N MET A 170 13.93 -21.35 19.18
CA MET A 170 14.59 -20.07 19.26
C MET A 170 13.65 -19.02 19.82
N PRO A 171 14.19 -18.01 20.51
CA PRO A 171 13.40 -16.84 20.89
C PRO A 171 13.18 -16.00 19.65
N PRO A 172 12.14 -15.15 19.60
CA PRO A 172 11.97 -14.27 18.44
C PRO A 172 13.03 -13.18 18.39
N TYR A 173 13.52 -12.90 17.17
CA TYR A 173 14.42 -11.78 16.92
C TYR A 173 13.65 -10.69 16.19
N PHE A 174 14.15 -9.45 16.33
CA PHE A 174 13.42 -8.26 15.90
C PHE A 174 14.32 -7.32 15.09
N ASP A 175 15.48 -7.83 14.67
CA ASP A 175 16.53 -6.99 14.10
C ASP A 175 17.28 -7.81 13.06
N ILE A 176 17.50 -7.23 11.87
CA ILE A 176 18.13 -7.95 10.77
C ILE A 176 19.52 -8.45 11.19
N ALA A 177 20.27 -7.60 11.90
CA ALA A 177 21.61 -7.97 12.35
C ALA A 177 21.56 -9.21 13.25
N HIS A 178 20.48 -9.36 14.05
CA HIS A 178 20.31 -10.51 14.94
C HIS A 178 19.96 -11.76 14.14
N PHE A 179 19.12 -11.64 13.11
CA PHE A 179 18.86 -12.77 12.22
C PHE A 179 20.19 -13.28 11.65
N ASP A 180 21.03 -12.33 11.18
CA ASP A 180 22.31 -12.66 10.57
C ASP A 180 23.22 -13.36 11.57
N MET A 181 23.30 -12.82 12.79
CA MET A 181 24.20 -13.35 13.82
C MET A 181 23.71 -14.72 14.29
N ALA A 182 22.40 -14.86 14.50
CA ALA A 182 21.83 -16.13 14.90
C ALA A 182 22.12 -17.20 13.84
N ALA A 183 21.89 -16.86 12.57
CA ALA A 183 22.07 -17.82 11.49
C ALA A 183 23.55 -18.22 11.35
N ALA A 184 24.47 -17.27 11.58
CA ALA A 184 25.89 -17.55 11.49
C ALA A 184 26.28 -18.62 12.51
N VAL A 185 25.71 -18.54 13.72
CA VAL A 185 25.97 -19.53 14.75
C VAL A 185 25.33 -20.86 14.34
N LEU A 186 24.05 -20.84 13.98
CA LEU A 186 23.32 -22.06 13.67
C LEU A 186 23.98 -22.81 12.51
N ASN A 187 24.48 -22.06 11.51
CA ASN A 187 25.04 -22.66 10.30
C ASN A 187 26.41 -23.30 10.58
N ASP A 188 26.97 -23.09 11.77
CA ASP A 188 28.22 -23.73 12.15
C ASP A 188 27.97 -25.12 12.76
N PHE A 189 26.70 -25.53 12.93
CA PHE A 189 26.37 -26.78 13.60
C PHE A 189 25.51 -27.62 12.66
N PRO A 190 26.14 -28.51 11.87
CA PRO A 190 25.40 -29.32 10.89
C PRO A 190 24.41 -30.31 11.50
N LEU A 191 24.54 -30.60 12.80
CA LEU A 191 23.61 -31.49 13.48
C LEU A 191 22.30 -30.77 13.79
N VAL A 192 22.29 -29.44 13.77
CA VAL A 192 21.04 -28.71 13.94
C VAL A 192 20.28 -28.78 12.62
N LYS A 193 19.26 -29.64 12.57
CA LYS A 193 18.54 -29.93 11.34
C LYS A 193 17.22 -29.15 11.25
N PHE A 194 16.70 -28.67 12.38
CA PHE A 194 15.51 -27.81 12.31
C PHE A 194 15.61 -26.68 13.34
N ILE A 195 14.93 -25.58 12.99
CA ILE A 195 14.84 -24.38 13.80
C ILE A 195 13.35 -24.08 14.00
N THR A 196 12.89 -24.09 15.25
CA THR A 196 11.50 -23.76 15.55
C THR A 196 11.41 -22.28 15.91
N CYS A 197 10.68 -21.55 15.05
CA CYS A 197 10.48 -20.11 15.18
C CYS A 197 8.97 -19.87 15.35
N VAL A 198 8.50 -19.41 16.52
CA VAL A 198 9.28 -18.82 17.60
C VAL A 198 8.70 -19.24 18.95
N ASN A 199 9.50 -19.05 20.01
CA ASN A 199 8.98 -19.11 21.37
C ASN A 199 8.22 -17.81 21.66
N SER A 200 7.59 -17.75 22.85
CA SER A 200 6.84 -16.58 23.29
C SER A 200 7.63 -15.29 23.10
N ILE A 201 6.91 -14.21 22.78
CA ILE A 201 7.49 -12.88 22.89
C ILE A 201 7.67 -12.61 24.39
N GLY A 202 8.91 -12.48 24.83
CA GLY A 202 9.23 -12.53 26.26
C GLY A 202 8.86 -11.26 27.01
N ASN A 203 8.54 -11.45 28.31
CA ASN A 203 8.49 -10.39 29.30
C ASN A 203 7.56 -9.25 28.88
N GLY A 204 6.35 -9.62 28.44
CA GLY A 204 5.27 -8.66 28.30
C GLY A 204 4.58 -8.43 29.64
N LEU A 205 3.72 -7.41 29.72
CA LEU A 205 3.07 -7.04 30.97
C LEU A 205 1.62 -6.69 30.70
N VAL A 206 0.70 -7.41 31.36
CA VAL A 206 -0.72 -7.15 31.27
C VAL A 206 -1.23 -6.66 32.63
N ILE A 207 -2.02 -5.59 32.59
CA ILE A 207 -2.56 -4.96 33.79
C ILE A 207 -4.08 -4.84 33.65
N ASP A 208 -4.79 -5.17 34.73
CA ASP A 208 -6.23 -5.02 34.79
C ASP A 208 -6.54 -3.59 35.24
N PRO A 209 -7.21 -2.76 34.42
CA PRO A 209 -7.45 -1.37 34.78
C PRO A 209 -8.40 -1.20 35.95
N ALA A 210 -9.30 -2.17 36.16
CA ALA A 210 -10.29 -2.12 37.22
C ALA A 210 -9.62 -2.13 38.59
N ASN A 211 -8.73 -3.10 38.84
CA ASN A 211 -8.07 -3.23 40.14
C ASN A 211 -6.61 -2.76 40.10
N GLU A 212 -6.17 -2.24 38.94
CA GLU A 212 -4.86 -1.61 38.80
C GLU A 212 -3.73 -2.59 39.13
N THR A 213 -3.98 -3.89 38.89
CA THR A 213 -3.09 -4.95 39.32
C THR A 213 -2.72 -5.80 38.11
N VAL A 214 -1.46 -6.27 38.08
CA VAL A 214 -1.00 -7.19 37.04
C VAL A 214 -1.82 -8.48 37.14
N VAL A 215 -1.84 -9.28 36.07
CA VAL A 215 -2.75 -10.41 35.99
C VAL A 215 -2.06 -11.74 36.32
N ILE A 216 -0.72 -11.78 36.36
CA ILE A 216 -0.02 -12.99 36.82
C ILE A 216 0.93 -12.62 37.95
N LYS A 217 1.20 -13.60 38.82
CA LYS A 217 1.92 -13.37 40.07
C LYS A 217 3.43 -13.31 39.86
N PRO A 218 4.07 -14.25 39.14
CA PRO A 218 5.53 -14.25 39.04
C PRO A 218 6.09 -13.02 38.35
N LYS A 219 7.33 -12.67 38.74
CA LYS A 219 8.14 -11.67 38.05
C LYS A 219 7.42 -10.33 37.90
N GLN A 220 6.68 -9.93 38.95
CA GLN A 220 6.03 -8.62 38.98
C GLN A 220 5.06 -8.48 37.80
N GLY A 221 4.53 -9.61 37.32
CA GLY A 221 3.53 -9.60 36.26
C GLY A 221 4.11 -9.85 34.86
N PHE A 222 5.43 -10.02 34.75
CA PHE A 222 6.07 -10.13 33.45
C PHE A 222 6.01 -11.58 32.96
N GLY A 223 5.54 -11.76 31.72
CA GLY A 223 5.25 -13.09 31.21
C GLY A 223 5.37 -13.17 29.69
N GLY A 224 5.54 -14.40 29.20
CA GLY A 224 5.63 -14.67 27.77
C GLY A 224 4.28 -14.53 27.08
N LEU A 225 4.29 -13.85 25.92
CA LEU A 225 3.09 -13.63 25.11
C LEU A 225 2.99 -14.68 24.02
N GLY A 226 1.77 -15.20 23.83
CA GLY A 226 1.43 -16.08 22.74
C GLY A 226 0.14 -15.64 22.06
N GLY A 227 -0.16 -16.26 20.91
CA GLY A 227 -1.44 -16.06 20.23
C GLY A 227 -1.36 -14.99 19.13
N LYS A 228 -2.42 -14.19 19.02
CA LYS A 228 -2.57 -13.25 17.92
C LYS A 228 -1.48 -12.19 17.96
N TYR A 229 -0.98 -11.89 19.16
CA TYR A 229 0.09 -10.91 19.31
C TYR A 229 1.31 -11.24 18.44
N VAL A 230 1.57 -12.53 18.19
CA VAL A 230 2.90 -12.94 17.78
C VAL A 230 2.97 -13.34 16.31
N LEU A 231 1.85 -13.37 15.59
CA LEU A 231 1.84 -13.97 14.26
C LEU A 231 2.85 -13.29 13.33
N PRO A 232 2.83 -11.94 13.15
CA PRO A 232 3.79 -11.30 12.24
C PRO A 232 5.25 -11.50 12.64
N THR A 233 5.53 -11.50 13.94
CA THR A 233 6.87 -11.81 14.44
C THR A 233 7.25 -13.24 14.03
N ALA A 234 6.32 -14.18 14.25
CA ALA A 234 6.59 -15.59 13.99
C ALA A 234 6.85 -15.82 12.49
N LEU A 235 6.01 -15.25 11.63
CA LEU A 235 6.19 -15.38 10.18
C LEU A 235 7.55 -14.82 9.75
N ALA A 236 7.93 -13.67 10.31
CA ALA A 236 9.18 -13.02 9.95
C ALA A 236 10.36 -13.92 10.30
N ASN A 237 10.33 -14.49 11.51
CA ASN A 237 11.42 -15.33 11.97
C ASN A 237 11.49 -16.59 11.11
N VAL A 238 10.35 -17.23 10.86
CA VAL A 238 10.30 -18.39 10.00
C VAL A 238 10.98 -18.10 8.67
N ASN A 239 10.56 -16.99 8.02
CA ASN A 239 11.03 -16.69 6.68
C ASN A 239 12.51 -16.30 6.71
N ALA A 240 12.93 -15.54 7.73
CA ALA A 240 14.31 -15.09 7.85
C ALA A 240 15.26 -16.28 7.95
N PHE A 241 14.91 -17.30 8.75
CA PHE A 241 15.76 -18.46 8.92
C PHE A 241 15.59 -19.44 7.76
N PHE A 242 14.40 -19.50 7.16
CA PHE A 242 14.19 -20.32 5.97
C PHE A 242 15.20 -19.93 4.90
N ARG A 243 15.39 -18.62 4.72
CA ARG A 243 16.31 -18.11 3.71
C ARG A 243 17.77 -18.22 4.16
N ARG A 244 18.07 -17.96 5.44
CA ARG A 244 19.46 -17.87 5.89
C ARG A 244 20.07 -19.23 6.19
N CYS A 245 19.22 -20.23 6.50
CA CYS A 245 19.68 -21.57 6.87
C CYS A 245 19.11 -22.58 5.88
N PRO A 246 19.52 -22.54 4.59
CA PRO A 246 18.94 -23.39 3.56
C PRO A 246 19.18 -24.88 3.75
N ASP A 247 20.20 -25.24 4.56
CA ASP A 247 20.52 -26.63 4.84
C ASP A 247 19.79 -27.13 6.09
N LYS A 248 18.79 -26.38 6.57
CA LYS A 248 18.02 -26.75 7.75
C LYS A 248 16.54 -26.61 7.43
N LEU A 249 15.71 -27.30 8.21
CA LEU A 249 14.27 -27.09 8.18
C LEU A 249 13.92 -25.96 9.14
N VAL A 250 12.76 -25.35 8.89
CA VAL A 250 12.17 -24.43 9.83
C VAL A 250 10.77 -24.94 10.20
N PHE A 251 10.47 -24.90 11.50
CA PHE A 251 9.14 -25.16 12.00
C PHE A 251 8.55 -23.83 12.44
N GLY A 252 7.28 -23.59 12.11
CA GLY A 252 6.61 -22.38 12.51
C GLY A 252 5.83 -22.58 13.81
N CYS A 253 5.93 -21.59 14.70
CA CYS A 253 5.17 -21.56 15.94
C CYS A 253 4.83 -20.11 16.24
N GLY A 254 3.53 -19.83 16.41
CA GLY A 254 3.11 -18.50 16.80
C GLY A 254 1.86 -18.06 16.05
N GLY A 255 0.78 -17.85 16.81
CA GLY A 255 -0.40 -17.14 16.32
C GLY A 255 -1.31 -18.00 15.44
N VAL A 256 -1.16 -19.33 15.47
CA VAL A 256 -1.99 -20.19 14.63
C VAL A 256 -3.31 -20.48 15.34
N TYR A 257 -4.41 -19.99 14.74
CA TYR A 257 -5.76 -20.26 15.23
C TYR A 257 -6.63 -20.94 14.18
N SER A 258 -6.15 -21.03 12.94
CA SER A 258 -6.97 -21.49 11.83
C SER A 258 -6.09 -21.99 10.69
N GLY A 259 -6.72 -22.58 9.68
CA GLY A 259 -6.02 -23.03 8.49
C GLY A 259 -5.29 -21.87 7.80
N GLU A 260 -5.87 -20.67 7.85
CA GLU A 260 -5.28 -19.51 7.21
C GLU A 260 -3.89 -19.22 7.77
N GLU A 261 -3.74 -19.21 9.10
CA GLU A 261 -2.45 -18.91 9.70
C GLU A 261 -1.46 -20.04 9.38
N ALA A 262 -1.94 -21.28 9.37
CA ALA A 262 -1.08 -22.41 9.05
C ALA A 262 -0.55 -22.28 7.62
N PHE A 263 -1.45 -21.87 6.72
CA PHE A 263 -1.12 -21.66 5.31
C PHE A 263 -0.01 -20.62 5.18
N LEU A 264 -0.11 -19.53 5.94
CA LEU A 264 0.88 -18.46 5.91
C LEU A 264 2.23 -18.94 6.44
N HIS A 265 2.23 -19.70 7.55
CA HIS A 265 3.47 -20.24 8.08
C HIS A 265 4.18 -21.09 7.03
N ILE A 266 3.41 -21.94 6.34
CA ILE A 266 3.97 -22.88 5.38
C ILE A 266 4.48 -22.13 4.16
N LEU A 267 3.73 -21.14 3.70
CA LEU A 267 4.12 -20.28 2.58
C LEU A 267 5.45 -19.59 2.90
N ALA A 268 5.63 -19.22 4.17
CA ALA A 268 6.82 -18.53 4.64
C ALA A 268 8.02 -19.49 4.78
N GLY A 269 7.76 -20.80 4.79
CA GLY A 269 8.82 -21.80 4.75
C GLY A 269 8.67 -22.93 5.78
N ALA A 270 7.60 -22.93 6.58
CA ALA A 270 7.45 -23.90 7.67
C ALA A 270 7.21 -25.30 7.14
N SER A 271 7.98 -26.27 7.67
CA SER A 271 7.76 -27.70 7.41
C SER A 271 6.65 -28.24 8.31
N MET A 272 6.76 -27.96 9.62
CA MET A 272 5.73 -28.30 10.59
C MET A 272 5.21 -27.00 11.20
N VAL A 273 4.00 -27.05 11.73
CA VAL A 273 3.31 -25.92 12.31
C VAL A 273 2.87 -26.30 13.72
N GLN A 274 3.37 -25.57 14.71
CA GLN A 274 3.06 -25.83 16.11
C GLN A 274 1.97 -24.87 16.58
N VAL A 275 1.13 -25.37 17.48
CA VAL A 275 -0.05 -24.67 17.96
C VAL A 275 -0.02 -24.65 19.49
N GLY A 276 0.02 -23.45 20.05
CA GLY A 276 0.14 -23.26 21.49
C GLY A 276 -1.15 -22.70 22.09
N THR A 277 -1.26 -21.37 22.11
CA THR A 277 -2.36 -20.71 22.78
C THR A 277 -3.71 -21.25 22.30
N ALA A 278 -3.90 -21.40 20.98
CA ALA A 278 -5.20 -21.78 20.46
C ALA A 278 -5.56 -23.20 20.93
N LEU A 279 -4.53 -24.05 21.05
CA LEU A 279 -4.71 -25.41 21.52
C LEU A 279 -5.08 -25.39 23.01
N HIS A 280 -4.46 -24.47 23.75
CA HIS A 280 -4.78 -24.31 25.16
C HIS A 280 -6.25 -23.92 25.32
N ASP A 281 -6.74 -23.07 24.41
CA ASP A 281 -8.09 -22.55 24.42
C ASP A 281 -9.11 -23.63 24.06
N GLU A 282 -8.84 -24.41 23.00
CA GLU A 282 -9.85 -25.19 22.31
C GLU A 282 -9.74 -26.69 22.61
N GLY A 283 -8.57 -27.14 23.09
CA GLY A 283 -8.33 -28.56 23.29
C GLY A 283 -7.96 -29.27 21.98
N PRO A 284 -7.62 -30.57 22.05
CA PRO A 284 -7.03 -31.30 20.93
C PRO A 284 -7.93 -31.49 19.70
N ILE A 285 -9.23 -31.21 19.83
CA ILE A 285 -10.15 -31.23 18.70
C ILE A 285 -9.68 -30.21 17.63
N ILE A 286 -8.88 -29.22 18.05
CA ILE A 286 -8.45 -28.18 17.12
C ILE A 286 -7.72 -28.79 15.92
N PHE A 287 -7.00 -29.91 16.13
CA PHE A 287 -6.18 -30.46 15.05
C PHE A 287 -7.06 -30.98 13.93
N ALA A 288 -8.22 -31.54 14.27
CA ALA A 288 -9.19 -31.97 13.27
C ALA A 288 -9.69 -30.77 12.48
N ARG A 289 -9.96 -29.66 13.18
CA ARG A 289 -10.44 -28.44 12.55
C ARG A 289 -9.38 -27.85 11.64
N LEU A 290 -8.12 -27.85 12.09
CA LEU A 290 -7.01 -27.25 11.32
C LEU A 290 -6.77 -28.04 10.03
N ASN A 291 -6.81 -29.38 10.10
CA ASN A 291 -6.63 -30.22 8.94
C ASN A 291 -7.69 -29.88 7.88
N LYS A 292 -8.94 -29.71 8.34
CA LYS A 292 -10.06 -29.44 7.46
C LYS A 292 -9.92 -28.05 6.83
N GLU A 293 -9.56 -27.05 7.64
CA GLU A 293 -9.46 -25.68 7.18
C GLU A 293 -8.31 -25.53 6.19
N LEU A 294 -7.18 -26.21 6.44
CA LEU A 294 -6.04 -26.11 5.55
C LEU A 294 -6.38 -26.74 4.21
N GLN A 295 -7.05 -27.90 4.25
CA GLN A 295 -7.48 -28.59 3.03
C GLN A 295 -8.44 -27.71 2.22
N GLU A 296 -9.32 -26.97 2.90
CA GLU A 296 -10.27 -26.09 2.24
C GLU A 296 -9.54 -25.01 1.44
N ILE A 297 -8.53 -24.38 2.05
CA ILE A 297 -7.74 -23.36 1.38
C ILE A 297 -7.02 -23.97 0.17
N MET A 298 -6.44 -25.16 0.35
CA MET A 298 -5.73 -25.83 -0.72
C MET A 298 -6.70 -26.14 -1.87
N THR A 299 -7.89 -26.63 -1.53
CA THR A 299 -8.92 -26.94 -2.52
C THR A 299 -9.22 -25.68 -3.34
N ASN A 300 -9.43 -24.56 -2.64
CA ASN A 300 -9.83 -23.31 -3.26
C ASN A 300 -8.73 -22.78 -4.18
N LYS A 301 -7.47 -23.09 -3.87
CA LYS A 301 -6.33 -22.60 -4.64
C LYS A 301 -5.88 -23.63 -5.67
N GLY A 302 -6.43 -24.84 -5.61
CA GLY A 302 -6.10 -25.88 -6.57
C GLY A 302 -4.79 -26.59 -6.24
N TYR A 303 -4.40 -26.58 -4.95
CA TYR A 303 -3.20 -27.26 -4.49
C TYR A 303 -3.54 -28.66 -4.03
N LYS A 304 -2.68 -29.64 -4.34
CA LYS A 304 -2.89 -31.03 -3.97
C LYS A 304 -1.94 -31.47 -2.85
N THR A 305 -0.79 -30.82 -2.71
CA THR A 305 0.17 -31.11 -1.65
C THR A 305 0.68 -29.80 -1.05
N LEU A 306 1.30 -29.88 0.13
CA LEU A 306 1.91 -28.74 0.78
C LEU A 306 3.11 -28.26 -0.04
N ASP A 307 3.74 -29.19 -0.76
CA ASP A 307 4.97 -28.90 -1.50
C ASP A 307 4.71 -27.90 -2.62
N GLU A 308 3.44 -27.75 -3.03
CA GLU A 308 3.10 -26.83 -4.09
C GLU A 308 3.27 -25.37 -3.66
N PHE A 309 3.32 -25.09 -2.35
CA PHE A 309 3.41 -23.71 -1.91
C PHE A 309 4.35 -23.49 -0.71
N ARG A 310 4.90 -24.55 -0.09
CA ARG A 310 5.81 -24.35 1.03
C ARG A 310 6.98 -23.47 0.59
N GLY A 311 7.20 -22.36 1.30
CA GLY A 311 8.34 -21.49 1.07
C GLY A 311 8.23 -20.67 -0.22
N ARG A 312 7.01 -20.53 -0.77
CA ARG A 312 6.83 -19.85 -2.04
C ARG A 312 6.17 -18.48 -1.86
N VAL A 313 6.20 -17.94 -0.63
CA VAL A 313 5.79 -16.56 -0.40
C VAL A 313 6.47 -15.66 -1.42
N LYS A 314 5.70 -14.72 -1.98
CA LYS A 314 6.21 -13.81 -2.98
C LYS A 314 6.53 -12.46 -2.36
N THR A 315 7.60 -11.81 -2.84
CA THR A 315 7.95 -10.46 -2.48
C THR A 315 7.73 -9.53 -3.66
N MET A 316 7.86 -8.22 -3.42
CA MET A 316 7.68 -7.21 -4.47
C MET A 316 9.04 -6.59 -4.86
N MET B 5 21.80 -7.27 -36.53
CA MET B 5 20.64 -6.55 -35.92
C MET B 5 21.11 -5.52 -34.90
N SER B 6 20.31 -4.45 -34.75
CA SER B 6 20.65 -3.33 -33.89
C SER B 6 19.39 -2.69 -33.30
N LEU B 7 19.40 -2.46 -31.98
CA LEU B 7 18.35 -1.70 -31.31
C LEU B 7 18.79 -0.26 -31.11
N LYS B 8 19.91 0.16 -31.71
CA LYS B 8 20.48 1.46 -31.42
C LYS B 8 19.55 2.57 -31.89
N VAL B 9 19.56 3.67 -31.12
CA VAL B 9 18.85 4.89 -31.46
C VAL B 9 19.89 6.00 -31.44
N ASN B 10 19.96 6.78 -32.53
CA ASN B 10 20.96 7.82 -32.69
C ASN B 10 20.24 9.16 -32.83
N ILE B 11 20.01 9.82 -31.68
CA ILE B 11 19.26 11.07 -31.59
C ILE B 11 19.95 11.99 -30.59
N LEU B 12 19.68 13.30 -30.70
CA LEU B 12 20.06 14.29 -29.71
C LEU B 12 21.57 14.30 -29.48
N GLY B 13 22.35 13.77 -30.43
CA GLY B 13 23.81 13.78 -30.35
C GLY B 13 24.38 12.65 -29.50
N HIS B 14 23.59 11.58 -29.30
CA HIS B 14 24.03 10.42 -28.53
C HIS B 14 23.70 9.13 -29.29
N GLU B 15 24.44 8.07 -28.96
CA GLU B 15 24.15 6.74 -29.46
C GLU B 15 23.62 5.90 -28.30
N PHE B 16 22.29 5.68 -28.30
CA PHE B 16 21.64 4.85 -27.30
C PHE B 16 21.73 3.39 -27.73
N SER B 17 22.11 2.51 -26.81
CA SER B 17 22.30 1.10 -27.11
C SER B 17 20.97 0.45 -27.51
N ASN B 18 19.88 0.96 -26.94
CA ASN B 18 18.54 0.47 -27.20
C ASN B 18 17.57 1.58 -26.83
N PRO B 19 16.28 1.51 -27.21
CA PRO B 19 15.37 2.62 -26.98
C PRO B 19 14.77 2.72 -25.58
N PHE B 20 15.13 1.81 -24.67
CA PHE B 20 14.43 1.68 -23.40
C PHE B 20 15.04 2.56 -22.32
N MET B 21 14.17 3.09 -21.45
CA MET B 21 14.57 3.79 -20.24
C MET B 21 13.42 3.69 -19.23
N ASN B 22 13.67 4.06 -17.98
CA ASN B 22 12.61 4.17 -17.00
C ASN B 22 11.73 5.38 -17.35
N ALA B 23 10.46 5.32 -16.92
CA ALA B 23 9.63 6.50 -16.88
C ALA B 23 9.98 7.34 -15.65
N ALA B 24 9.93 8.67 -15.78
CA ALA B 24 10.21 9.53 -14.65
C ALA B 24 9.32 9.13 -13.48
N GLY B 25 9.92 9.07 -12.28
CA GLY B 25 9.19 8.68 -11.08
C GLY B 25 9.48 7.25 -10.63
N VAL B 26 9.90 6.36 -11.55
CA VAL B 26 10.08 4.95 -11.22
C VAL B 26 11.58 4.62 -11.23
N LEU B 27 12.04 4.06 -10.10
CA LEU B 27 13.42 3.66 -9.87
C LEU B 27 14.38 4.79 -10.24
N CYS B 28 14.16 5.98 -9.68
CA CYS B 28 15.01 7.12 -10.03
C CYS B 28 15.00 8.26 -9.02
N THR B 29 14.60 8.02 -7.76
CA THR B 29 14.51 9.08 -6.76
C THR B 29 15.81 9.22 -5.99
N THR B 30 16.42 8.09 -5.59
CA THR B 30 17.63 8.08 -4.76
C THR B 30 18.86 7.78 -5.62
N GLU B 31 20.04 8.00 -5.04
CA GLU B 31 21.31 7.65 -5.67
C GLU B 31 21.34 6.16 -5.99
N GLU B 32 20.84 5.33 -5.06
CA GLU B 32 20.81 3.89 -5.23
C GLU B 32 19.92 3.52 -6.42
N ASP B 33 18.72 4.12 -6.50
CA ASP B 33 17.82 3.88 -7.62
C ASP B 33 18.53 4.13 -8.94
N LEU B 34 19.24 5.27 -9.01
CA LEU B 34 19.87 5.74 -10.23
C LEU B 34 21.04 4.82 -10.59
N ARG B 35 21.77 4.32 -9.58
CA ARG B 35 22.82 3.34 -9.82
C ARG B 35 22.24 2.08 -10.45
N ARG B 36 21.09 1.62 -9.92
CA ARG B 36 20.48 0.38 -10.40
C ARG B 36 20.01 0.54 -11.85
N MET B 37 19.46 1.70 -12.19
CA MET B 37 19.08 1.98 -13.58
C MET B 37 20.31 2.00 -14.48
N THR B 38 21.41 2.61 -14.00
CA THR B 38 22.63 2.73 -14.79
C THR B 38 23.22 1.34 -15.03
N GLU B 39 23.17 0.46 -14.02
CA GLU B 39 23.71 -0.88 -14.13
C GLU B 39 22.81 -1.77 -14.98
N SER B 40 21.54 -1.39 -15.16
CA SER B 40 20.61 -2.17 -15.96
C SER B 40 21.03 -2.15 -17.43
N GLU B 41 20.32 -2.93 -18.25
CA GLU B 41 20.55 -3.01 -19.69
C GLU B 41 19.84 -1.88 -20.43
N SER B 42 19.15 -0.98 -19.71
CA SER B 42 18.40 0.10 -20.36
C SER B 42 19.34 0.97 -21.20
N GLY B 43 18.80 1.48 -22.30
CA GLY B 43 19.52 2.40 -23.17
C GLY B 43 19.75 3.76 -22.51
N SER B 44 18.86 4.17 -21.60
CA SER B 44 19.03 5.42 -20.87
C SER B 44 18.26 5.36 -19.54
N LEU B 45 18.26 6.49 -18.82
CA LEU B 45 17.51 6.64 -17.59
C LEU B 45 17.16 8.11 -17.40
N ILE B 46 16.17 8.37 -16.55
CA ILE B 46 15.75 9.72 -16.24
C ILE B 46 15.54 9.85 -14.73
N GLY B 47 16.02 10.97 -14.17
CA GLY B 47 15.85 11.27 -12.76
C GLY B 47 14.39 11.57 -12.42
N LYS B 48 14.03 11.33 -11.16
CA LYS B 48 12.73 11.68 -10.60
C LYS B 48 12.44 13.15 -10.87
N SER B 49 11.19 13.47 -11.24
CA SER B 49 10.77 14.85 -11.35
C SER B 49 11.08 15.59 -10.06
N CYS B 50 11.88 16.65 -10.16
CA CYS B 50 12.35 17.35 -8.97
C CYS B 50 11.76 18.75 -8.88
N THR B 51 11.88 19.30 -7.66
CA THR B 51 11.50 20.66 -7.33
C THR B 51 12.72 21.37 -6.77
N LEU B 52 12.62 22.69 -6.58
CA LEU B 52 13.75 23.49 -6.15
C LEU B 52 14.21 23.00 -4.78
N ALA B 53 13.23 22.81 -3.88
CA ALA B 53 13.49 22.31 -2.54
C ALA B 53 13.08 20.84 -2.46
N PRO B 54 13.68 20.05 -1.53
CA PRO B 54 13.25 18.69 -1.28
C PRO B 54 11.79 18.59 -0.87
N ARG B 55 11.17 17.46 -1.22
CA ARG B 55 9.82 17.12 -0.80
C ARG B 55 9.79 15.68 -0.30
N THR B 56 8.97 15.43 0.73
CA THR B 56 8.72 14.08 1.22
C THR B 56 7.47 13.48 0.56
N GLY B 57 6.65 14.32 -0.09
CA GLY B 57 5.48 13.84 -0.83
C GLY B 57 4.27 13.63 0.07
N ASN B 58 3.28 12.90 -0.47
CA ASN B 58 1.97 12.72 0.15
C ASN B 58 2.04 11.65 1.23
N PRO B 59 1.08 11.67 2.19
CA PRO B 59 0.96 10.63 3.21
C PRO B 59 0.52 9.28 2.68
N GLU B 60 0.68 8.23 3.49
CA GLU B 60 0.44 6.86 3.07
C GLU B 60 -0.95 6.34 3.39
N PRO B 61 -1.47 5.32 2.66
CA PRO B 61 -0.85 4.79 1.44
C PRO B 61 -1.03 5.69 0.22
N ARG B 62 -0.03 5.75 -0.65
CA ARG B 62 -0.07 6.64 -1.81
C ARG B 62 0.25 5.91 -3.12
N TYR B 63 0.42 4.58 -3.04
CA TYR B 63 0.68 3.77 -4.22
C TYR B 63 -0.09 2.47 -4.05
N PHE B 64 -0.73 1.99 -5.12
CA PHE B 64 -1.41 0.71 -5.08
C PHE B 64 -1.26 0.02 -6.43
N GLY B 65 -0.61 -1.14 -6.42
CA GLY B 65 -0.49 -1.99 -7.60
C GLY B 65 -1.80 -2.70 -7.88
N LEU B 66 -2.13 -2.81 -9.18
CA LEU B 66 -3.41 -3.30 -9.64
C LEU B 66 -3.18 -4.45 -10.61
N PRO B 67 -4.17 -5.34 -10.79
CA PRO B 67 -4.12 -6.35 -11.85
C PRO B 67 -3.78 -5.75 -13.22
N LEU B 68 -4.33 -4.56 -13.51
CA LEU B 68 -4.17 -3.96 -14.83
C LEU B 68 -3.19 -2.79 -14.81
N GLY B 69 -2.51 -2.53 -13.69
CA GLY B 69 -1.48 -1.50 -13.69
C GLY B 69 -1.23 -0.93 -12.29
N SER B 70 -1.39 0.40 -12.16
CA SER B 70 -1.12 1.07 -10.90
C SER B 70 -1.94 2.35 -10.77
N ILE B 71 -2.16 2.76 -9.51
CA ILE B 71 -2.67 4.07 -9.16
C ILE B 71 -1.73 4.67 -8.12
N ASN B 72 -1.40 5.95 -8.27
CA ASN B 72 -0.50 6.60 -7.34
C ASN B 72 -0.88 8.05 -7.16
N SER B 73 -0.59 8.56 -5.95
CA SER B 73 -0.55 9.98 -5.67
C SER B 73 0.69 10.25 -4.80
N MET B 74 1.88 10.07 -5.40
CA MET B 74 3.12 10.11 -4.64
C MET B 74 3.34 11.52 -4.05
N GLY B 75 3.08 12.55 -4.87
CA GLY B 75 3.17 13.93 -4.41
C GLY B 75 4.57 14.53 -4.63
N LEU B 76 5.25 14.08 -5.68
CA LEU B 76 6.57 14.58 -6.07
C LEU B 76 7.56 14.49 -4.92
N PRO B 77 7.70 13.32 -4.25
CA PRO B 77 8.82 13.12 -3.34
C PRO B 77 10.13 13.15 -4.10
N ASN B 78 11.07 14.02 -3.68
CA ASN B 78 12.32 14.16 -4.40
C ASN B 78 13.33 14.86 -3.49
N LEU B 79 14.62 14.65 -3.79
CA LEU B 79 15.71 15.12 -2.94
C LEU B 79 16.13 16.55 -3.28
N GLY B 80 15.37 17.21 -4.16
CA GLY B 80 15.65 18.60 -4.54
C GLY B 80 16.58 18.67 -5.75
N VAL B 81 16.49 19.77 -6.51
CA VAL B 81 17.17 19.89 -7.78
C VAL B 81 18.69 19.74 -7.60
N ASP B 82 19.25 20.29 -6.52
CA ASP B 82 20.68 20.25 -6.30
C ASP B 82 21.18 18.81 -6.24
N PHE B 83 20.38 17.91 -5.66
CA PHE B 83 20.76 16.51 -5.58
C PHE B 83 20.91 15.92 -6.98
N TYR B 84 19.93 16.15 -7.86
CA TYR B 84 19.88 15.55 -9.18
C TYR B 84 20.97 16.17 -10.06
N LEU B 85 21.22 17.47 -9.90
CA LEU B 85 22.27 18.16 -10.65
C LEU B 85 23.64 17.62 -10.24
N SER B 86 23.82 17.39 -8.94
CA SER B 86 25.06 16.85 -8.41
C SER B 86 25.29 15.44 -8.95
N TYR B 87 24.22 14.65 -9.01
CA TYR B 87 24.29 13.31 -9.57
C TYR B 87 24.74 13.38 -11.03
N ALA B 88 24.14 14.31 -11.79
CA ALA B 88 24.45 14.48 -13.20
C ALA B 88 25.87 14.96 -13.41
N ALA B 89 26.36 15.85 -12.53
CA ALA B 89 27.65 16.50 -12.71
C ALA B 89 28.80 15.61 -12.23
N GLN B 90 28.58 14.79 -11.20
CA GLN B 90 29.68 14.10 -10.54
C GLN B 90 29.52 12.58 -10.53
N THR B 91 28.30 12.06 -10.32
CA THR B 91 28.13 10.64 -10.00
C THR B 91 27.95 9.81 -11.26
N HIS B 92 27.05 10.25 -12.16
CA HIS B 92 26.60 9.40 -13.24
C HIS B 92 27.76 9.00 -14.15
N ASP B 93 27.74 7.73 -14.58
CA ASP B 93 28.70 7.19 -15.53
C ASP B 93 28.15 7.34 -16.94
N TYR B 94 28.56 8.41 -17.64
CA TYR B 94 28.08 8.67 -18.99
C TYR B 94 28.64 7.66 -19.98
N SER B 95 29.70 6.93 -19.62
CA SER B 95 30.25 5.90 -20.48
C SER B 95 29.28 4.73 -20.60
N ARG B 96 28.40 4.55 -19.60
CA ARG B 96 27.38 3.51 -19.64
C ARG B 96 26.21 3.94 -20.54
N LYS B 97 25.64 5.11 -20.25
CA LYS B 97 24.48 5.57 -21.01
C LYS B 97 24.25 7.06 -20.75
N PRO B 98 23.55 7.78 -21.66
CA PRO B 98 23.18 9.17 -21.40
C PRO B 98 22.16 9.30 -20.28
N LEU B 99 22.10 10.48 -19.67
CA LEU B 99 21.21 10.76 -18.56
C LEU B 99 20.23 11.88 -18.92
N PHE B 100 18.96 11.65 -18.61
CA PHE B 100 17.93 12.69 -18.61
C PHE B 100 17.63 13.07 -17.16
N LEU B 101 17.26 14.33 -16.93
CA LEU B 101 16.66 14.76 -15.66
C LEU B 101 15.27 15.30 -15.96
N SER B 102 14.29 14.90 -15.14
CA SER B 102 12.95 15.48 -15.19
C SER B 102 12.88 16.64 -14.20
N MET B 103 12.34 17.77 -14.65
CA MET B 103 12.21 18.94 -13.79
C MET B 103 10.75 19.38 -13.76
N SER B 104 10.23 19.49 -12.54
CA SER B 104 8.80 19.70 -12.31
C SER B 104 8.61 20.82 -11.29
N GLY B 105 9.17 22.00 -11.59
CA GLY B 105 8.83 23.18 -10.82
C GLY B 105 7.31 23.35 -10.73
N LEU B 106 6.81 23.89 -9.62
CA LEU B 106 5.39 24.05 -9.43
C LEU B 106 4.93 25.46 -9.83
N SER B 107 5.85 26.24 -10.40
CA SER B 107 5.56 27.52 -11.02
C SER B 107 6.56 27.76 -12.14
N VAL B 108 6.24 28.69 -13.06
CA VAL B 108 7.16 28.95 -14.16
C VAL B 108 8.48 29.49 -13.58
N GLU B 109 8.41 30.30 -12.52
CA GLU B 109 9.58 30.92 -11.91
C GLU B 109 10.51 29.84 -11.33
N GLU B 110 9.90 28.83 -10.68
CA GLU B 110 10.66 27.72 -10.10
C GLU B 110 11.34 26.91 -11.21
N SER B 111 10.61 26.63 -12.29
CA SER B 111 11.17 25.87 -13.40
C SER B 111 12.33 26.63 -14.04
N VAL B 112 12.18 27.95 -14.17
CA VAL B 112 13.22 28.79 -14.77
C VAL B 112 14.48 28.75 -13.91
N GLU B 113 14.35 28.90 -12.59
CA GLU B 113 15.50 28.87 -11.70
C GLU B 113 16.23 27.54 -11.83
N MET B 114 15.47 26.44 -11.98
CA MET B 114 16.03 25.10 -12.03
C MET B 114 16.80 24.86 -13.34
N VAL B 115 16.21 25.25 -14.48
CA VAL B 115 16.82 24.94 -15.77
C VAL B 115 18.09 25.78 -15.97
N LYS B 116 18.14 26.97 -15.37
CA LYS B 116 19.34 27.80 -15.43
C LYS B 116 20.53 27.08 -14.79
N LYS B 117 20.27 26.36 -13.68
CA LYS B 117 21.31 25.63 -13.00
C LYS B 117 21.81 24.46 -13.85
N LEU B 118 20.95 23.94 -14.73
CA LEU B 118 21.29 22.76 -15.51
C LEU B 118 22.22 23.11 -16.67
N VAL B 119 22.09 24.34 -17.22
CA VAL B 119 22.76 24.73 -18.44
C VAL B 119 24.23 24.29 -18.43
N PRO B 120 25.07 24.72 -17.46
CA PRO B 120 26.48 24.35 -17.47
C PRO B 120 26.75 22.84 -17.45
N ILE B 121 25.86 22.07 -16.80
CA ILE B 121 26.04 20.63 -16.69
C ILE B 121 25.65 19.97 -18.01
N THR B 122 24.59 20.45 -18.67
CA THR B 122 24.29 19.99 -20.02
C THR B 122 25.50 20.24 -20.90
N LYS B 123 26.09 21.44 -20.80
CA LYS B 123 27.17 21.83 -21.68
C LYS B 123 28.38 20.93 -21.45
N GLU B 124 28.67 20.61 -20.19
CA GLU B 124 29.85 19.82 -19.85
C GLU B 124 29.61 18.33 -20.10
N LYS B 125 28.45 17.81 -19.66
CA LYS B 125 28.24 16.37 -19.56
C LYS B 125 27.24 15.82 -20.58
N GLY B 126 26.43 16.69 -21.19
CA GLY B 126 25.42 16.26 -22.15
C GLY B 126 24.11 15.83 -21.51
N THR B 127 23.90 16.17 -20.22
CA THR B 127 22.66 15.86 -19.51
C THR B 127 21.48 16.45 -20.27
N ILE B 128 20.39 15.67 -20.38
CA ILE B 128 19.23 16.05 -21.19
C ILE B 128 18.06 16.42 -20.27
N LEU B 129 17.34 17.49 -20.64
CA LEU B 129 16.22 17.99 -19.87
C LEU B 129 14.89 17.47 -20.41
N GLU B 130 14.07 16.90 -19.50
CA GLU B 130 12.66 16.64 -19.73
C GLU B 130 11.86 17.53 -18.77
N LEU B 131 11.21 18.57 -19.31
CA LEU B 131 10.44 19.49 -18.52
C LEU B 131 9.05 18.90 -18.30
N ASN B 132 8.65 18.70 -17.03
CA ASN B 132 7.40 18.03 -16.73
C ASN B 132 6.26 19.04 -16.74
N LEU B 133 5.30 18.86 -17.66
CA LEU B 133 4.15 19.73 -17.73
C LEU B 133 2.86 18.95 -17.45
N SER B 134 2.91 17.91 -16.60
CA SER B 134 1.76 17.01 -16.52
C SER B 134 1.53 16.34 -15.16
N CYS B 135 2.24 16.70 -14.09
CA CYS B 135 2.05 15.96 -12.84
C CYS B 135 0.64 16.18 -12.29
N PRO B 136 -0.19 15.10 -12.16
CA PRO B 136 -1.56 15.22 -11.71
C PRO B 136 -1.83 14.97 -10.21
N ASN B 137 -0.77 14.88 -9.39
CA ASN B 137 -0.90 14.38 -8.03
C ASN B 137 -0.44 15.38 -6.96
N VAL B 138 -0.24 16.64 -7.33
CA VAL B 138 0.13 17.68 -6.38
C VAL B 138 -1.14 18.47 -6.04
N PRO B 139 -1.69 18.34 -4.82
CA PRO B 139 -2.90 19.06 -4.45
C PRO B 139 -2.86 20.55 -4.80
N GLY B 140 -3.83 20.98 -5.64
CA GLY B 140 -4.05 22.38 -5.96
C GLY B 140 -3.21 22.89 -7.14
N LYS B 141 -2.57 21.97 -7.87
CA LYS B 141 -1.75 22.32 -9.04
C LYS B 141 -2.23 21.54 -10.26
N PRO B 142 -3.12 22.12 -11.11
CA PRO B 142 -3.59 21.42 -12.30
C PRO B 142 -2.45 21.14 -13.29
N GLN B 143 -2.70 20.20 -14.22
CA GLN B 143 -1.70 19.82 -15.19
C GLN B 143 -1.51 20.95 -16.19
N VAL B 144 -0.28 21.46 -16.29
CA VAL B 144 0.03 22.62 -17.12
C VAL B 144 -0.38 22.35 -18.57
N GLY B 145 -0.09 21.13 -19.07
CA GLY B 145 -0.37 20.76 -20.45
C GLY B 145 -1.85 20.86 -20.83
N TYR B 146 -2.75 21.00 -19.85
CA TYR B 146 -4.17 21.13 -20.17
C TYR B 146 -4.57 22.61 -20.27
N ASP B 147 -3.62 23.52 -20.03
CA ASP B 147 -3.86 24.95 -20.24
C ASP B 147 -2.83 25.46 -21.24
N PHE B 148 -3.27 25.73 -22.48
CA PHE B 148 -2.33 25.96 -23.58
C PHE B 148 -1.67 27.32 -23.43
N ASP B 149 -2.34 28.28 -22.76
CA ASP B 149 -1.75 29.58 -22.49
C ASP B 149 -0.61 29.42 -21.49
N THR B 150 -0.85 28.66 -20.41
CA THR B 150 0.15 28.43 -19.39
C THR B 150 1.30 27.61 -19.99
N THR B 151 0.99 26.61 -20.82
CA THR B 151 2.00 25.81 -21.48
C THR B 151 2.91 26.72 -22.31
N ARG B 152 2.31 27.64 -23.07
CA ARG B 152 3.05 28.58 -23.90
C ARG B 152 4.04 29.38 -23.04
N THR B 153 3.59 29.88 -21.89
CA THR B 153 4.43 30.67 -21.01
C THR B 153 5.61 29.84 -20.51
N TYR B 154 5.36 28.58 -20.10
CA TYR B 154 6.43 27.71 -19.65
C TYR B 154 7.48 27.53 -20.76
N LEU B 155 7.02 27.24 -21.98
CA LEU B 155 7.92 26.90 -23.07
C LEU B 155 8.73 28.14 -23.47
N GLN B 156 8.10 29.32 -23.46
CA GLN B 156 8.80 30.55 -23.79
C GLN B 156 9.91 30.81 -22.78
N LYS B 157 9.57 30.78 -21.49
CA LYS B 157 10.50 31.16 -20.43
C LYS B 157 11.61 30.12 -20.28
N VAL B 158 11.30 28.84 -20.47
CA VAL B 158 12.32 27.80 -20.36
C VAL B 158 13.20 27.84 -21.61
N SER B 159 12.62 28.07 -22.80
CA SER B 159 13.40 28.24 -24.02
C SER B 159 14.43 29.37 -23.85
N GLU B 160 13.99 30.50 -23.29
CA GLU B 160 14.86 31.66 -23.07
C GLU B 160 15.98 31.31 -22.09
N ALA B 161 15.62 30.68 -20.97
CA ALA B 161 16.54 30.51 -19.86
C ALA B 161 17.53 29.38 -20.12
N TYR B 162 17.10 28.33 -20.82
CA TYR B 162 17.90 27.14 -21.01
C TYR B 162 18.70 27.24 -22.31
N GLY B 163 18.00 27.61 -23.41
CA GLY B 163 18.66 27.99 -24.66
C GLY B 163 19.22 26.81 -25.46
N LEU B 164 18.93 25.57 -25.03
CA LEU B 164 19.45 24.37 -25.66
C LEU B 164 18.29 23.42 -25.96
N PRO B 165 18.43 22.46 -26.90
CA PRO B 165 17.39 21.46 -27.13
C PRO B 165 16.94 20.79 -25.84
N PHE B 166 15.63 20.67 -25.63
CA PHE B 166 15.09 19.99 -24.47
C PHE B 166 13.79 19.30 -24.87
N GLY B 167 13.21 18.55 -23.92
CA GLY B 167 11.96 17.85 -24.17
C GLY B 167 10.91 18.17 -23.11
N VAL B 168 9.70 17.67 -23.34
CA VAL B 168 8.55 17.94 -22.49
C VAL B 168 7.80 16.65 -22.24
N LYS B 169 7.42 16.42 -20.98
CA LYS B 169 6.54 15.34 -20.58
C LYS B 169 5.10 15.88 -20.59
N MET B 170 4.26 15.34 -21.48
CA MET B 170 2.94 15.90 -21.70
C MET B 170 1.87 15.01 -21.05
N PRO B 171 0.74 15.59 -20.62
CA PRO B 171 -0.38 14.78 -20.18
C PRO B 171 -1.03 14.13 -21.40
N PRO B 172 -1.79 13.03 -21.22
CA PRO B 172 -2.53 12.47 -22.34
C PRO B 172 -3.69 13.37 -22.79
N TYR B 173 -3.86 13.49 -24.10
CA TYR B 173 -5.02 14.18 -24.66
C TYR B 173 -5.97 13.14 -25.23
N PHE B 174 -7.25 13.52 -25.34
CA PHE B 174 -8.33 12.60 -25.64
C PHE B 174 -9.27 13.19 -26.71
N ASP B 175 -8.84 14.28 -27.34
CA ASP B 175 -9.69 15.01 -28.28
C ASP B 175 -8.81 15.51 -29.42
N ILE B 176 -9.28 15.34 -30.67
CA ILE B 176 -8.48 15.71 -31.83
C ILE B 176 -8.14 17.20 -31.80
N ALA B 177 -9.08 18.06 -31.36
CA ALA B 177 -8.84 19.49 -31.32
C ALA B 177 -7.73 19.82 -30.32
N HIS B 178 -7.60 19.02 -29.25
CA HIS B 178 -6.54 19.22 -28.27
C HIS B 178 -5.18 18.80 -28.83
N PHE B 179 -5.15 17.73 -29.64
CA PHE B 179 -3.92 17.37 -30.33
C PHE B 179 -3.46 18.55 -31.17
N ASP B 180 -4.41 19.14 -31.90
CA ASP B 180 -4.14 20.28 -32.78
C ASP B 180 -3.62 21.46 -31.97
N MET B 181 -4.29 21.80 -30.86
CA MET B 181 -3.96 22.97 -30.07
C MET B 181 -2.59 22.78 -29.42
N ALA B 182 -2.35 21.59 -28.87
CA ALA B 182 -1.09 21.27 -28.23
C ALA B 182 0.05 21.38 -29.23
N ALA B 183 -0.15 20.81 -30.43
CA ALA B 183 0.85 20.83 -31.49
C ALA B 183 1.16 22.25 -31.93
N ALA B 184 0.12 23.10 -32.05
CA ALA B 184 0.30 24.48 -32.45
C ALA B 184 1.21 25.20 -31.47
N VAL B 185 1.04 24.95 -30.15
CA VAL B 185 1.89 25.57 -29.14
C VAL B 185 3.29 25.00 -29.25
N LEU B 186 3.39 23.67 -29.27
CA LEU B 186 4.68 22.98 -29.26
C LEU B 186 5.53 23.41 -30.45
N ASN B 187 4.90 23.52 -31.63
CA ASN B 187 5.63 23.81 -32.86
C ASN B 187 6.13 25.25 -32.89
N ASP B 188 5.70 26.09 -31.96
CA ASP B 188 6.18 27.47 -31.88
C ASP B 188 7.51 27.55 -31.13
N PHE B 189 8.00 26.43 -30.59
CA PHE B 189 9.22 26.41 -29.79
C PHE B 189 10.20 25.39 -30.38
N PRO B 190 11.08 25.81 -31.32
CA PRO B 190 12.01 24.90 -31.98
C PRO B 190 12.98 24.18 -31.04
N LEU B 191 13.24 24.74 -29.85
CA LEU B 191 14.16 24.10 -28.90
C LEU B 191 13.50 22.91 -28.23
N VAL B 192 12.17 22.80 -28.29
CA VAL B 192 11.51 21.58 -27.83
C VAL B 192 11.76 20.51 -28.88
N LYS B 193 12.69 19.60 -28.60
CA LYS B 193 13.18 18.67 -29.60
C LYS B 193 12.57 17.28 -29.41
N PHE B 194 11.99 17.02 -28.23
CA PHE B 194 11.23 15.79 -28.07
C PHE B 194 10.01 16.02 -27.18
N ILE B 195 9.02 15.16 -27.41
CA ILE B 195 7.78 15.12 -26.65
C ILE B 195 7.65 13.71 -26.07
N THR B 196 7.47 13.61 -24.75
CA THR B 196 7.17 12.32 -24.14
C THR B 196 5.66 12.19 -23.92
N CYS B 197 5.06 11.25 -24.65
CA CYS B 197 3.65 10.91 -24.59
C CYS B 197 3.53 9.49 -24.04
N VAL B 198 2.95 9.26 -22.85
CA VAL B 198 2.20 10.23 -22.06
C VAL B 198 2.53 10.04 -20.59
N ASN B 199 2.15 11.03 -19.77
CA ASN B 199 2.13 10.88 -18.33
C ASN B 199 0.90 10.07 -17.94
N SER B 200 0.74 9.83 -16.63
CA SER B 200 -0.41 9.09 -16.11
C SER B 200 -1.72 9.64 -16.64
N ILE B 201 -2.70 8.74 -16.84
CA ILE B 201 -4.08 9.17 -17.00
C ILE B 201 -4.54 9.68 -15.63
N GLY B 202 -4.80 10.99 -15.56
CA GLY B 202 -4.93 11.66 -14.27
C GLY B 202 -6.21 11.30 -13.53
N ASN B 203 -6.11 11.26 -12.19
CA ASN B 203 -7.25 11.41 -11.30
C ASN B 203 -8.28 10.30 -11.53
N GLY B 204 -7.80 9.06 -11.62
CA GLY B 204 -8.65 7.89 -11.52
C GLY B 204 -8.95 7.56 -10.06
N LEU B 205 -9.91 6.66 -9.83
CA LEU B 205 -10.34 6.30 -8.49
C LEU B 205 -10.52 4.79 -8.42
N VAL B 206 -9.84 4.16 -7.46
CA VAL B 206 -9.96 2.72 -7.23
C VAL B 206 -10.50 2.51 -5.82
N ILE B 207 -11.53 1.65 -5.73
CA ILE B 207 -12.21 1.34 -4.49
C ILE B 207 -12.12 -0.16 -4.25
N ASP B 208 -11.77 -0.54 -3.03
CA ASP B 208 -11.77 -1.93 -2.59
C ASP B 208 -13.21 -2.30 -2.22
N PRO B 209 -13.86 -3.29 -2.89
CA PRO B 209 -15.25 -3.61 -2.60
C PRO B 209 -15.45 -4.27 -1.24
N ALA B 210 -14.40 -4.89 -0.70
CA ALA B 210 -14.47 -5.59 0.57
C ALA B 210 -14.71 -4.62 1.72
N ASN B 211 -13.89 -3.56 1.82
CA ASN B 211 -13.97 -2.63 2.93
C ASN B 211 -14.61 -1.30 2.50
N GLU B 212 -15.03 -1.20 1.22
CA GLU B 212 -15.76 -0.06 0.69
C GLU B 212 -14.94 1.23 0.80
N THR B 213 -13.62 1.09 0.78
CA THR B 213 -12.69 2.18 1.01
C THR B 213 -11.79 2.35 -0.21
N VAL B 214 -11.50 3.62 -0.54
CA VAL B 214 -10.53 3.96 -1.56
C VAL B 214 -9.17 3.36 -1.17
N VAL B 215 -8.33 3.06 -2.16
CA VAL B 215 -7.11 2.32 -1.90
C VAL B 215 -5.93 3.25 -1.62
N ILE B 216 -6.03 4.54 -1.98
CA ILE B 216 -5.00 5.49 -1.57
C ILE B 216 -5.61 6.63 -0.75
N LYS B 217 -4.75 7.24 0.06
CA LYS B 217 -5.16 8.25 1.03
C LYS B 217 -5.29 9.64 0.43
N PRO B 218 -4.30 10.18 -0.33
CA PRO B 218 -4.39 11.56 -0.79
C PRO B 218 -5.59 11.79 -1.70
N LYS B 219 -6.08 13.03 -1.69
CA LYS B 219 -7.05 13.51 -2.67
C LYS B 219 -8.28 12.60 -2.74
N GLN B 220 -8.75 12.13 -1.58
CA GLN B 220 -9.97 11.34 -1.48
C GLN B 220 -9.88 10.09 -2.35
N GLY B 221 -8.67 9.60 -2.60
CA GLY B 221 -8.45 8.37 -3.34
C GLY B 221 -8.10 8.59 -4.82
N PHE B 222 -8.07 9.85 -5.27
CA PHE B 222 -7.84 10.16 -6.68
C PHE B 222 -6.34 10.13 -6.98
N GLY B 223 -5.96 9.36 -8.02
CA GLY B 223 -4.56 9.18 -8.35
C GLY B 223 -4.34 8.92 -9.84
N GLY B 224 -3.08 9.06 -10.27
CA GLY B 224 -2.68 8.82 -11.64
C GLY B 224 -2.66 7.34 -11.98
N LEU B 225 -3.19 6.98 -13.16
CA LEU B 225 -3.22 5.61 -13.64
C LEU B 225 -2.05 5.33 -14.57
N GLY B 226 -1.40 4.19 -14.34
CA GLY B 226 -0.34 3.67 -15.19
C GLY B 226 -0.62 2.22 -15.55
N GLY B 227 0.09 1.71 -16.55
CA GLY B 227 0.06 0.29 -16.88
C GLY B 227 -0.88 -0.02 -18.03
N LYS B 228 -1.55 -1.18 -17.97
CA LYS B 228 -2.31 -1.70 -19.10
C LYS B 228 -3.45 -0.75 -19.46
N TYR B 229 -3.93 0.01 -18.47
CA TYR B 229 -4.96 1.01 -18.67
C TYR B 229 -4.63 2.00 -19.79
N VAL B 230 -3.34 2.30 -19.99
CA VAL B 230 -2.96 3.52 -20.71
C VAL B 230 -2.39 3.24 -22.11
N LEU B 231 -2.27 1.97 -22.54
CA LEU B 231 -1.56 1.67 -23.78
C LEU B 231 -2.24 2.35 -24.98
N PRO B 232 -3.54 2.13 -25.26
CA PRO B 232 -4.13 2.76 -26.44
C PRO B 232 -4.08 4.29 -26.42
N THR B 233 -4.24 4.89 -25.22
CA THR B 233 -4.11 6.32 -25.06
C THR B 233 -2.69 6.75 -25.44
N ALA B 234 -1.68 6.02 -24.95
CA ALA B 234 -0.29 6.36 -25.18
C ALA B 234 0.03 6.27 -26.67
N LEU B 235 -0.39 5.17 -27.32
CA LEU B 235 -0.13 4.96 -28.74
C LEU B 235 -0.78 6.08 -29.57
N ALA B 236 -2.00 6.49 -29.19
CA ALA B 236 -2.71 7.54 -29.90
C ALA B 236 -1.95 8.85 -29.83
N ASN B 237 -1.49 9.20 -28.62
CA ASN B 237 -0.78 10.45 -28.39
C ASN B 237 0.55 10.43 -29.16
N VAL B 238 1.27 9.31 -29.08
CA VAL B 238 2.55 9.17 -29.78
C VAL B 238 2.36 9.44 -31.27
N ASN B 239 1.39 8.75 -31.88
CA ASN B 239 1.17 8.84 -33.32
C ASN B 239 0.69 10.25 -33.70
N ALA B 240 -0.21 10.81 -32.89
CA ALA B 240 -0.78 12.12 -33.18
C ALA B 240 0.31 13.20 -33.22
N PHE B 241 1.28 13.15 -32.30
CA PHE B 241 2.33 14.16 -32.25
C PHE B 241 3.46 13.82 -33.21
N PHE B 242 3.70 12.53 -33.45
CA PHE B 242 4.66 12.11 -34.47
C PHE B 242 4.34 12.79 -35.80
N ARG B 243 3.04 12.78 -36.17
CA ARG B 243 2.58 13.37 -37.42
C ARG B 243 2.58 14.90 -37.34
N ARG B 244 2.10 15.46 -36.22
CA ARG B 244 1.86 16.90 -36.14
C ARG B 244 3.13 17.71 -35.92
N CYS B 245 4.20 17.06 -35.42
CA CYS B 245 5.40 17.75 -34.98
C CYS B 245 6.62 17.15 -35.68
N PRO B 246 6.78 17.36 -37.00
CA PRO B 246 7.83 16.69 -37.77
C PRO B 246 9.26 17.04 -37.39
N ASP B 247 9.49 18.19 -36.72
CA ASP B 247 10.84 18.55 -36.31
C ASP B 247 11.07 18.23 -34.82
N LYS B 248 10.26 17.31 -34.27
CA LYS B 248 10.45 16.83 -32.91
C LYS B 248 10.43 15.31 -32.93
N LEU B 249 11.19 14.72 -32.00
CA LEU B 249 11.12 13.30 -31.71
C LEU B 249 9.99 13.08 -30.70
N VAL B 250 9.41 11.88 -30.72
CA VAL B 250 8.41 11.49 -29.75
C VAL B 250 8.95 10.31 -28.97
N PHE B 251 8.87 10.42 -27.65
CA PHE B 251 9.16 9.30 -26.76
C PHE B 251 7.83 8.71 -26.30
N GLY B 252 7.71 7.39 -26.44
CA GLY B 252 6.53 6.66 -25.98
C GLY B 252 6.67 6.30 -24.50
N CYS B 253 5.58 6.52 -23.75
CA CYS B 253 5.49 6.12 -22.36
C CYS B 253 4.05 5.72 -22.09
N GLY B 254 3.85 4.49 -21.61
CA GLY B 254 2.53 4.03 -21.21
C GLY B 254 2.24 2.61 -21.70
N GLY B 255 2.06 1.70 -20.74
CA GLY B 255 1.48 0.40 -21.01
C GLY B 255 2.50 -0.62 -21.52
N VAL B 256 3.81 -0.33 -21.40
CA VAL B 256 4.83 -1.23 -21.89
C VAL B 256 5.14 -2.30 -20.84
N TYR B 257 4.84 -3.56 -21.18
CA TYR B 257 5.17 -4.70 -20.34
C TYR B 257 6.06 -5.70 -21.08
N SER B 258 6.26 -5.50 -22.38
CA SER B 258 6.85 -6.52 -23.22
C SER B 258 7.39 -5.91 -24.51
N GLY B 259 8.20 -6.69 -25.22
CA GLY B 259 8.75 -6.27 -26.50
C GLY B 259 7.64 -5.88 -27.46
N GLU B 260 6.48 -6.54 -27.34
CA GLU B 260 5.37 -6.31 -28.25
C GLU B 260 4.84 -4.89 -28.11
N GLU B 261 4.66 -4.39 -26.88
CA GLU B 261 4.18 -3.03 -26.69
C GLU B 261 5.24 -2.02 -27.14
N ALA B 262 6.51 -2.33 -26.87
CA ALA B 262 7.62 -1.50 -27.33
C ALA B 262 7.58 -1.37 -28.86
N PHE B 263 7.35 -2.50 -29.54
CA PHE B 263 7.27 -2.55 -30.99
C PHE B 263 6.16 -1.61 -31.48
N LEU B 264 4.99 -1.66 -30.84
CA LEU B 264 3.84 -0.86 -31.27
C LEU B 264 4.13 0.63 -31.08
N HIS B 265 4.77 1.00 -29.96
CA HIS B 265 5.14 2.38 -29.70
C HIS B 265 6.03 2.91 -30.82
N ILE B 266 7.02 2.11 -31.20
CA ILE B 266 7.98 2.51 -32.23
C ILE B 266 7.27 2.59 -33.59
N LEU B 267 6.39 1.62 -33.86
CA LEU B 267 5.60 1.61 -35.08
C LEU B 267 4.73 2.86 -35.17
N ALA B 268 4.27 3.35 -34.02
CA ALA B 268 3.43 4.54 -33.90
C ALA B 268 4.25 5.82 -34.10
N GLY B 269 5.57 5.73 -33.87
CA GLY B 269 6.48 6.84 -34.15
C GLY B 269 7.51 7.09 -33.05
N ALA B 270 7.56 6.24 -32.01
CA ALA B 270 8.42 6.48 -30.86
C ALA B 270 9.89 6.27 -31.20
N SER B 271 10.74 7.22 -30.77
CA SER B 271 12.18 7.10 -30.84
C SER B 271 12.75 6.40 -29.61
N MET B 272 12.28 6.77 -28.41
CA MET B 272 12.62 6.07 -27.19
C MET B 272 11.32 5.56 -26.55
N VAL B 273 11.46 4.57 -25.66
CA VAL B 273 10.31 3.92 -25.03
C VAL B 273 10.55 3.86 -23.53
N GLN B 274 9.66 4.50 -22.76
CA GLN B 274 9.82 4.57 -21.31
C GLN B 274 8.92 3.52 -20.65
N VAL B 275 9.39 3.00 -19.52
CA VAL B 275 8.74 1.92 -18.81
C VAL B 275 8.52 2.35 -17.36
N GLY B 276 7.24 2.44 -16.95
CA GLY B 276 6.88 2.89 -15.61
C GLY B 276 6.39 1.73 -14.74
N THR B 277 5.07 1.47 -14.77
CA THR B 277 4.44 0.51 -13.87
C THR B 277 5.14 -0.85 -13.95
N ALA B 278 5.41 -1.33 -15.18
CA ALA B 278 6.00 -2.66 -15.35
C ALA B 278 7.37 -2.74 -14.69
N LEU B 279 8.14 -1.64 -14.75
CA LEU B 279 9.44 -1.56 -14.10
C LEU B 279 9.26 -1.55 -12.58
N HIS B 280 8.24 -0.82 -12.11
CA HIS B 280 7.94 -0.79 -10.68
C HIS B 280 7.67 -2.21 -10.18
N ASP B 281 6.96 -3.00 -11.00
CA ASP B 281 6.56 -4.36 -10.66
C ASP B 281 7.77 -5.29 -10.65
N GLU B 282 8.57 -5.23 -11.72
CA GLU B 282 9.48 -6.30 -12.07
C GLU B 282 10.92 -6.01 -11.64
N GLY B 283 11.28 -4.73 -11.48
CA GLY B 283 12.66 -4.36 -11.22
C GLY B 283 13.44 -4.19 -12.52
N PRO B 284 14.68 -3.65 -12.44
CA PRO B 284 15.46 -3.31 -13.62
C PRO B 284 15.87 -4.46 -14.53
N ILE B 285 15.72 -5.72 -14.06
CA ILE B 285 15.93 -6.88 -14.92
C ILE B 285 15.02 -6.81 -16.14
N ILE B 286 13.90 -6.06 -16.04
CA ILE B 286 12.93 -5.98 -17.12
C ILE B 286 13.61 -5.52 -18.42
N PHE B 287 14.68 -4.71 -18.31
CA PHE B 287 15.31 -4.14 -19.50
C PHE B 287 15.99 -5.22 -20.33
N ALA B 288 16.60 -6.22 -19.69
CA ALA B 288 17.18 -7.35 -20.40
C ALA B 288 16.09 -8.10 -21.16
N ARG B 289 14.95 -8.32 -20.51
CA ARG B 289 13.82 -9.02 -21.10
C ARG B 289 13.29 -8.26 -22.32
N LEU B 290 13.15 -6.94 -22.18
CA LEU B 290 12.57 -6.11 -23.24
C LEU B 290 13.46 -6.12 -24.48
N ASN B 291 14.77 -5.96 -24.30
CA ASN B 291 15.72 -6.01 -25.40
C ASN B 291 15.57 -7.33 -26.16
N LYS B 292 15.58 -8.44 -25.41
CA LYS B 292 15.45 -9.77 -25.97
C LYS B 292 14.16 -9.90 -26.78
N GLU B 293 13.03 -9.46 -26.20
CA GLU B 293 11.72 -9.66 -26.82
C GLU B 293 11.58 -8.81 -28.09
N LEU B 294 12.10 -7.57 -28.06
CA LEU B 294 11.98 -6.68 -29.22
C LEU B 294 12.81 -7.27 -30.36
N GLN B 295 13.99 -7.82 -30.02
CA GLN B 295 14.85 -8.45 -31.01
C GLN B 295 14.17 -9.66 -31.64
N GLU B 296 13.43 -10.45 -30.85
CA GLU B 296 12.75 -11.62 -31.36
C GLU B 296 11.71 -11.20 -32.42
N ILE B 297 10.96 -10.13 -32.11
CA ILE B 297 9.90 -9.65 -33.00
C ILE B 297 10.53 -9.16 -34.30
N MET B 298 11.61 -8.39 -34.19
CA MET B 298 12.29 -7.86 -35.37
C MET B 298 12.83 -9.01 -36.21
N THR B 299 13.48 -9.98 -35.56
CA THR B 299 13.99 -11.17 -36.24
C THR B 299 12.83 -11.83 -37.00
N ASN B 300 11.69 -12.00 -36.33
CA ASN B 300 10.52 -12.66 -36.92
C ASN B 300 10.00 -11.90 -38.14
N LYS B 301 10.15 -10.56 -38.15
CA LYS B 301 9.57 -9.72 -39.20
C LYS B 301 10.59 -9.32 -40.25
N GLY B 302 11.84 -9.77 -40.09
CA GLY B 302 12.92 -9.47 -41.01
C GLY B 302 13.38 -8.01 -40.93
N TYR B 303 13.27 -7.41 -39.74
CA TYR B 303 13.81 -6.07 -39.50
C TYR B 303 15.16 -6.19 -38.80
N LYS B 304 16.12 -5.40 -39.28
CA LYS B 304 17.46 -5.34 -38.71
C LYS B 304 17.69 -4.05 -37.92
N THR B 305 16.89 -3.00 -38.20
CA THR B 305 17.00 -1.73 -37.48
C THR B 305 15.61 -1.16 -37.18
N LEU B 306 15.55 -0.24 -36.21
CA LEU B 306 14.31 0.39 -35.79
C LEU B 306 13.78 1.33 -36.88
N ASP B 307 14.70 1.91 -37.66
CA ASP B 307 14.33 2.77 -38.79
C ASP B 307 13.44 2.05 -39.81
N GLU B 308 13.53 0.71 -39.86
CA GLU B 308 12.80 -0.04 -40.87
C GLU B 308 11.29 -0.06 -40.58
N PHE B 309 10.86 0.32 -39.36
CA PHE B 309 9.42 0.32 -39.07
C PHE B 309 8.98 1.50 -38.21
N ARG B 310 9.89 2.36 -37.76
CA ARG B 310 9.50 3.49 -36.92
C ARG B 310 8.51 4.38 -37.68
N GLY B 311 7.33 4.58 -37.09
CA GLY B 311 6.34 5.50 -37.62
C GLY B 311 5.63 4.95 -38.85
N ARG B 312 5.73 3.63 -39.10
CA ARG B 312 5.21 3.04 -40.32
C ARG B 312 3.88 2.32 -40.08
N VAL B 313 3.22 2.62 -38.97
CA VAL B 313 1.89 2.07 -38.71
C VAL B 313 1.01 2.35 -39.93
N LYS B 314 0.17 1.37 -40.28
CA LYS B 314 -0.68 1.49 -41.44
C LYS B 314 -2.13 1.74 -41.03
N THR B 315 -2.82 2.56 -41.83
CA THR B 315 -4.23 2.81 -41.69
C THR B 315 -4.96 1.99 -42.76
N MET B 316 -6.29 1.91 -42.66
CA MET B 316 -7.06 1.04 -43.54
C MET B 316 -7.53 1.85 -44.77
N MET C 5 -10.90 16.76 37.36
CA MET C 5 -9.55 16.20 37.62
C MET C 5 -8.53 16.90 36.71
N SER C 6 -7.24 16.80 37.02
CA SER C 6 -6.22 17.49 36.24
C SER C 6 -5.39 16.49 35.44
N LEU C 7 -5.24 16.76 34.13
CA LEU C 7 -4.45 15.93 33.24
C LEU C 7 -3.02 16.48 33.11
N LYS C 8 -2.68 17.51 33.87
CA LYS C 8 -1.45 18.24 33.62
C LYS C 8 -0.22 17.40 33.96
N VAL C 9 0.83 17.65 33.20
CA VAL C 9 2.15 17.08 33.41
C VAL C 9 3.13 18.24 33.46
N ASN C 10 3.98 18.24 34.48
CA ASN C 10 4.92 19.32 34.71
C ASN C 10 6.34 18.73 34.69
N ILE C 11 7.03 18.88 33.56
CA ILE C 11 8.36 18.31 33.43
C ILE C 11 9.28 19.24 32.65
N LEU C 12 10.57 19.21 33.04
CA LEU C 12 11.63 20.04 32.50
C LEU C 12 11.25 21.52 32.54
N GLY C 13 10.45 21.89 33.54
CA GLY C 13 10.09 23.27 33.80
C GLY C 13 8.89 23.73 32.98
N HIS C 14 8.33 22.83 32.15
CA HIS C 14 7.20 23.15 31.30
C HIS C 14 5.90 22.56 31.84
N GLU C 15 4.81 23.30 31.61
CA GLU C 15 3.46 22.82 31.88
C GLU C 15 2.89 22.23 30.60
N PHE C 16 2.52 20.94 30.66
CA PHE C 16 1.79 20.27 29.59
C PHE C 16 0.33 20.12 30.01
N SER C 17 -0.61 20.45 29.09
CA SER C 17 -2.03 20.45 29.39
C SER C 17 -2.53 19.04 29.71
N ASN C 18 -1.94 18.05 29.04
CA ASN C 18 -2.31 16.66 29.17
C ASN C 18 -1.09 15.84 28.75
N PRO C 19 -1.05 14.52 29.02
CA PRO C 19 0.13 13.73 28.70
C PRO C 19 0.28 13.32 27.24
N PHE C 20 -0.68 13.67 26.37
CA PHE C 20 -0.75 13.07 25.04
C PHE C 20 0.07 13.85 24.01
N MET C 21 0.70 13.09 23.12
CA MET C 21 1.42 13.61 21.97
C MET C 21 1.43 12.54 20.88
N ASN C 22 1.82 12.95 19.67
CA ASN C 22 2.04 11.97 18.60
C ASN C 22 3.30 11.18 18.91
N ALA C 23 3.34 9.94 18.41
CA ALA C 23 4.56 9.18 18.31
C ALA C 23 5.39 9.72 17.14
N ALA C 24 6.72 9.79 17.30
CA ALA C 24 7.56 10.23 16.21
C ALA C 24 7.27 9.38 14.97
N GLY C 25 7.14 10.06 13.83
CA GLY C 25 6.86 9.40 12.56
C GLY C 25 5.44 9.63 12.06
N VAL C 26 4.50 9.88 12.99
CA VAL C 26 3.09 9.99 12.63
C VAL C 26 2.68 11.45 12.75
N LEU C 27 2.10 11.97 11.65
CA LEU C 27 1.59 13.32 11.51
C LEU C 27 2.63 14.34 11.98
N CYS C 28 3.83 14.30 11.41
CA CYS C 28 4.87 15.21 11.86
C CYS C 28 6.03 15.39 10.88
N THR C 29 5.84 15.12 9.59
CA THR C 29 6.92 15.19 8.62
C THR C 29 7.00 16.57 7.97
N THR C 30 5.83 17.14 7.61
CA THR C 30 5.76 18.40 6.87
C THR C 30 5.29 19.53 7.80
N GLU C 31 5.39 20.76 7.33
CA GLU C 31 4.90 21.92 8.07
C GLU C 31 3.40 21.76 8.35
N GLU C 32 2.64 21.27 7.36
CA GLU C 32 1.20 21.12 7.51
C GLU C 32 0.90 20.08 8.59
N ASP C 33 1.63 18.96 8.58
CA ASP C 33 1.46 17.93 9.60
C ASP C 33 1.60 18.55 10.98
N LEU C 34 2.67 19.32 11.17
CA LEU C 34 3.02 19.86 12.47
C LEU C 34 2.00 20.94 12.88
N ARG C 35 1.48 21.69 11.91
CA ARG C 35 0.42 22.64 12.18
C ARG C 35 -0.78 21.89 12.77
N ARG C 36 -1.14 20.76 12.16
CA ARG C 36 -2.32 20.01 12.56
C ARG C 36 -2.14 19.44 13.96
N MET C 37 -0.92 18.97 14.27
CA MET C 37 -0.61 18.49 15.61
C MET C 37 -0.71 19.64 16.62
N THR C 38 -0.20 20.83 16.26
CA THR C 38 -0.21 21.97 17.16
C THR C 38 -1.64 22.41 17.43
N GLU C 39 -2.51 22.36 16.40
CA GLU C 39 -3.89 22.80 16.51
C GLU C 39 -4.76 21.77 17.23
N SER C 40 -4.28 20.52 17.36
CA SER C 40 -4.99 19.45 18.04
C SER C 40 -5.04 19.70 19.54
N GLU C 41 -5.78 18.84 20.27
CA GLU C 41 -5.91 18.93 21.71
C GLU C 41 -4.74 18.25 22.43
N SER C 42 -3.72 17.78 21.71
CA SER C 42 -2.60 17.09 22.33
C SER C 42 -1.85 18.01 23.28
N GLY C 43 -1.24 17.40 24.31
CA GLY C 43 -0.40 18.13 25.26
C GLY C 43 0.91 18.59 24.64
N SER C 44 1.37 17.85 23.62
CA SER C 44 2.62 18.17 22.95
C SER C 44 2.65 17.48 21.59
N LEU C 45 3.80 17.61 20.91
CA LEU C 45 4.03 17.01 19.61
C LEU C 45 5.53 16.80 19.43
N ILE C 46 5.87 15.88 18.53
CA ILE C 46 7.26 15.61 18.18
C ILE C 46 7.40 15.55 16.67
N GLY C 47 8.48 16.17 16.17
CA GLY C 47 8.79 16.16 14.75
C GLY C 47 9.31 14.80 14.30
N LYS C 48 9.12 14.50 13.01
CA LYS C 48 9.60 13.29 12.39
C LYS C 48 11.09 13.08 12.67
N SER C 49 11.48 11.83 12.93
CA SER C 49 12.89 11.52 13.11
C SER C 49 13.65 11.97 11.86
N CYS C 50 14.61 12.89 12.04
CA CYS C 50 15.25 13.52 10.89
C CYS C 50 16.70 13.07 10.75
N THR C 51 17.25 13.38 9.57
CA THR C 51 18.65 13.13 9.24
C THR C 51 19.28 14.45 8.84
N LEU C 52 20.61 14.48 8.74
CA LEU C 52 21.34 15.71 8.44
C LEU C 52 20.86 16.27 7.11
N ALA C 53 20.79 15.39 6.10
CA ALA C 53 20.26 15.73 4.79
C ALA C 53 18.88 15.12 4.59
N PRO C 54 18.04 15.65 3.68
CA PRO C 54 16.73 15.06 3.41
C PRO C 54 16.82 13.62 2.93
N ARG C 55 15.73 12.87 3.16
CA ARG C 55 15.57 11.52 2.65
C ARG C 55 14.17 11.39 2.09
N THR C 56 14.03 10.61 1.00
CA THR C 56 12.72 10.32 0.42
C THR C 56 12.19 9.01 1.01
N GLY C 57 13.08 8.19 1.57
CA GLY C 57 12.68 6.97 2.24
C GLY C 57 12.60 5.78 1.28
N ASN C 58 11.94 4.72 1.74
CA ASN C 58 11.88 3.44 1.06
C ASN C 58 10.84 3.46 -0.06
N PRO C 59 10.94 2.53 -1.04
CA PRO C 59 9.97 2.43 -2.11
C PRO C 59 8.62 1.90 -1.66
N GLU C 60 7.62 2.08 -2.53
CA GLU C 60 6.23 1.77 -2.21
C GLU C 60 5.79 0.39 -2.70
N PRO C 61 4.77 -0.25 -2.07
CA PRO C 61 4.12 0.23 -0.86
C PRO C 61 4.95 0.01 0.41
N ARG C 62 4.89 0.96 1.35
CA ARG C 62 5.71 0.87 2.55
C ARG C 62 4.91 1.07 3.84
N TYR C 63 3.57 1.18 3.73
CA TYR C 63 2.72 1.27 4.91
C TYR C 63 1.46 0.42 4.68
N PHE C 64 1.06 -0.35 5.69
CA PHE C 64 -0.17 -1.12 5.59
C PHE C 64 -0.88 -1.14 6.95
N GLY C 65 -2.08 -0.56 6.98
CA GLY C 65 -2.96 -0.64 8.14
C GLY C 65 -3.50 -2.06 8.30
N LEU C 66 -3.53 -2.55 9.55
CA LEU C 66 -3.93 -3.91 9.86
C LEU C 66 -5.10 -3.87 10.82
N PRO C 67 -5.94 -4.93 10.88
CA PRO C 67 -6.95 -5.06 11.92
C PRO C 67 -6.42 -4.82 13.33
N LEU C 68 -5.22 -5.32 13.63
CA LEU C 68 -4.66 -5.21 14.96
C LEU C 68 -3.55 -4.16 15.07
N GLY C 69 -3.34 -3.33 14.05
CA GLY C 69 -2.33 -2.30 14.16
C GLY C 69 -1.82 -1.83 12.80
N SER C 70 -0.49 -1.86 12.64
CA SER C 70 0.15 -1.40 11.42
C SER C 70 1.49 -2.09 11.23
N ILE C 71 1.91 -2.16 9.96
CA ILE C 71 3.25 -2.53 9.61
C ILE C 71 3.78 -1.46 8.65
N ASN C 72 5.02 -1.02 8.85
CA ASN C 72 5.61 -0.01 8.00
C ASN C 72 7.11 -0.24 7.82
N SER C 73 7.61 0.24 6.69
CA SER C 73 9.04 0.38 6.44
C SER C 73 9.25 1.68 5.66
N MET C 74 8.94 2.81 6.32
CA MET C 74 8.93 4.12 5.66
C MET C 74 10.34 4.50 5.21
N GLY C 75 11.33 4.24 6.06
CA GLY C 75 12.73 4.47 5.71
C GLY C 75 13.20 5.90 6.03
N LEU C 76 12.66 6.50 7.10
CA LEU C 76 13.04 7.82 7.58
C LEU C 76 12.91 8.88 6.49
N PRO C 77 11.76 8.97 5.79
CA PRO C 77 11.52 10.10 4.90
C PRO C 77 11.45 11.38 5.73
N ASN C 78 12.28 12.37 5.42
CA ASN C 78 12.30 13.59 6.22
C ASN C 78 12.90 14.73 5.41
N LEU C 79 12.55 15.96 5.79
CA LEU C 79 12.94 17.16 5.06
C LEU C 79 14.33 17.65 5.49
N GLY C 80 15.06 16.85 6.29
CA GLY C 80 16.39 17.23 6.73
C GLY C 80 16.35 18.08 8.01
N VAL C 81 17.45 18.06 8.76
CA VAL C 81 17.49 18.64 10.10
C VAL C 81 17.19 20.14 10.03
N ASP C 82 17.68 20.85 9.00
CA ASP C 82 17.49 22.29 8.93
C ASP C 82 16.01 22.68 8.89
N PHE C 83 15.19 21.86 8.24
CA PHE C 83 13.76 22.13 8.15
C PHE C 83 13.13 22.10 9.55
N TYR C 84 13.44 21.07 10.32
CA TYR C 84 12.84 20.87 11.63
C TYR C 84 13.38 21.92 12.61
N LEU C 85 14.65 22.29 12.46
CA LEU C 85 15.25 23.31 13.31
C LEU C 85 14.57 24.65 13.05
N SER C 86 14.37 24.94 11.76
CA SER C 86 13.74 26.18 11.34
C SER C 86 12.28 26.21 11.81
N TYR C 87 11.57 25.07 11.74
CA TYR C 87 10.24 24.96 12.31
C TYR C 87 10.29 25.30 13.80
N ALA C 88 11.26 24.71 14.52
CA ALA C 88 11.36 24.86 15.96
C ALA C 88 11.71 26.30 16.34
N ALA C 89 12.51 26.96 15.49
CA ALA C 89 13.05 28.27 15.81
C ALA C 89 12.06 29.38 15.45
N GLN C 90 11.33 29.22 14.34
CA GLN C 90 10.58 30.32 13.73
C GLN C 90 9.08 30.04 13.66
N THR C 91 8.67 28.78 13.43
CA THR C 91 7.28 28.53 13.04
C THR C 91 6.41 28.13 14.25
N HIS C 92 6.89 27.19 15.08
CA HIS C 92 6.04 26.58 16.08
C HIS C 92 5.54 27.61 17.09
N ASP C 93 4.26 27.50 17.46
CA ASP C 93 3.65 28.35 18.47
C ASP C 93 3.81 27.71 19.84
N TYR C 94 4.80 28.18 20.62
CA TYR C 94 5.13 27.59 21.91
C TYR C 94 4.07 27.92 22.97
N SER C 95 3.24 28.95 22.73
CA SER C 95 2.16 29.28 23.65
C SER C 95 1.04 28.23 23.58
N ARG C 96 0.95 27.50 22.44
CA ARG C 96 0.01 26.40 22.31
C ARG C 96 0.48 25.21 23.14
N LYS C 97 1.72 24.74 22.88
CA LYS C 97 2.27 23.60 23.59
C LYS C 97 3.77 23.50 23.36
N PRO C 98 4.53 22.79 24.22
CA PRO C 98 5.95 22.54 23.99
C PRO C 98 6.19 21.63 22.78
N LEU C 99 7.42 21.68 22.25
CA LEU C 99 7.78 20.93 21.05
C LEU C 99 8.99 20.04 21.36
N PHE C 100 8.90 18.78 20.91
CA PHE C 100 10.01 17.87 20.82
C PHE C 100 10.41 17.73 19.36
N LEU C 101 11.71 17.49 19.12
CA LEU C 101 12.22 17.02 17.85
C LEU C 101 12.88 15.67 18.06
N SER C 102 12.55 14.71 17.19
CA SER C 102 13.24 13.44 17.13
C SER C 102 14.40 13.53 16.14
N MET C 103 15.60 13.08 16.52
CA MET C 103 16.73 13.07 15.62
C MET C 103 17.27 11.65 15.49
N SER C 104 17.44 11.21 14.23
CA SER C 104 17.83 9.84 13.95
C SER C 104 18.97 9.82 12.94
N GLY C 105 20.11 10.42 13.30
CA GLY C 105 21.30 10.29 12.47
C GLY C 105 21.68 8.82 12.35
N LEU C 106 22.16 8.39 11.18
CA LEU C 106 22.42 6.97 10.95
C LEU C 106 23.86 6.61 11.30
N SER C 107 24.59 7.55 11.92
CA SER C 107 25.91 7.35 12.47
C SER C 107 26.06 8.24 13.69
N VAL C 108 26.99 7.93 14.59
CA VAL C 108 27.20 8.81 15.74
C VAL C 108 27.66 10.19 15.25
N GLU C 109 28.53 10.23 14.23
CA GLU C 109 29.02 11.48 13.66
C GLU C 109 27.86 12.35 13.16
N GLU C 110 26.91 11.73 12.45
CA GLU C 110 25.76 12.44 11.91
C GLU C 110 24.90 13.00 13.04
N SER C 111 24.64 12.17 14.05
CA SER C 111 23.83 12.56 15.20
C SER C 111 24.46 13.75 15.93
N VAL C 112 25.80 13.74 16.05
CA VAL C 112 26.53 14.79 16.73
C VAL C 112 26.37 16.11 15.96
N GLU C 113 26.59 16.08 14.65
CA GLU C 113 26.48 17.27 13.82
C GLU C 113 25.07 17.87 13.96
N MET C 114 24.04 17.02 14.02
CA MET C 114 22.66 17.46 14.11
C MET C 114 22.36 18.10 15.48
N VAL C 115 22.78 17.47 16.58
CA VAL C 115 22.36 17.93 17.90
C VAL C 115 23.06 19.25 18.23
N LYS C 116 24.27 19.48 17.69
CA LYS C 116 24.98 20.73 17.94
C LYS C 116 24.17 21.92 17.45
N LYS C 117 23.51 21.74 16.29
CA LYS C 117 22.70 22.78 15.72
C LYS C 117 21.45 23.07 16.56
N LEU C 118 20.99 22.07 17.32
CA LEU C 118 19.78 22.23 18.12
C LEU C 118 20.07 23.06 19.38
N VAL C 119 21.32 23.05 19.85
CA VAL C 119 21.71 23.65 21.12
C VAL C 119 21.13 25.06 21.26
N PRO C 120 21.45 26.01 20.35
CA PRO C 120 20.96 27.39 20.50
C PRO C 120 19.44 27.50 20.54
N ILE C 121 18.76 26.62 19.80
CA ILE C 121 17.30 26.67 19.68
C ILE C 121 16.65 26.13 20.96
N THR C 122 17.22 25.08 21.58
CA THR C 122 16.74 24.62 22.88
C THR C 122 16.88 25.75 23.90
N LYS C 123 18.06 26.38 23.95
CA LYS C 123 18.32 27.44 24.91
C LYS C 123 17.32 28.58 24.75
N GLU C 124 17.02 28.94 23.49
CA GLU C 124 16.21 30.10 23.17
C GLU C 124 14.71 29.79 23.27
N LYS C 125 14.27 28.62 22.78
CA LYS C 125 12.84 28.33 22.65
C LYS C 125 12.36 27.21 23.57
N GLY C 126 13.28 26.37 24.06
CA GLY C 126 12.92 25.28 24.97
C GLY C 126 12.64 23.97 24.23
N THR C 127 13.01 23.90 22.94
CA THR C 127 12.80 22.72 22.11
C THR C 127 13.50 21.52 22.75
N ILE C 128 12.78 20.39 22.87
CA ILE C 128 13.28 19.22 23.58
C ILE C 128 13.69 18.14 22.57
N LEU C 129 14.83 17.48 22.84
CA LEU C 129 15.37 16.45 21.97
C LEU C 129 14.96 15.05 22.43
N GLU C 130 14.48 14.23 21.49
CA GLU C 130 14.38 12.78 21.65
C GLU C 130 15.34 12.15 20.65
N LEU C 131 16.43 11.54 21.16
CA LEU C 131 17.41 10.88 20.31
C LEU C 131 16.90 9.48 19.96
N ASN C 132 16.81 9.17 18.66
CA ASN C 132 16.25 7.90 18.20
C ASN C 132 17.36 6.86 18.10
N LEU C 133 17.29 5.83 18.96
CA LEU C 133 18.24 4.72 18.96
C LEU C 133 17.57 3.41 18.53
N SER C 134 16.51 3.49 17.70
CA SER C 134 15.65 2.32 17.52
C SER C 134 15.04 2.14 16.13
N CYS C 135 15.38 2.93 15.11
CA CYS C 135 14.67 2.77 13.85
C CYS C 135 15.00 1.42 13.22
N PRO C 136 13.97 0.57 12.92
CA PRO C 136 14.19 -0.75 12.35
C PRO C 136 13.97 -0.88 10.84
N ASN C 137 13.83 0.25 10.13
CA ASN C 137 13.36 0.22 8.75
C ASN C 137 14.39 0.81 7.78
N VAL C 138 15.62 1.06 8.22
CA VAL C 138 16.66 1.56 7.33
C VAL C 138 17.54 0.39 6.91
N PRO C 139 17.51 -0.04 5.63
CA PRO C 139 18.36 -1.16 5.19
C PRO C 139 19.83 -0.94 5.56
N GLY C 140 20.41 -1.92 6.25
CA GLY C 140 21.83 -1.92 6.59
C GLY C 140 22.15 -1.14 7.86
N LYS C 141 21.13 -0.61 8.56
CA LYS C 141 21.33 0.12 9.80
C LYS C 141 20.59 -0.59 10.93
N PRO C 142 21.24 -1.51 11.70
CA PRO C 142 20.58 -2.17 12.81
C PRO C 142 20.17 -1.21 13.92
N GLN C 143 19.25 -1.64 14.78
CA GLN C 143 18.78 -0.82 15.88
C GLN C 143 19.90 -0.65 16.89
N VAL C 144 20.33 0.60 17.11
CA VAL C 144 21.45 0.91 17.98
C VAL C 144 21.22 0.38 19.39
N GLY C 145 19.96 0.50 19.86
CA GLY C 145 19.59 0.12 21.22
C GLY C 145 19.82 -1.36 21.53
N TYR C 146 20.02 -2.21 20.52
CA TYR C 146 20.26 -3.62 20.76
C TYR C 146 21.75 -3.93 20.83
N ASP C 147 22.59 -2.90 20.68
CA ASP C 147 24.03 -3.03 20.89
C ASP C 147 24.43 -2.05 22.00
N PHE C 148 24.77 -2.57 23.18
CA PHE C 148 24.93 -1.72 24.35
C PHE C 148 26.23 -0.92 24.29
N ASP C 149 27.25 -1.45 23.60
CA ASP C 149 28.49 -0.73 23.39
C ASP C 149 28.23 0.48 22.49
N THR C 150 27.53 0.25 21.36
CA THR C 150 27.21 1.31 20.42
C THR C 150 26.29 2.34 21.10
N THR C 151 25.31 1.86 21.87
CA THR C 151 24.41 2.75 22.59
C THR C 151 25.23 3.68 23.49
N ARG C 152 26.20 3.11 24.21
CA ARG C 152 27.03 3.89 25.12
C ARG C 152 27.78 4.98 24.34
N THR C 153 28.29 4.65 23.16
CA THR C 153 29.04 5.61 22.34
C THR C 153 28.13 6.77 21.95
N TYR C 154 26.93 6.47 21.46
CA TYR C 154 25.98 7.50 21.06
C TYR C 154 25.68 8.42 22.25
N LEU C 155 25.40 7.85 23.42
CA LEU C 155 24.99 8.65 24.57
C LEU C 155 26.16 9.51 25.04
N GLN C 156 27.36 8.95 24.98
CA GLN C 156 28.57 9.68 25.37
C GLN C 156 28.75 10.89 24.45
N LYS C 157 28.74 10.64 23.14
CA LYS C 157 29.05 11.68 22.17
C LYS C 157 27.93 12.72 22.11
N VAL C 158 26.67 12.30 22.22
CA VAL C 158 25.56 13.24 22.17
C VAL C 158 25.50 14.05 23.47
N SER C 159 25.73 13.41 24.62
CA SER C 159 25.76 14.13 25.89
C SER C 159 26.76 15.28 25.82
N GLU C 160 27.96 14.94 25.32
CA GLU C 160 29.08 15.87 25.25
C GLU C 160 28.77 16.99 24.25
N ALA C 161 28.20 16.62 23.11
CA ALA C 161 27.97 17.58 22.03
C ALA C 161 26.75 18.47 22.33
N TYR C 162 25.70 17.91 22.94
CA TYR C 162 24.46 18.65 23.15
C TYR C 162 24.52 19.40 24.48
N GLY C 163 24.94 18.71 25.55
CA GLY C 163 25.25 19.34 26.83
C GLY C 163 24.01 19.83 27.58
N LEU C 164 22.83 19.36 27.16
CA LEU C 164 21.56 19.78 27.73
C LEU C 164 20.71 18.54 27.98
N PRO C 165 19.65 18.61 28.82
CA PRO C 165 18.80 17.45 29.04
C PRO C 165 18.14 16.97 27.74
N PHE C 166 18.08 15.66 27.55
CA PHE C 166 17.41 15.10 26.39
C PHE C 166 16.85 13.72 26.75
N GLY C 167 16.12 13.13 25.80
CA GLY C 167 15.58 11.79 25.98
C GLY C 167 15.99 10.86 24.85
N VAL C 168 15.62 9.59 24.99
CA VAL C 168 16.00 8.57 24.03
C VAL C 168 14.78 7.71 23.70
N LYS C 169 14.60 7.43 22.41
CA LYS C 169 13.59 6.51 21.92
C LYS C 169 14.23 5.12 21.82
N MET C 170 13.76 4.19 22.64
CA MET C 170 14.42 2.90 22.78
C MET C 170 13.64 1.85 22.00
N PRO C 171 14.33 0.80 21.49
CA PRO C 171 13.64 -0.35 20.92
C PRO C 171 13.04 -1.17 22.05
N PRO C 172 12.01 -2.01 21.81
CA PRO C 172 11.51 -2.87 22.86
C PRO C 172 12.49 -3.96 23.25
N TYR C 173 12.61 -4.24 24.55
CA TYR C 173 13.39 -5.37 25.04
C TYR C 173 12.42 -6.46 25.51
N PHE C 174 12.90 -7.71 25.47
CA PHE C 174 12.06 -8.88 25.73
C PHE C 174 12.74 -9.81 26.73
N ASP C 175 13.76 -9.31 27.44
CA ASP C 175 14.58 -10.15 28.30
C ASP C 175 15.02 -9.33 29.51
N ILE C 176 14.89 -9.93 30.70
CA ILE C 176 15.18 -9.22 31.94
C ILE C 176 16.63 -8.74 31.93
N ALA C 177 17.55 -9.59 31.45
CA ALA C 177 18.95 -9.22 31.42
C ALA C 177 19.18 -7.99 30.55
N HIS C 178 18.37 -7.84 29.48
CA HIS C 178 18.49 -6.69 28.59
C HIS C 178 17.96 -5.42 29.26
N PHE C 179 16.88 -5.55 30.04
CA PHE C 179 16.42 -4.42 30.83
C PHE C 179 17.55 -3.94 31.72
N ASP C 180 18.21 -4.89 32.41
CA ASP C 180 19.29 -4.57 33.33
C ASP C 180 20.46 -3.91 32.58
N MET C 181 20.88 -4.50 31.46
CA MET C 181 22.02 -4.00 30.71
C MET C 181 21.70 -2.64 30.10
N ALA C 182 20.47 -2.46 29.58
CA ALA C 182 20.06 -1.17 29.03
C ALA C 182 20.06 -0.10 30.12
N ALA C 183 19.49 -0.43 31.28
CA ALA C 183 19.40 0.54 32.37
C ALA C 183 20.78 0.94 32.87
N ALA C 184 21.71 -0.03 32.92
CA ALA C 184 23.06 0.23 33.39
C ALA C 184 23.74 1.28 32.50
N VAL C 185 23.51 1.21 31.18
CA VAL C 185 24.08 2.17 30.26
C VAL C 185 23.39 3.52 30.45
N LEU C 186 22.05 3.53 30.44
CA LEU C 186 21.29 4.78 30.55
C LEU C 186 21.66 5.52 31.83
N ASN C 187 21.85 4.78 32.93
CA ASN C 187 22.10 5.38 34.23
C ASN C 187 23.49 6.00 34.32
N ASP C 188 24.35 5.78 33.32
CA ASP C 188 25.67 6.41 33.32
C ASP C 188 25.62 7.78 32.66
N PHE C 189 24.43 8.20 32.19
CA PHE C 189 24.30 9.44 31.44
C PHE C 189 23.24 10.33 32.08
N PRO C 190 23.65 11.23 33.00
CA PRO C 190 22.70 12.06 33.73
C PRO C 190 21.89 13.02 32.87
N LEU C 191 22.38 13.39 31.68
CA LEU C 191 21.66 14.31 30.81
C LEU C 191 20.48 13.61 30.14
N VAL C 192 20.44 12.28 30.15
CA VAL C 192 19.29 11.55 29.66
C VAL C 192 18.20 11.62 30.73
N LYS C 193 17.22 12.51 30.53
CA LYS C 193 16.20 12.79 31.53
C LYS C 193 14.90 12.04 31.25
N PHE C 194 14.74 11.49 30.04
CA PHE C 194 13.59 10.64 29.80
C PHE C 194 13.94 9.53 28.82
N ILE C 195 13.17 8.44 28.93
CA ILE C 195 13.29 7.24 28.12
C ILE C 195 11.92 6.98 27.52
N THR C 196 11.82 6.95 26.19
CA THR C 196 10.57 6.63 25.53
C THR C 196 10.57 5.14 25.19
N CYS C 197 9.60 4.42 25.80
CA CYS C 197 9.39 3.01 25.60
C CYS C 197 7.97 2.83 25.03
N VAL C 198 7.80 2.36 23.78
CA VAL C 198 8.82 1.76 22.94
C VAL C 198 8.63 2.19 21.49
N ASN C 199 9.67 1.97 20.68
CA ASN C 199 9.55 2.04 19.23
C ASN C 199 8.88 0.75 18.75
N SER C 200 8.66 0.66 17.43
CA SER C 200 8.00 -0.47 16.81
C SER C 200 8.63 -1.79 17.23
N ILE C 201 7.81 -2.84 17.32
CA ILE C 201 8.34 -4.19 17.36
C ILE C 201 8.91 -4.48 15.98
N GLY C 202 10.24 -4.57 15.91
CA GLY C 202 10.96 -4.55 14.65
C GLY C 202 10.73 -5.81 13.82
N ASN C 203 10.70 -5.61 12.49
CA ASN C 203 10.94 -6.67 11.51
C ASN C 203 9.93 -7.80 11.63
N GLY C 204 8.64 -7.45 11.74
CA GLY C 204 7.55 -8.39 11.54
C GLY C 204 7.26 -8.59 10.05
N LEU C 205 6.45 -9.61 9.72
CA LEU C 205 6.13 -9.94 8.34
C LEU C 205 4.64 -10.23 8.24
N VAL C 206 3.96 -9.50 7.34
CA VAL C 206 2.56 -9.74 7.04
C VAL C 206 2.45 -10.23 5.60
N ILE C 207 1.65 -11.29 5.42
CA ILE C 207 1.45 -11.92 4.12
C ILE C 207 -0.04 -11.96 3.83
N ASP C 208 -0.40 -11.59 2.60
CA ASP C 208 -1.76 -11.68 2.11
C ASP C 208 -2.02 -13.10 1.62
N PRO C 209 -2.95 -13.85 2.24
CA PRO C 209 -3.22 -15.23 1.84
C PRO C 209 -3.79 -15.36 0.43
N ALA C 210 -4.48 -14.32 -0.04
CA ALA C 210 -5.15 -14.35 -1.33
C ALA C 210 -4.15 -14.40 -2.49
N ASN C 211 -3.12 -13.54 -2.44
CA ASN C 211 -2.17 -13.45 -3.54
C ASN C 211 -0.82 -14.02 -3.14
N GLU C 212 -0.71 -14.53 -1.91
CA GLU C 212 0.48 -15.21 -1.41
C GLU C 212 1.70 -14.27 -1.42
N THR C 213 1.43 -12.96 -1.26
CA THR C 213 2.45 -11.94 -1.38
C THR C 213 2.50 -11.10 -0.10
N VAL C 214 3.71 -10.68 0.28
CA VAL C 214 3.91 -9.75 1.38
C VAL C 214 3.25 -8.43 1.04
N VAL C 215 2.89 -7.63 2.07
CA VAL C 215 2.05 -6.46 1.88
C VAL C 215 2.87 -5.17 1.75
N ILE C 216 4.17 -5.19 2.12
CA ILE C 216 5.04 -4.05 1.86
C ILE C 216 6.26 -4.47 1.04
N LYS C 217 6.81 -3.52 0.27
CA LYS C 217 7.84 -3.79 -0.71
C LYS C 217 9.24 -3.87 -0.10
N PRO C 218 9.68 -2.92 0.77
CA PRO C 218 11.04 -2.93 1.27
C PRO C 218 11.38 -4.19 2.08
N LYS C 219 12.64 -4.60 2.03
CA LYS C 219 13.17 -5.61 2.94
C LYS C 219 12.34 -6.90 2.89
N GLN C 220 11.90 -7.29 1.68
CA GLN C 220 11.22 -8.56 1.46
C GLN C 220 9.98 -8.68 2.34
N GLY C 221 9.37 -7.53 2.69
CA GLY C 221 8.12 -7.51 3.43
C GLY C 221 8.29 -7.22 4.91
N PHE C 222 9.53 -7.08 5.39
CA PHE C 222 9.80 -6.95 6.82
C PHE C 222 9.65 -5.50 7.25
N GLY C 223 8.81 -5.26 8.26
CA GLY C 223 8.49 -3.92 8.70
C GLY C 223 8.19 -3.83 10.19
N GLY C 224 8.25 -2.61 10.72
CA GLY C 224 7.95 -2.36 12.12
C GLY C 224 6.46 -2.49 12.41
N LEU C 225 6.15 -3.13 13.54
CA LEU C 225 4.78 -3.35 13.98
C LEU C 225 4.39 -2.31 15.02
N GLY C 226 3.21 -1.71 14.84
CA GLY C 226 2.61 -0.83 15.83
C GLY C 226 1.17 -1.24 16.12
N GLY C 227 0.59 -0.67 17.17
CA GLY C 227 -0.82 -0.82 17.46
C GLY C 227 -1.08 -1.88 18.53
N LYS C 228 -2.15 -2.64 18.38
CA LYS C 228 -2.62 -3.52 19.43
C LYS C 228 -1.60 -4.61 19.71
N TYR C 229 -0.77 -4.93 18.70
CA TYR C 229 0.28 -5.92 18.84
C TYR C 229 1.23 -5.60 20.00
N VAL C 230 1.42 -4.32 20.33
CA VAL C 230 2.61 -3.92 21.08
C VAL C 230 2.28 -3.51 22.52
N LEU C 231 1.01 -3.46 22.93
CA LEU C 231 0.64 -2.89 24.22
C LEU C 231 1.34 -3.62 25.38
N PRO C 232 1.23 -4.96 25.55
CA PRO C 232 1.92 -5.61 26.66
C PRO C 232 3.43 -5.41 26.66
N THR C 233 4.05 -5.41 25.48
CA THR C 233 5.48 -5.16 25.37
C THR C 233 5.79 -3.75 25.86
N ALA C 234 4.98 -2.77 25.41
CA ALA C 234 5.19 -1.38 25.76
C ALA C 234 5.08 -1.19 27.27
N LEU C 235 4.01 -1.74 27.87
CA LEU C 235 3.77 -1.59 29.30
C LEU C 235 4.94 -2.17 30.10
N ALA C 236 5.44 -3.33 29.64
CA ALA C 236 6.54 -4.01 30.30
C ALA C 236 7.79 -3.13 30.28
N ASN C 237 8.11 -2.59 29.11
CA ASN C 237 9.28 -1.73 28.98
C ASN C 237 9.12 -0.49 29.84
N VAL C 238 7.94 0.15 29.82
CA VAL C 238 7.72 1.35 30.61
C VAL C 238 7.99 1.04 32.08
N ASN C 239 7.40 -0.04 32.59
CA ASN C 239 7.49 -0.37 34.00
C ASN C 239 8.92 -0.79 34.37
N ALA C 240 9.59 -1.55 33.50
CA ALA C 240 10.93 -2.03 33.78
C ALA C 240 11.90 -0.87 33.96
N PHE C 241 11.80 0.16 33.10
CA PHE C 241 12.69 1.30 33.16
C PHE C 241 12.23 2.30 34.21
N PHE C 242 10.92 2.37 34.49
CA PHE C 242 10.42 3.21 35.56
C PHE C 242 11.11 2.80 36.85
N ARG C 243 11.21 1.49 37.09
CA ARG C 243 11.78 0.97 38.33
C ARG C 243 13.31 1.05 38.30
N ARG C 244 13.93 0.83 37.13
CA ARG C 244 15.38 0.70 37.06
C ARG C 244 16.08 2.06 36.96
N CYS C 245 15.36 3.08 36.48
CA CYS C 245 15.94 4.38 36.20
C CYS C 245 15.21 5.48 36.99
N PRO C 246 15.25 5.44 38.34
CA PRO C 246 14.54 6.40 39.17
C PRO C 246 14.96 7.87 38.97
N ASP C 247 16.17 8.09 38.41
CA ASP C 247 16.64 9.45 38.17
C ASP C 247 16.06 10.01 36.88
N LYS C 248 15.20 9.25 36.18
CA LYS C 248 14.73 9.63 34.87
C LYS C 248 13.20 9.51 34.79
N LEU C 249 12.62 10.22 33.82
CA LEU C 249 11.23 10.03 33.41
C LEU C 249 11.15 8.89 32.41
N VAL C 250 9.97 8.28 32.30
CA VAL C 250 9.67 7.36 31.22
C VAL C 250 8.46 7.89 30.47
N PHE C 251 8.55 7.88 29.13
CA PHE C 251 7.42 8.17 28.26
C PHE C 251 6.93 6.84 27.70
N GLY C 252 5.61 6.66 27.65
CA GLY C 252 5.01 5.46 27.11
C GLY C 252 4.64 5.65 25.64
N CYS C 253 4.93 4.64 24.83
CA CYS C 253 4.53 4.61 23.43
C CYS C 253 4.23 3.18 23.05
N GLY C 254 3.03 2.92 22.52
CA GLY C 254 2.70 1.61 22.02
C GLY C 254 1.30 1.18 22.45
N GLY C 255 0.43 0.96 21.45
CA GLY C 255 -0.83 0.27 21.67
C GLY C 255 -1.92 1.16 22.27
N VAL C 256 -1.74 2.48 22.24
CA VAL C 256 -2.72 3.40 22.81
C VAL C 256 -3.79 3.72 21.77
N TYR C 257 -5.04 3.33 22.08
CA TYR C 257 -6.19 3.65 21.24
C TYR C 257 -7.28 4.34 22.05
N SER C 258 -7.11 4.43 23.37
CA SER C 258 -8.18 4.86 24.26
C SER C 258 -7.58 5.40 25.55
N GLY C 259 -8.41 6.09 26.33
CA GLY C 259 -8.04 6.53 27.66
C GLY C 259 -7.61 5.38 28.56
N GLU C 260 -8.19 4.19 28.32
CA GLU C 260 -7.87 3.01 29.13
C GLU C 260 -6.41 2.62 28.95
N GLU C 261 -5.91 2.56 27.70
CA GLU C 261 -4.52 2.20 27.46
C GLU C 261 -3.60 3.29 28.02
N ALA C 262 -4.02 4.55 27.90
CA ALA C 262 -3.27 5.68 28.43
C ALA C 262 -3.14 5.54 29.95
N PHE C 263 -4.24 5.17 30.60
CA PHE C 263 -4.27 5.00 32.05
C PHE C 263 -3.28 3.90 32.45
N LEU C 264 -3.25 2.81 31.69
CA LEU C 264 -2.36 1.68 31.97
C LEU C 264 -0.90 2.10 31.83
N HIS C 265 -0.59 2.86 30.77
CA HIS C 265 0.77 3.35 30.54
C HIS C 265 1.24 4.18 31.73
N ILE C 266 0.37 5.09 32.20
CA ILE C 266 0.70 5.99 33.29
C ILE C 266 0.83 5.20 34.59
N LEU C 267 -0.09 4.25 34.82
CA LEU C 267 -0.01 3.37 35.97
C LEU C 267 1.30 2.58 35.97
N ALA C 268 1.81 2.27 34.77
CA ALA C 268 3.08 1.55 34.63
C ALA C 268 4.28 2.47 34.87
N GLY C 269 4.10 3.80 34.72
CA GLY C 269 5.15 4.75 35.03
C GLY C 269 5.30 5.92 34.05
N ALA C 270 4.43 6.01 33.03
CA ALA C 270 4.63 6.99 31.97
C ALA C 270 4.27 8.40 32.42
N SER C 271 5.08 9.37 31.96
CA SER C 271 4.82 10.80 32.13
C SER C 271 4.05 11.34 30.93
N MET C 272 4.62 11.21 29.73
CA MET C 272 3.89 11.49 28.50
C MET C 272 3.49 10.17 27.86
N VAL C 273 2.42 10.21 27.06
CA VAL C 273 1.89 9.05 26.39
C VAL C 273 1.81 9.38 24.90
N GLN C 274 2.51 8.61 24.07
CA GLN C 274 2.60 8.87 22.64
C GLN C 274 1.63 7.96 21.90
N VAL C 275 1.10 8.46 20.79
CA VAL C 275 0.08 7.76 20.02
C VAL C 275 0.54 7.72 18.56
N GLY C 276 0.74 6.51 18.03
CA GLY C 276 1.22 6.32 16.67
C GLY C 276 0.11 5.80 15.76
N THR C 277 -0.05 4.48 15.71
CA THR C 277 -0.96 3.82 14.79
C THR C 277 -2.38 4.39 14.89
N ALA C 278 -2.89 4.58 16.12
CA ALA C 278 -4.28 5.01 16.29
C ALA C 278 -4.48 6.40 15.71
N LEU C 279 -3.45 7.25 15.85
CA LEU C 279 -3.48 8.61 15.31
C LEU C 279 -3.44 8.56 13.78
N HIS C 280 -2.62 7.65 13.24
CA HIS C 280 -2.53 7.47 11.79
C HIS C 280 -3.89 7.05 11.24
N ASP C 281 -4.62 6.25 12.02
CA ASP C 281 -5.92 5.73 11.61
C ASP C 281 -7.02 6.79 11.70
N GLU C 282 -7.04 7.57 12.78
CA GLU C 282 -8.20 8.38 13.14
C GLU C 282 -8.02 9.87 12.85
N GLY C 283 -6.77 10.32 12.72
CA GLY C 283 -6.50 11.74 12.61
C GLY C 283 -6.39 12.41 13.98
N PRO C 284 -5.90 13.67 14.02
CA PRO C 284 -5.62 14.38 15.27
C PRO C 284 -6.82 14.65 16.17
N ILE C 285 -8.04 14.47 15.65
CA ILE C 285 -9.25 14.58 16.47
C ILE C 285 -9.21 13.55 17.60
N ILE C 286 -8.36 12.51 17.48
CA ILE C 286 -8.25 11.48 18.50
C ILE C 286 -7.90 12.09 19.85
N PHE C 287 -7.10 13.17 19.85
CA PHE C 287 -6.59 13.71 21.11
C PHE C 287 -7.72 14.28 21.97
N ALA C 288 -8.78 14.82 21.35
CA ALA C 288 -9.93 15.31 22.12
C ALA C 288 -10.58 14.16 22.88
N ARG C 289 -10.72 13.03 22.19
CA ARG C 289 -11.31 11.81 22.72
C ARG C 289 -10.46 11.24 23.86
N LEU C 290 -9.13 11.19 23.67
CA LEU C 290 -8.26 10.58 24.67
C LEU C 290 -8.30 11.37 25.98
N ASN C 291 -8.29 12.70 25.90
CA ASN C 291 -8.39 13.54 27.09
C ASN C 291 -9.68 13.21 27.83
N LYS C 292 -10.79 13.19 27.10
CA LYS C 292 -12.10 12.92 27.68
C LYS C 292 -12.10 11.56 28.38
N GLU C 293 -11.57 10.53 27.71
CA GLU C 293 -11.64 9.17 28.22
C GLU C 293 -10.78 9.02 29.48
N LEU C 294 -9.59 9.63 29.49
CA LEU C 294 -8.71 9.54 30.64
C LEU C 294 -9.33 10.29 31.82
N GLN C 295 -9.95 11.45 31.55
CA GLN C 295 -10.64 12.25 32.55
C GLN C 295 -11.73 11.41 33.23
N GLU C 296 -12.48 10.65 32.42
CA GLU C 296 -13.55 9.81 32.94
C GLU C 296 -13.02 8.75 33.90
N ILE C 297 -11.90 8.09 33.52
CA ILE C 297 -11.35 7.01 34.33
C ILE C 297 -10.87 7.60 35.67
N MET C 298 -10.18 8.73 35.61
CA MET C 298 -9.68 9.35 36.83
C MET C 298 -10.84 9.74 37.74
N THR C 299 -11.90 10.33 37.16
CA THR C 299 -13.10 10.70 37.90
C THR C 299 -13.67 9.48 38.63
N ASN C 300 -13.84 8.37 37.89
CA ASN C 300 -14.43 7.15 38.44
C ASN C 300 -13.61 6.60 39.59
N LYS C 301 -12.28 6.77 39.52
CA LYS C 301 -11.37 6.22 40.52
C LYS C 301 -11.03 7.24 41.60
N GLY C 302 -11.48 8.49 41.43
CA GLY C 302 -11.23 9.54 42.41
C GLY C 302 -9.78 10.02 42.42
N TYR C 303 -9.08 9.86 41.29
CA TYR C 303 -7.72 10.37 41.14
C TYR C 303 -7.81 11.83 40.72
N LYS C 304 -7.20 12.73 41.50
CA LYS C 304 -7.27 14.16 41.24
C LYS C 304 -6.18 14.57 40.26
N THR C 305 -5.04 13.87 40.28
CA THR C 305 -3.93 14.16 39.38
C THR C 305 -3.29 12.85 38.94
N LEU C 306 -2.52 12.91 37.85
CA LEU C 306 -1.80 11.77 37.33
C LEU C 306 -0.76 11.28 38.33
N ASP C 307 -0.21 12.22 39.12
CA ASP C 307 0.84 11.94 40.09
C ASP C 307 0.36 11.00 41.19
N GLU C 308 -0.96 10.91 41.41
CA GLU C 308 -1.50 10.08 42.47
C GLU C 308 -1.35 8.60 42.14
N PHE C 309 -1.25 8.24 40.85
CA PHE C 309 -1.20 6.84 40.46
C PHE C 309 -0.07 6.52 39.49
N ARG C 310 0.70 7.51 39.01
CA ARG C 310 1.78 7.22 38.08
C ARG C 310 2.75 6.21 38.70
N GLY C 311 2.98 5.09 37.99
CA GLY C 311 3.94 4.08 38.42
C GLY C 311 3.47 3.27 39.63
N ARG C 312 2.17 3.30 39.96
CA ARG C 312 1.66 2.65 41.15
C ARG C 312 0.88 1.38 40.79
N VAL C 313 1.21 0.78 39.64
CA VAL C 313 0.71 -0.54 39.29
C VAL C 313 0.97 -1.48 40.45
N LYS C 314 -0.04 -2.31 40.77
CA LYS C 314 0.06 -3.26 41.86
C LYS C 314 0.53 -4.62 41.35
N THR C 315 1.39 -5.27 42.14
CA THR C 315 1.80 -6.64 41.88
C THR C 315 1.24 -7.55 42.98
N MET C 316 1.36 -8.87 42.78
CA MET C 316 0.79 -9.85 43.68
C MET C 316 1.89 -10.44 44.59
N MET D 5 -34.89 -7.34 0.48
CA MET D 5 -33.95 -7.01 -0.63
C MET D 5 -34.69 -6.28 -1.76
N SER D 6 -34.13 -5.14 -2.22
CA SER D 6 -34.68 -4.41 -3.35
C SER D 6 -33.55 -3.74 -4.13
N LEU D 7 -33.71 -3.69 -5.46
CA LEU D 7 -32.80 -2.96 -6.34
C LEU D 7 -33.51 -1.74 -6.91
N LYS D 8 -34.68 -1.40 -6.34
CA LYS D 8 -35.51 -0.35 -6.90
C LYS D 8 -34.80 0.98 -6.79
N VAL D 9 -35.05 1.84 -7.78
CA VAL D 9 -34.55 3.20 -7.79
C VAL D 9 -35.76 4.10 -8.04
N ASN D 10 -35.97 5.04 -7.12
CA ASN D 10 -37.12 5.94 -7.18
C ASN D 10 -36.59 7.33 -7.52
N ILE D 11 -36.49 7.62 -8.82
CA ILE D 11 -35.88 8.86 -9.30
C ILE D 11 -36.67 9.42 -10.47
N LEU D 12 -36.57 10.74 -10.62
CA LEU D 12 -37.13 11.52 -11.72
C LEU D 12 -38.64 11.34 -11.83
N GLY D 13 -39.28 10.86 -10.76
CA GLY D 13 -40.72 10.64 -10.71
C GLY D 13 -41.11 9.21 -11.08
N HIS D 14 -40.14 8.41 -11.52
CA HIS D 14 -40.38 7.05 -11.97
C HIS D 14 -39.85 6.07 -10.93
N GLU D 15 -40.37 4.83 -10.97
CA GLU D 15 -39.79 3.74 -10.22
C GLU D 15 -39.08 2.82 -11.23
N PHE D 16 -37.86 2.42 -10.89
CA PHE D 16 -37.10 1.47 -11.69
C PHE D 16 -36.93 0.20 -10.86
N SER D 17 -37.09 -0.98 -11.48
CA SER D 17 -37.02 -2.25 -10.79
C SER D 17 -35.58 -2.54 -10.35
N ASN D 18 -34.63 -1.96 -11.07
CA ASN D 18 -33.21 -2.15 -10.78
C ASN D 18 -32.46 -0.99 -11.41
N PRO D 19 -31.18 -0.72 -11.04
CA PRO D 19 -30.47 0.45 -11.53
C PRO D 19 -29.84 0.31 -12.92
N PHE D 20 -29.98 -0.87 -13.55
CA PHE D 20 -29.21 -1.18 -14.74
C PHE D 20 -29.94 -0.73 -16.01
N MET D 21 -29.16 -0.24 -16.97
CA MET D 21 -29.64 0.11 -18.30
C MET D 21 -28.48 -0.05 -19.28
N ASN D 22 -28.78 0.02 -20.58
CA ASN D 22 -27.72 0.03 -21.58
C ASN D 22 -27.06 1.41 -21.55
N ALA D 23 -25.78 1.45 -21.94
CA ALA D 23 -25.12 2.68 -22.31
C ALA D 23 -25.63 3.09 -23.69
N ALA D 24 -25.87 4.39 -23.89
CA ALA D 24 -26.29 4.89 -25.20
C ALA D 24 -25.31 4.40 -26.26
N GLY D 25 -25.86 3.97 -27.40
CA GLY D 25 -25.05 3.47 -28.50
C GLY D 25 -25.02 1.94 -28.58
N VAL D 26 -25.27 1.26 -27.46
CA VAL D 26 -25.17 -0.20 -27.41
C VAL D 26 -26.57 -0.81 -27.31
N LEU D 27 -26.91 -1.64 -28.30
CA LEU D 27 -28.18 -2.36 -28.37
C LEU D 27 -29.36 -1.41 -28.20
N CYS D 28 -29.43 -0.38 -29.04
CA CYS D 28 -30.50 0.60 -28.92
C CYS D 28 -30.65 1.44 -30.19
N THR D 29 -30.18 0.93 -31.35
CA THR D 29 -30.29 1.69 -32.58
C THR D 29 -31.60 1.38 -33.31
N THR D 30 -31.92 0.09 -33.47
CA THR D 30 -33.05 -0.33 -34.29
C THR D 30 -34.26 -0.58 -33.38
N GLU D 31 -35.45 -0.69 -34.01
CA GLU D 31 -36.66 -1.07 -33.30
C GLU D 31 -36.43 -2.41 -32.59
N GLU D 32 -35.72 -3.31 -33.27
CA GLU D 32 -35.43 -4.64 -32.74
C GLU D 32 -34.53 -4.56 -31.51
N ASP D 33 -33.50 -3.70 -31.57
CA ASP D 33 -32.57 -3.52 -30.46
C ASP D 33 -33.32 -3.09 -29.20
N LEU D 34 -34.18 -2.07 -29.38
CA LEU D 34 -34.94 -1.46 -28.31
C LEU D 34 -35.92 -2.49 -27.73
N ARG D 35 -36.54 -3.26 -28.61
CA ARG D 35 -37.40 -4.36 -28.22
C ARG D 35 -36.60 -5.34 -27.34
N ARG D 36 -35.36 -5.67 -27.73
CA ARG D 36 -34.56 -6.61 -26.97
C ARG D 36 -34.19 -6.02 -25.60
N MET D 37 -33.93 -4.72 -25.54
CA MET D 37 -33.63 -4.05 -24.28
C MET D 37 -34.87 -4.02 -23.38
N THR D 38 -36.05 -3.75 -23.95
CA THR D 38 -37.30 -3.69 -23.19
C THR D 38 -37.60 -5.07 -22.61
N GLU D 39 -37.24 -6.10 -23.37
CA GLU D 39 -37.51 -7.49 -23.06
C GLU D 39 -36.57 -7.99 -21.97
N SER D 40 -35.40 -7.35 -21.84
CA SER D 40 -34.38 -7.74 -20.88
C SER D 40 -34.84 -7.46 -19.45
N GLU D 41 -34.05 -7.92 -18.48
CA GLU D 41 -34.29 -7.68 -17.07
C GLU D 41 -33.77 -6.30 -16.66
N SER D 42 -33.35 -5.48 -17.63
CA SER D 42 -32.87 -4.13 -17.39
C SER D 42 -33.95 -3.30 -16.69
N GLY D 43 -33.54 -2.42 -15.79
CA GLY D 43 -34.45 -1.50 -15.12
C GLY D 43 -34.91 -0.38 -16.06
N SER D 44 -34.09 -0.05 -17.05
CA SER D 44 -34.48 0.91 -18.08
C SER D 44 -33.66 0.68 -19.33
N LEU D 45 -33.82 1.58 -20.30
CA LEU D 45 -33.08 1.53 -21.54
C LEU D 45 -32.96 2.95 -22.09
N ILE D 46 -31.98 3.15 -22.98
CA ILE D 46 -31.80 4.44 -23.59
C ILE D 46 -31.60 4.27 -25.09
N GLY D 47 -32.25 5.15 -25.86
CA GLY D 47 -32.18 5.12 -27.31
C GLY D 47 -30.81 5.59 -27.79
N LYS D 48 -30.37 5.05 -28.93
CA LYS D 48 -29.12 5.46 -29.56
C LYS D 48 -29.09 6.99 -29.70
N SER D 49 -27.91 7.58 -29.44
CA SER D 49 -27.71 9.01 -29.65
C SER D 49 -28.10 9.36 -31.09
N CYS D 50 -29.12 10.22 -31.24
CA CYS D 50 -29.73 10.46 -32.54
C CYS D 50 -29.46 11.87 -33.04
N THR D 51 -29.70 12.09 -34.34
CA THR D 51 -29.58 13.38 -35.01
C THR D 51 -30.91 13.70 -35.69
N LEU D 52 -31.03 14.93 -36.21
CA LEU D 52 -32.28 15.43 -36.77
C LEU D 52 -32.72 14.56 -37.94
N ALA D 53 -31.78 14.27 -38.85
CA ALA D 53 -31.96 13.30 -39.92
C ALA D 53 -31.22 12.02 -39.56
N PRO D 54 -31.57 10.84 -40.13
CA PRO D 54 -30.76 9.64 -39.94
C PRO D 54 -29.31 9.83 -40.42
N ARG D 55 -28.41 8.95 -39.96
CA ARG D 55 -27.02 8.95 -40.38
C ARG D 55 -26.54 7.51 -40.52
N THR D 56 -25.64 7.26 -41.48
CA THR D 56 -25.08 5.93 -41.73
C THR D 56 -23.94 5.64 -40.77
N GLY D 57 -23.32 6.68 -40.22
CA GLY D 57 -22.17 6.53 -39.35
C GLY D 57 -20.88 6.51 -40.16
N ASN D 58 -19.78 6.13 -39.49
CA ASN D 58 -18.45 6.12 -40.07
C ASN D 58 -18.25 4.84 -40.90
N PRO D 59 -17.27 4.81 -41.82
CA PRO D 59 -16.94 3.60 -42.57
C PRO D 59 -16.55 2.41 -41.69
N GLU D 60 -16.90 1.20 -42.12
CA GLU D 60 -16.55 -0.04 -41.44
C GLU D 60 -15.16 -0.54 -41.83
N PRO D 61 -14.41 -1.31 -40.99
CA PRO D 61 -14.80 -1.66 -39.64
C PRO D 61 -14.70 -0.49 -38.66
N ARG D 62 -15.64 -0.41 -37.71
CA ARG D 62 -15.72 0.73 -36.81
C ARG D 62 -15.89 0.28 -35.35
N TYR D 63 -15.79 -1.02 -35.09
CA TYR D 63 -15.83 -1.56 -33.75
C TYR D 63 -14.83 -2.71 -33.67
N PHE D 64 -14.03 -2.73 -32.59
CA PHE D 64 -13.10 -3.83 -32.39
C PHE D 64 -13.11 -4.21 -30.92
N GLY D 65 -13.43 -5.49 -30.66
CA GLY D 65 -13.46 -6.04 -29.32
C GLY D 65 -12.06 -6.42 -28.86
N LEU D 66 -11.72 -6.04 -27.63
CA LEU D 66 -10.39 -6.23 -27.06
C LEU D 66 -10.50 -7.09 -25.81
N PRO D 67 -9.41 -7.78 -25.38
CA PRO D 67 -9.38 -8.41 -24.07
C PRO D 67 -9.82 -7.51 -22.92
N LEU D 68 -9.45 -6.22 -22.96
CA LEU D 68 -9.73 -5.31 -21.85
C LEU D 68 -10.86 -4.34 -22.18
N GLY D 69 -11.57 -4.56 -23.29
CA GLY D 69 -12.79 -3.81 -23.54
C GLY D 69 -13.08 -3.66 -25.02
N SER D 70 -13.14 -2.41 -25.49
CA SER D 70 -13.49 -2.12 -26.87
C SER D 70 -12.87 -0.79 -27.32
N ILE D 71 -12.64 -0.71 -28.64
CA ILE D 71 -12.40 0.56 -29.31
C ILE D 71 -13.45 0.69 -30.42
N ASN D 72 -14.02 1.88 -30.58
CA ASN D 72 -15.01 2.10 -31.61
C ASN D 72 -14.94 3.52 -32.16
N SER D 73 -15.36 3.66 -33.43
CA SER D 73 -15.65 4.95 -34.02
C SER D 73 -16.91 4.82 -34.88
N MET D 74 -18.05 4.53 -34.24
CA MET D 74 -19.29 4.26 -34.96
C MET D 74 -19.72 5.51 -35.73
N GLY D 75 -19.65 6.68 -35.08
CA GLY D 75 -19.93 7.96 -35.73
C GLY D 75 -21.43 8.24 -35.86
N LEU D 76 -22.17 7.96 -34.78
CA LEU D 76 -23.60 8.26 -34.64
C LEU D 76 -24.44 7.67 -35.77
N PRO D 77 -24.34 6.35 -36.08
CA PRO D 77 -25.32 5.72 -36.95
C PRO D 77 -26.66 5.62 -36.25
N ASN D 78 -27.71 6.24 -36.82
CA ASN D 78 -29.00 6.30 -36.14
C ASN D 78 -30.13 6.49 -37.15
N LEU D 79 -31.37 6.16 -36.72
CA LEU D 79 -32.53 6.18 -37.61
C LEU D 79 -33.20 7.55 -37.60
N GLY D 80 -32.60 8.54 -36.94
CA GLY D 80 -33.10 9.90 -36.97
C GLY D 80 -34.13 10.13 -35.87
N VAL D 81 -34.27 11.39 -35.46
CA VAL D 81 -35.01 11.75 -34.27
C VAL D 81 -36.48 11.31 -34.40
N ASP D 82 -37.06 11.43 -35.60
CA ASP D 82 -38.46 11.07 -35.81
C ASP D 82 -38.71 9.62 -35.42
N PHE D 83 -37.75 8.73 -35.73
CA PHE D 83 -37.90 7.32 -35.41
C PHE D 83 -37.97 7.13 -33.89
N TYR D 84 -37.01 7.71 -33.14
CA TYR D 84 -36.94 7.51 -31.71
C TYR D 84 -38.13 8.17 -31.02
N LEU D 85 -38.62 9.28 -31.60
CA LEU D 85 -39.79 9.96 -31.08
C LEU D 85 -41.04 9.10 -31.26
N SER D 86 -41.19 8.46 -32.43
CA SER D 86 -42.31 7.56 -32.67
C SER D 86 -42.19 6.30 -31.80
N TYR D 87 -40.96 5.85 -31.58
CA TYR D 87 -40.72 4.71 -30.69
C TYR D 87 -41.21 5.07 -29.29
N ALA D 88 -40.89 6.31 -28.85
CA ALA D 88 -41.19 6.76 -27.50
C ALA D 88 -42.70 6.91 -27.32
N ALA D 89 -43.36 7.52 -28.31
CA ALA D 89 -44.78 7.85 -28.27
C ALA D 89 -45.66 6.62 -28.46
N GLN D 90 -45.30 5.73 -29.40
CA GLN D 90 -46.24 4.71 -29.89
C GLN D 90 -45.83 3.31 -29.46
N THR D 91 -44.54 2.97 -29.65
CA THR D 91 -44.08 1.59 -29.64
C THR D 91 -43.72 1.12 -28.24
N HIS D 92 -42.99 1.96 -27.48
CA HIS D 92 -42.43 1.53 -26.20
C HIS D 92 -43.55 1.19 -25.23
N ASP D 93 -43.39 0.04 -24.54
CA ASP D 93 -44.29 -0.37 -23.47
C ASP D 93 -43.74 0.12 -22.12
N TYR D 94 -44.32 1.21 -21.60
CA TYR D 94 -43.88 1.84 -20.36
C TYR D 94 -44.27 1.00 -19.14
N SER D 95 -45.15 0.01 -19.33
CA SER D 95 -45.51 -0.90 -18.26
C SER D 95 -44.32 -1.82 -17.92
N ARG D 96 -43.41 -2.01 -18.89
CA ARG D 96 -42.21 -2.81 -18.66
C ARG D 96 -41.18 -2.01 -17.86
N LYS D 97 -40.82 -0.83 -18.38
CA LYS D 97 -39.79 0.00 -17.78
C LYS D 97 -39.80 1.39 -18.41
N PRO D 98 -39.32 2.45 -17.71
CA PRO D 98 -39.20 3.76 -18.33
C PRO D 98 -38.17 3.80 -19.44
N LEU D 99 -38.26 4.85 -20.26
CA LEU D 99 -37.45 5.01 -21.45
C LEU D 99 -36.70 6.35 -21.40
N PHE D 100 -35.40 6.28 -21.74
CA PHE D 100 -34.60 7.45 -22.04
C PHE D 100 -34.33 7.50 -23.54
N LEU D 101 -34.17 8.71 -24.08
CA LEU D 101 -33.60 8.94 -25.40
C LEU D 101 -32.34 9.79 -25.24
N SER D 102 -31.27 9.37 -25.93
CA SER D 102 -30.08 10.19 -26.09
C SER D 102 -30.22 11.04 -27.35
N MET D 103 -29.90 12.34 -27.25
CA MET D 103 -29.93 13.24 -28.39
C MET D 103 -28.56 13.92 -28.52
N SER D 104 -28.01 13.85 -29.74
CA SER D 104 -26.66 14.30 -30.03
C SER D 104 -26.66 15.10 -31.32
N GLY D 105 -27.43 16.20 -31.36
CA GLY D 105 -27.30 17.17 -32.42
C GLY D 105 -25.84 17.59 -32.54
N LEU D 106 -25.37 17.81 -33.78
CA LEU D 106 -23.96 18.11 -34.01
C LEU D 106 -23.75 19.62 -34.04
N SER D 107 -24.81 20.36 -33.69
CA SER D 107 -24.75 21.79 -33.45
C SER D 107 -25.82 22.13 -32.42
N VAL D 108 -25.71 23.35 -31.86
CA VAL D 108 -26.67 23.79 -30.86
C VAL D 108 -28.03 23.97 -31.52
N GLU D 109 -28.06 24.40 -32.79
CA GLU D 109 -29.30 24.62 -33.52
C GLU D 109 -30.01 23.29 -33.76
N GLU D 110 -29.26 22.24 -34.09
CA GLU D 110 -29.82 20.93 -34.34
C GLU D 110 -30.40 20.37 -33.04
N SER D 111 -29.64 20.49 -31.94
CA SER D 111 -30.09 20.01 -30.65
C SER D 111 -31.37 20.72 -30.22
N VAL D 112 -31.44 22.03 -30.46
CA VAL D 112 -32.61 22.82 -30.10
C VAL D 112 -33.83 22.30 -30.86
N GLU D 113 -33.68 22.15 -32.19
CA GLU D 113 -34.78 21.70 -33.03
C GLU D 113 -35.27 20.32 -32.55
N MET D 114 -34.35 19.45 -32.11
CA MET D 114 -34.69 18.09 -31.71
C MET D 114 -35.45 18.09 -30.38
N VAL D 115 -35.00 18.86 -29.39
CA VAL D 115 -35.55 18.79 -28.05
C VAL D 115 -36.95 19.40 -28.03
N LYS D 116 -37.25 20.35 -28.91
CA LYS D 116 -38.61 20.89 -29.04
C LYS D 116 -39.59 19.78 -29.39
N LYS D 117 -39.19 18.89 -30.31
CA LYS D 117 -40.03 17.80 -30.76
C LYS D 117 -40.29 16.81 -29.62
N LEU D 118 -39.35 16.73 -28.66
CA LEU D 118 -39.48 15.79 -27.55
C LEU D 118 -40.49 16.30 -26.52
N VAL D 119 -40.62 17.63 -26.38
CA VAL D 119 -41.40 18.23 -25.29
C VAL D 119 -42.75 17.52 -25.14
N PRO D 120 -43.65 17.53 -26.16
CA PRO D 120 -44.96 16.88 -26.04
C PRO D 120 -44.92 15.41 -25.64
N ILE D 121 -43.90 14.67 -26.09
CA ILE D 121 -43.80 13.24 -25.85
C ILE D 121 -43.38 12.98 -24.40
N THR D 122 -42.47 13.82 -23.87
CA THR D 122 -42.12 13.74 -22.46
C THR D 122 -43.37 14.01 -21.60
N LYS D 123 -44.16 15.01 -21.99
CA LYS D 123 -45.34 15.41 -21.23
C LYS D 123 -46.41 14.31 -21.25
N GLU D 124 -46.56 13.64 -22.40
CA GLU D 124 -47.59 12.62 -22.56
C GLU D 124 -47.13 11.29 -21.95
N LYS D 125 -45.90 10.85 -22.30
CA LYS D 125 -45.47 9.48 -22.05
C LYS D 125 -44.39 9.38 -20.96
N GLY D 126 -43.70 10.49 -20.64
CA GLY D 126 -42.75 10.50 -19.53
C GLY D 126 -41.32 10.19 -19.98
N THR D 127 -41.07 10.27 -21.29
CA THR D 127 -39.76 9.98 -21.87
C THR D 127 -38.73 10.98 -21.34
N ILE D 128 -37.56 10.48 -20.93
CA ILE D 128 -36.51 11.27 -20.30
C ILE D 128 -35.40 11.54 -21.32
N LEU D 129 -34.86 12.77 -21.32
CA LEU D 129 -33.80 13.17 -22.23
C LEU D 129 -32.43 13.08 -21.56
N GLU D 130 -31.48 12.42 -22.24
CA GLU D 130 -30.04 12.54 -21.97
C GLU D 130 -29.40 13.29 -23.14
N LEU D 131 -28.89 14.50 -22.88
CA LEU D 131 -28.24 15.31 -23.90
C LEU D 131 -26.76 14.92 -23.99
N ASN D 132 -26.33 14.47 -25.18
CA ASN D 132 -24.97 14.00 -25.39
C ASN D 132 -24.04 15.18 -25.67
N LEU D 133 -23.12 15.46 -24.74
CA LEU D 133 -22.11 16.51 -24.91
C LEU D 133 -20.71 15.90 -25.05
N SER D 134 -20.61 14.65 -25.54
CA SER D 134 -19.37 13.92 -25.35
C SER D 134 -18.94 13.04 -26.53
N CYS D 135 -19.64 13.02 -27.67
CA CYS D 135 -19.27 12.05 -28.71
C CYS D 135 -17.87 12.37 -29.26
N PRO D 136 -16.90 11.45 -29.14
CA PRO D 136 -15.55 11.65 -29.65
C PRO D 136 -15.25 11.06 -31.03
N ASN D 137 -16.29 10.62 -31.76
CA ASN D 137 -16.10 9.81 -32.95
C ASN D 137 -16.64 10.48 -34.23
N VAL D 138 -17.10 11.74 -34.16
CA VAL D 138 -17.57 12.45 -35.35
C VAL D 138 -16.41 13.30 -35.90
N PRO D 139 -15.87 12.99 -37.10
CA PRO D 139 -14.80 13.80 -37.66
C PRO D 139 -15.16 15.28 -37.74
N GLY D 140 -14.28 16.13 -37.20
CA GLY D 140 -14.40 17.58 -37.27
C GLY D 140 -15.29 18.18 -36.18
N LYS D 141 -15.76 17.36 -35.23
CA LYS D 141 -16.66 17.80 -34.17
C LYS D 141 -16.07 17.45 -32.81
N PRO D 142 -15.29 18.38 -32.19
CA PRO D 142 -14.76 18.17 -30.85
C PRO D 142 -15.83 17.82 -29.81
N GLN D 143 -15.42 17.15 -28.72
CA GLN D 143 -16.32 16.88 -27.61
C GLN D 143 -16.71 18.20 -26.95
N VAL D 144 -18.01 18.51 -26.98
CA VAL D 144 -18.54 19.76 -26.45
C VAL D 144 -18.11 19.94 -24.99
N GLY D 145 -18.17 18.88 -24.19
CA GLY D 145 -17.88 18.92 -22.76
C GLY D 145 -16.46 19.36 -22.40
N TYR D 146 -15.54 19.43 -23.38
CA TYR D 146 -14.18 19.86 -23.13
C TYR D 146 -14.02 21.35 -23.43
N ASP D 147 -15.11 22.00 -23.86
CA ASP D 147 -15.15 23.43 -24.04
C ASP D 147 -16.28 23.98 -23.18
N PHE D 148 -15.93 24.67 -22.08
CA PHE D 148 -16.92 25.01 -21.07
C PHE D 148 -17.82 26.17 -21.55
N ASP D 149 -17.34 26.98 -22.50
CA ASP D 149 -18.18 28.03 -23.06
C ASP D 149 -19.25 27.43 -23.97
N THR D 150 -18.83 26.50 -24.83
CA THR D 150 -19.73 25.80 -25.72
C THR D 150 -20.74 24.99 -24.90
N THR D 151 -20.27 24.30 -23.86
CA THR D 151 -21.16 23.55 -22.98
C THR D 151 -22.24 24.46 -22.41
N ARG D 152 -21.83 25.63 -21.91
CA ARG D 152 -22.76 26.59 -21.32
C ARG D 152 -23.82 27.02 -22.35
N THR D 153 -23.39 27.24 -23.60
CA THR D 153 -24.31 27.68 -24.65
C THR D 153 -25.36 26.60 -24.90
N TYR D 154 -24.93 25.34 -24.98
CA TYR D 154 -25.84 24.23 -25.23
C TYR D 154 -26.87 24.12 -24.10
N LEU D 155 -26.41 24.22 -22.86
CA LEU D 155 -27.28 24.09 -21.71
C LEU D 155 -28.28 25.24 -21.65
N GLN D 156 -27.82 26.45 -21.98
CA GLN D 156 -28.70 27.61 -22.02
C GLN D 156 -29.81 27.38 -23.03
N LYS D 157 -29.43 27.05 -24.28
CA LYS D 157 -30.38 26.95 -25.38
C LYS D 157 -31.31 25.75 -25.24
N VAL D 158 -30.80 24.62 -24.73
CA VAL D 158 -31.61 23.42 -24.54
C VAL D 158 -32.55 23.63 -23.36
N SER D 159 -32.09 24.33 -22.30
CA SER D 159 -32.94 24.59 -21.15
C SER D 159 -34.14 25.45 -21.57
N GLU D 160 -33.86 26.48 -22.37
CA GLU D 160 -34.88 27.39 -22.88
C GLU D 160 -35.84 26.66 -23.82
N ALA D 161 -35.30 25.82 -24.72
CA ALA D 161 -36.11 25.18 -25.75
C ALA D 161 -36.89 23.98 -25.20
N TYR D 162 -36.25 23.17 -24.34
CA TYR D 162 -36.87 21.96 -23.83
C TYR D 162 -37.73 22.30 -22.61
N GLY D 163 -37.18 23.09 -21.68
CA GLY D 163 -37.94 23.66 -20.58
C GLY D 163 -38.32 22.64 -19.50
N LEU D 164 -37.79 21.41 -19.61
CA LEU D 164 -38.12 20.34 -18.67
C LEU D 164 -36.82 19.77 -18.11
N PRO D 165 -36.87 19.05 -16.96
CA PRO D 165 -35.69 18.35 -16.44
C PRO D 165 -35.04 17.41 -17.45
N PHE D 166 -33.71 17.44 -17.55
CA PHE D 166 -32.99 16.56 -18.45
C PHE D 166 -31.61 16.23 -17.86
N GLY D 167 -30.93 15.27 -18.50
CA GLY D 167 -29.60 14.86 -18.09
C GLY D 167 -28.57 15.15 -19.19
N VAL D 168 -27.29 15.01 -18.84
CA VAL D 168 -26.19 15.25 -19.76
C VAL D 168 -25.22 14.07 -19.72
N LYS D 169 -24.80 13.60 -20.90
CA LYS D 169 -23.74 12.62 -21.01
C LYS D 169 -22.42 13.36 -21.18
N MET D 170 -21.52 13.23 -20.19
CA MET D 170 -20.31 14.02 -20.17
C MET D 170 -19.12 13.18 -20.60
N PRO D 171 -18.09 13.81 -21.20
CA PRO D 171 -16.83 13.14 -21.44
C PRO D 171 -16.07 12.98 -20.13
N PRO D 172 -15.12 12.03 -20.04
CA PRO D 172 -14.32 11.90 -18.83
C PRO D 172 -13.36 13.07 -18.67
N TYR D 173 -13.22 13.56 -17.43
CA TYR D 173 -12.20 14.54 -17.09
C TYR D 173 -11.10 13.86 -16.28
N PHE D 174 -9.89 14.45 -16.32
CA PHE D 174 -8.71 13.82 -15.77
C PHE D 174 -7.92 14.80 -14.90
N ASP D 175 -8.57 15.90 -14.50
CA ASP D 175 -7.90 17.01 -13.85
C ASP D 175 -8.89 17.66 -12.88
N ILE D 176 -8.44 17.92 -11.65
CA ILE D 176 -9.30 18.44 -10.60
C ILE D 176 -9.88 19.80 -11.02
N ALA D 177 -9.07 20.64 -11.66
CA ALA D 177 -9.53 21.95 -12.09
C ALA D 177 -10.65 21.80 -13.12
N HIS D 178 -10.61 20.74 -13.94
CA HIS D 178 -11.66 20.47 -14.91
C HIS D 178 -12.94 19.98 -14.24
N PHE D 179 -12.83 19.12 -13.21
CA PHE D 179 -14.00 18.73 -12.45
C PHE D 179 -14.69 20.00 -11.93
N ASP D 180 -13.88 20.93 -11.39
CA ASP D 180 -14.40 22.17 -10.84
C ASP D 180 -15.05 23.04 -11.91
N MET D 181 -14.41 23.16 -13.08
CA MET D 181 -14.90 24.03 -14.13
C MET D 181 -16.20 23.45 -14.71
N ALA D 182 -16.24 22.13 -14.91
CA ALA D 182 -17.41 21.46 -15.45
C ALA D 182 -18.58 21.59 -14.47
N ALA D 183 -18.31 21.41 -13.17
CA ALA D 183 -19.35 21.50 -12.17
C ALA D 183 -19.90 22.92 -12.09
N ALA D 184 -19.02 23.92 -12.24
CA ALA D 184 -19.43 25.31 -12.16
C ALA D 184 -20.44 25.64 -13.27
N VAL D 185 -20.28 25.02 -14.45
CA VAL D 185 -21.22 25.22 -15.54
C VAL D 185 -22.52 24.49 -15.22
N LEU D 186 -22.43 23.20 -14.89
CA LEU D 186 -23.60 22.37 -14.67
C LEU D 186 -24.47 22.94 -13.56
N ASN D 187 -23.85 23.47 -12.49
CA ASN D 187 -24.59 23.96 -11.34
C ASN D 187 -25.32 25.27 -11.63
N ASP D 188 -25.04 25.89 -12.79
CA ASP D 188 -25.73 27.10 -13.21
C ASP D 188 -27.05 26.78 -13.90
N PHE D 189 -27.34 25.49 -14.14
CA PHE D 189 -28.53 25.09 -14.88
C PHE D 189 -29.38 24.16 -14.04
N PRO D 190 -30.45 24.68 -13.38
CA PRO D 190 -31.31 23.87 -12.53
C PRO D 190 -31.97 22.70 -13.25
N LEU D 191 -32.25 22.84 -14.55
CA LEU D 191 -33.00 21.84 -15.28
C LEU D 191 -32.15 20.60 -15.57
N VAL D 192 -30.82 20.70 -15.43
CA VAL D 192 -29.96 19.53 -15.53
C VAL D 192 -30.08 18.73 -14.23
N LYS D 193 -30.80 17.60 -14.27
CA LYS D 193 -31.14 16.83 -13.08
C LYS D 193 -30.31 15.56 -12.94
N PHE D 194 -29.63 15.14 -14.00
CA PHE D 194 -28.68 14.05 -13.87
C PHE D 194 -27.48 14.29 -14.79
N ILE D 195 -26.38 13.65 -14.40
CA ILE D 195 -25.11 13.69 -15.11
C ILE D 195 -24.67 12.24 -15.30
N THR D 196 -24.46 11.83 -16.55
CA THR D 196 -23.99 10.49 -16.84
C THR D 196 -22.48 10.54 -17.06
N CYS D 197 -21.73 9.89 -16.16
CA CYS D 197 -20.29 9.81 -16.16
C CYS D 197 -19.89 8.34 -16.32
N VAL D 198 -19.25 7.93 -17.43
CA VAL D 198 -18.65 8.79 -18.46
C VAL D 198 -18.93 8.20 -19.83
N ASN D 199 -18.72 9.01 -20.86
CA ASN D 199 -18.62 8.49 -22.22
C ASN D 199 -17.23 7.87 -22.39
N SER D 200 -16.97 7.33 -23.58
CA SER D 200 -15.71 6.68 -23.90
C SER D 200 -14.52 7.58 -23.55
N ILE D 201 -13.41 6.96 -23.15
CA ILE D 201 -12.13 7.64 -23.16
C ILE D 201 -11.75 7.88 -24.62
N GLY D 202 -11.76 9.15 -25.04
CA GLY D 202 -11.70 9.50 -26.44
C GLY D 202 -10.35 9.21 -27.08
N ASN D 203 -10.42 8.83 -28.37
CA ASN D 203 -9.32 8.93 -29.31
C ASN D 203 -8.12 8.12 -28.85
N GLY D 204 -8.38 6.87 -28.45
CA GLY D 204 -7.31 5.89 -28.26
C GLY D 204 -6.93 5.27 -29.60
N LEU D 205 -5.82 4.51 -29.62
CA LEU D 205 -5.36 3.88 -30.84
C LEU D 205 -4.88 2.46 -30.54
N VAL D 206 -5.47 1.50 -31.25
CA VAL D 206 -5.09 0.10 -31.13
C VAL D 206 -4.48 -0.35 -32.46
N ILE D 207 -3.35 -1.07 -32.38
CA ILE D 207 -2.60 -1.53 -33.52
C ILE D 207 -2.37 -3.03 -33.39
N ASP D 208 -2.60 -3.76 -34.51
CA ASP D 208 -2.30 -5.18 -34.58
C ASP D 208 -0.82 -5.35 -34.91
N PRO D 209 -0.02 -6.01 -34.04
CA PRO D 209 1.41 -6.18 -34.30
C PRO D 209 1.71 -7.11 -35.48
N ALA D 210 0.84 -8.09 -35.72
CA ALA D 210 1.01 -9.05 -36.80
C ALA D 210 1.07 -8.36 -38.16
N ASN D 211 0.11 -7.46 -38.45
CA ASN D 211 0.00 -6.84 -39.76
C ASN D 211 0.35 -5.35 -39.71
N GLU D 212 0.74 -4.84 -38.53
CA GLU D 212 1.22 -3.47 -38.34
C GLU D 212 0.16 -2.46 -38.76
N THR D 213 -1.12 -2.84 -38.68
CA THR D 213 -2.24 -2.01 -39.13
C THR D 213 -3.17 -1.74 -37.95
N VAL D 214 -3.79 -0.55 -37.97
CA VAL D 214 -4.81 -0.17 -37.00
C VAL D 214 -6.00 -1.10 -37.19
N VAL D 215 -6.87 -1.19 -36.16
CA VAL D 215 -7.90 -2.21 -36.12
C VAL D 215 -9.27 -1.64 -36.51
N ILE D 216 -9.40 -0.31 -36.62
CA ILE D 216 -10.62 0.29 -37.15
C ILE D 216 -10.27 1.29 -38.24
N LYS D 217 -11.24 1.52 -39.13
CA LYS D 217 -11.01 2.28 -40.35
C LYS D 217 -11.05 3.79 -40.09
N PRO D 218 -12.08 4.36 -39.42
CA PRO D 218 -12.21 5.81 -39.33
C PRO D 218 -11.04 6.49 -38.61
N LYS D 219 -10.76 7.74 -39.00
CA LYS D 219 -9.89 8.64 -38.27
C LYS D 219 -8.51 8.04 -37.98
N GLN D 220 -7.95 7.36 -39.00
CA GLN D 220 -6.61 6.79 -38.91
C GLN D 220 -6.52 5.81 -37.75
N GLY D 221 -7.66 5.22 -37.35
CA GLY D 221 -7.70 4.19 -36.33
C GLY D 221 -7.99 4.71 -34.92
N PHE D 222 -8.24 6.02 -34.79
CA PHE D 222 -8.49 6.63 -33.49
C PHE D 222 -9.96 6.42 -33.13
N GLY D 223 -10.20 5.88 -31.92
CA GLY D 223 -11.56 5.57 -31.49
C GLY D 223 -11.72 5.65 -29.98
N GLY D 224 -12.98 5.68 -29.54
CA GLY D 224 -13.32 5.75 -28.13
C GLY D 224 -13.13 4.41 -27.43
N LEU D 225 -12.51 4.44 -26.25
CA LEU D 225 -12.24 3.26 -25.45
C LEU D 225 -13.37 3.01 -24.46
N GLY D 226 -13.76 1.74 -24.33
CA GLY D 226 -14.72 1.32 -23.32
C GLY D 226 -14.25 0.04 -22.64
N GLY D 227 -14.98 -0.36 -21.59
CA GLY D 227 -14.75 -1.62 -20.93
C GLY D 227 -13.80 -1.46 -19.75
N LYS D 228 -12.89 -2.42 -19.57
CA LYS D 228 -12.08 -2.51 -18.36
C LYS D 228 -11.09 -1.34 -18.30
N TYR D 229 -10.75 -0.77 -19.45
CA TYR D 229 -9.84 0.36 -19.52
C TYR D 229 -10.34 1.55 -18.68
N VAL D 230 -11.65 1.70 -18.53
CA VAL D 230 -12.23 2.98 -18.14
C VAL D 230 -12.78 2.95 -16.71
N LEU D 231 -12.71 1.82 -15.99
CA LEU D 231 -13.38 1.70 -14.69
C LEU D 231 -12.88 2.78 -13.74
N PRO D 232 -11.56 2.90 -13.44
CA PRO D 232 -11.10 3.91 -12.49
C PRO D 232 -11.46 5.33 -12.89
N THR D 233 -11.39 5.64 -14.19
CA THR D 233 -11.77 6.95 -14.69
C THR D 233 -13.26 7.18 -14.42
N ALA D 234 -14.09 6.18 -14.71
CA ALA D 234 -15.52 6.30 -14.55
C ALA D 234 -15.88 6.54 -13.09
N LEU D 235 -15.31 5.72 -12.19
CA LEU D 235 -15.59 5.85 -10.77
C LEU D 235 -15.18 7.24 -10.27
N ALA D 236 -14.03 7.72 -10.73
CA ALA D 236 -13.52 9.03 -10.35
C ALA D 236 -14.51 10.12 -10.76
N ASN D 237 -14.96 10.10 -12.01
CA ASN D 237 -15.87 11.11 -12.51
C ASN D 237 -17.20 11.03 -11.75
N VAL D 238 -17.73 9.81 -11.55
CA VAL D 238 -18.97 9.64 -10.80
C VAL D 238 -18.86 10.32 -9.44
N ASN D 239 -17.80 10.00 -8.69
CA ASN D 239 -17.65 10.48 -7.32
C ASN D 239 -17.44 12.00 -7.30
N ALA D 240 -16.63 12.52 -8.24
CA ALA D 240 -16.34 13.95 -8.30
C ALA D 240 -17.62 14.76 -8.50
N PHE D 241 -18.49 14.32 -9.42
CA PHE D 241 -19.72 15.03 -9.73
C PHE D 241 -20.77 14.76 -8.66
N PHE D 242 -20.76 13.57 -8.08
CA PHE D 242 -21.67 13.24 -6.99
C PHE D 242 -21.50 14.28 -5.88
N ARG D 243 -20.24 14.56 -5.52
CA ARG D 243 -19.94 15.50 -4.44
C ARG D 243 -20.20 16.94 -4.86
N ARG D 244 -19.88 17.30 -6.11
CA ARG D 244 -19.91 18.69 -6.53
C ARG D 244 -21.30 19.16 -6.94
N CYS D 245 -22.19 18.23 -7.30
CA CYS D 245 -23.50 18.57 -7.83
C CYS D 245 -24.59 17.86 -7.05
N PRO D 246 -24.75 18.17 -5.74
CA PRO D 246 -25.70 17.46 -4.88
C PRO D 246 -27.17 17.54 -5.30
N ASP D 247 -27.52 18.56 -6.10
CA ASP D 247 -28.89 18.71 -6.58
C ASP D 247 -29.09 17.93 -7.87
N LYS D 248 -28.07 17.19 -8.30
CA LYS D 248 -28.16 16.38 -9.50
C LYS D 248 -27.88 14.93 -9.14
N LEU D 249 -28.57 14.00 -9.83
CA LEU D 249 -28.25 12.59 -9.74
C LEU D 249 -27.08 12.31 -10.67
N VAL D 250 -26.26 11.31 -10.32
CA VAL D 250 -25.20 10.87 -11.19
C VAL D 250 -25.53 9.46 -11.66
N PHE D 251 -25.41 9.24 -12.98
CA PHE D 251 -25.51 7.90 -13.55
C PHE D 251 -24.10 7.44 -13.89
N GLY D 252 -23.76 6.23 -13.44
CA GLY D 252 -22.45 5.66 -13.68
C GLY D 252 -22.43 4.92 -15.01
N CYS D 253 -21.38 5.13 -15.79
CA CYS D 253 -21.16 4.42 -17.03
C CYS D 253 -19.66 4.22 -17.22
N GLY D 254 -19.23 2.96 -17.36
CA GLY D 254 -17.83 2.69 -17.61
C GLY D 254 -17.34 1.46 -16.84
N GLY D 255 -17.01 0.40 -17.59
CA GLY D 255 -16.24 -0.70 -17.05
C GLY D 255 -17.07 -1.73 -16.26
N VAL D 256 -18.40 -1.72 -16.44
CA VAL D 256 -19.24 -2.63 -15.69
C VAL D 256 -19.35 -3.97 -16.42
N TYR D 257 -18.83 -5.03 -15.78
CA TYR D 257 -18.90 -6.39 -16.28
C TYR D 257 -19.59 -7.33 -15.30
N SER D 258 -19.83 -6.85 -14.08
CA SER D 258 -20.24 -7.72 -12.99
C SER D 258 -20.95 -6.89 -11.92
N GLY D 259 -21.58 -7.60 -10.97
CA GLY D 259 -22.23 -6.93 -9.85
C GLY D 259 -21.23 -6.11 -9.02
N GLU D 260 -19.97 -6.57 -8.98
CA GLU D 260 -18.92 -5.89 -8.22
C GLU D 260 -18.73 -4.46 -8.72
N GLU D 261 -18.56 -4.29 -10.04
CA GLU D 261 -18.36 -2.95 -10.61
C GLU D 261 -19.61 -2.11 -10.44
N ALA D 262 -20.79 -2.75 -10.53
CA ALA D 262 -22.06 -2.08 -10.29
C ALA D 262 -22.09 -1.51 -8.87
N PHE D 263 -21.71 -2.36 -7.92
CA PHE D 263 -21.64 -2.01 -6.51
C PHE D 263 -20.69 -0.83 -6.30
N LEU D 264 -19.53 -0.86 -6.95
CA LEU D 264 -18.54 0.21 -6.79
C LEU D 264 -19.08 1.52 -7.36
N HIS D 265 -19.77 1.47 -8.51
CA HIS D 265 -20.36 2.66 -9.09
C HIS D 265 -21.37 3.30 -8.14
N ILE D 266 -22.26 2.48 -7.56
CA ILE D 266 -23.31 2.96 -6.68
C ILE D 266 -22.68 3.50 -5.40
N LEU D 267 -21.67 2.80 -4.88
CA LEU D 267 -20.93 3.24 -3.71
C LEU D 267 -20.26 4.60 -3.96
N ALA D 268 -19.80 4.83 -5.19
CA ALA D 268 -19.20 6.10 -5.59
C ALA D 268 -20.25 7.20 -5.75
N GLY D 269 -21.53 6.82 -5.89
CA GLY D 269 -22.62 7.78 -5.90
C GLY D 269 -23.65 7.58 -7.03
N ALA D 270 -23.48 6.53 -7.84
CA ALA D 270 -24.36 6.32 -8.99
C ALA D 270 -25.76 5.94 -8.54
N SER D 271 -26.77 6.55 -9.18
CA SER D 271 -28.17 6.21 -9.01
C SER D 271 -28.52 5.08 -9.98
N MET D 272 -28.24 5.30 -11.28
CA MET D 272 -28.40 4.30 -12.32
C MET D 272 -27.03 3.87 -12.81
N VAL D 273 -26.92 2.64 -13.35
CA VAL D 273 -25.65 2.10 -13.82
C VAL D 273 -25.85 1.63 -15.27
N GLN D 274 -25.06 2.21 -16.20
CA GLN D 274 -25.16 1.88 -17.61
C GLN D 274 -24.08 0.87 -17.99
N VAL D 275 -24.42 0.00 -18.95
CA VAL D 275 -23.55 -1.07 -19.38
C VAL D 275 -23.39 -0.98 -20.89
N GLY D 276 -22.14 -0.78 -21.35
CA GLY D 276 -21.84 -0.64 -22.77
C GLY D 276 -21.13 -1.87 -23.32
N THR D 277 -19.80 -1.85 -23.28
CA THR D 277 -18.95 -2.87 -23.89
C THR D 277 -19.39 -4.28 -23.47
N ALA D 278 -19.56 -4.53 -22.17
CA ALA D 278 -19.90 -5.86 -21.68
C ALA D 278 -21.24 -6.34 -22.25
N LEU D 279 -22.18 -5.40 -22.46
CA LEU D 279 -23.47 -5.70 -23.08
C LEU D 279 -23.26 -6.07 -24.54
N HIS D 280 -22.45 -5.26 -25.25
CA HIS D 280 -22.13 -5.50 -26.65
C HIS D 280 -21.56 -6.91 -26.80
N ASP D 281 -20.72 -7.31 -25.83
CA ASP D 281 -20.07 -8.60 -25.82
C ASP D 281 -21.06 -9.73 -25.49
N GLU D 282 -21.72 -9.60 -24.35
CA GLU D 282 -22.46 -10.72 -23.72
C GLU D 282 -23.89 -10.79 -24.24
N GLY D 283 -24.42 -9.66 -24.70
CA GLY D 283 -25.83 -9.55 -25.05
C GLY D 283 -26.70 -9.30 -23.81
N PRO D 284 -28.02 -9.10 -24.00
CA PRO D 284 -28.89 -8.59 -22.95
C PRO D 284 -29.19 -9.56 -21.79
N ILE D 285 -28.75 -10.82 -21.90
CA ILE D 285 -28.75 -11.77 -20.79
C ILE D 285 -27.98 -11.19 -19.61
N ILE D 286 -27.00 -10.31 -19.89
CA ILE D 286 -26.10 -9.77 -18.88
C ILE D 286 -26.89 -9.14 -17.72
N PHE D 287 -28.03 -8.52 -18.01
CA PHE D 287 -28.78 -7.77 -17.00
C PHE D 287 -29.30 -8.72 -15.91
N ALA D 288 -29.74 -9.92 -16.31
CA ALA D 288 -30.18 -10.94 -15.37
C ALA D 288 -29.05 -11.28 -14.41
N ARG D 289 -27.85 -11.43 -14.98
CA ARG D 289 -26.67 -11.80 -14.23
C ARG D 289 -26.26 -10.66 -13.29
N LEU D 290 -26.37 -9.40 -13.74
CA LEU D 290 -25.96 -8.26 -12.94
C LEU D 290 -26.89 -8.09 -11.74
N ASN D 291 -28.20 -8.28 -11.96
CA ASN D 291 -29.19 -8.21 -10.89
C ASN D 291 -28.86 -9.22 -9.80
N LYS D 292 -28.62 -10.47 -10.21
CA LYS D 292 -28.28 -11.55 -9.28
C LYS D 292 -26.98 -11.21 -8.54
N GLU D 293 -25.96 -10.77 -9.28
CA GLU D 293 -24.65 -10.54 -8.70
C GLU D 293 -24.69 -9.36 -7.72
N LEU D 294 -25.46 -8.31 -8.05
CA LEU D 294 -25.56 -7.16 -7.17
C LEU D 294 -26.29 -7.56 -5.89
N GLN D 295 -27.30 -8.42 -6.01
CA GLN D 295 -28.10 -8.87 -4.88
C GLN D 295 -27.26 -9.75 -3.96
N GLU D 296 -26.41 -10.59 -4.56
CA GLU D 296 -25.49 -11.46 -3.84
C GLU D 296 -24.60 -10.61 -2.93
N ILE D 297 -23.98 -9.57 -3.50
CA ILE D 297 -23.05 -8.72 -2.77
C ILE D 297 -23.78 -8.02 -1.63
N MET D 298 -24.98 -7.50 -1.93
CA MET D 298 -25.79 -6.80 -0.94
C MET D 298 -26.14 -7.74 0.22
N THR D 299 -26.49 -9.00 -0.10
CA THR D 299 -26.86 -9.98 0.91
C THR D 299 -25.67 -10.24 1.84
N ASN D 300 -24.47 -10.44 1.25
CA ASN D 300 -23.26 -10.67 2.01
C ASN D 300 -22.95 -9.48 2.93
N LYS D 301 -23.29 -8.26 2.50
CA LYS D 301 -22.94 -7.05 3.24
C LYS D 301 -24.04 -6.62 4.19
N GLY D 302 -25.22 -7.25 4.11
CA GLY D 302 -26.33 -6.92 4.99
C GLY D 302 -27.04 -5.64 4.55
N TYR D 303 -26.99 -5.34 3.25
CA TYR D 303 -27.73 -4.24 2.66
C TYR D 303 -29.04 -4.78 2.08
N LYS D 304 -30.12 -4.03 2.29
CA LYS D 304 -31.46 -4.42 1.84
C LYS D 304 -31.96 -3.51 0.72
N THR D 305 -31.35 -2.34 0.59
CA THR D 305 -31.73 -1.36 -0.42
C THR D 305 -30.45 -0.68 -0.91
N LEU D 306 -30.54 0.00 -2.06
CA LEU D 306 -29.39 0.69 -2.64
C LEU D 306 -29.04 1.93 -1.81
N ASP D 307 -30.07 2.57 -1.23
CA ASP D 307 -29.90 3.80 -0.46
C ASP D 307 -29.05 3.57 0.79
N GLU D 308 -28.86 2.31 1.18
CA GLU D 308 -28.06 1.97 2.34
C GLU D 308 -26.57 2.22 2.08
N PHE D 309 -26.13 2.21 0.83
CA PHE D 309 -24.70 2.35 0.56
C PHE D 309 -24.40 3.25 -0.63
N ARG D 310 -25.42 3.79 -1.32
CA ARG D 310 -25.18 4.69 -2.43
C ARG D 310 -24.40 5.91 -1.94
N GLY D 311 -23.24 6.16 -2.57
CA GLY D 311 -22.45 7.35 -2.28
C GLY D 311 -21.72 7.28 -0.94
N ARG D 312 -21.61 6.07 -0.36
CA ARG D 312 -21.02 5.91 0.96
C ARG D 312 -19.58 5.38 0.87
N VAL D 313 -18.93 5.52 -0.29
CA VAL D 313 -17.52 5.19 -0.40
C VAL D 313 -16.75 5.91 0.72
N LYS D 314 -15.82 5.18 1.34
CA LYS D 314 -15.06 5.70 2.47
C LYS D 314 -13.69 6.19 2.01
N THR D 315 -13.24 7.32 2.61
CA THR D 315 -11.90 7.84 2.40
C THR D 315 -11.11 7.67 3.69
N MET D 316 -9.78 7.85 3.59
CA MET D 316 -8.87 7.59 4.70
C MET D 316 -8.62 8.88 5.50
C9A FNR E . 4.51 -22.12 26.38
N10 FNR E . 5.69 -22.04 25.60
CAA FNR E . 6.71 -22.95 25.82
N1 FNR E . 7.71 -23.13 24.90
C2 FNR E . 8.68 -24.10 25.04
O2 FNR E . 9.55 -24.24 24.21
N3 FNR E . 8.60 -24.90 26.15
C4 FNR E . 7.63 -24.79 27.14
O4 FNR E . 7.66 -25.57 28.10
C4A FNR E . 6.67 -23.78 26.99
N5 FNR E . 5.65 -23.63 27.88
C5A FNR E . 4.50 -22.92 27.54
C6 FNR E . 3.35 -23.05 28.28
C7 FNR E . 2.19 -22.41 27.93
C7M FNR E . 0.97 -22.57 28.79
C8 FNR E . 2.20 -21.59 26.75
C8M FNR E . 0.96 -20.84 26.30
C9 FNR E . 3.33 -21.47 26.00
C1' FNR E . 5.68 -21.21 24.36
C2' FNR E . 5.04 -21.99 23.21
O2' FNR E . 5.82 -23.15 22.91
C3' FNR E . 4.90 -21.16 21.93
O3' FNR E . 6.21 -20.88 21.43
C4' FNR E . 4.16 -19.82 22.11
O4' FNR E . 3.00 -20.03 22.93
C5' FNR E . 3.77 -19.21 20.79
O5' FNR E . 2.80 -20.04 20.07
P FNR E . 1.24 -19.62 20.13
O1P FNR E . 1.15 -18.23 19.54
O2P FNR E . 0.55 -20.67 19.30
O3P FNR E . 0.86 -19.67 21.59
C1 MLI F . 14.72 -9.16 5.33
C2 MLI F . 15.75 -10.18 5.78
C3 MLI F . 15.39 -8.00 4.60
O6 MLI F . 15.38 -11.35 5.99
O7 MLI F . 16.93 -9.80 5.90
O8 MLI F . 15.73 -7.00 5.28
O9 MLI F . 15.60 -8.11 3.38
C1 MLI G . 11.73 -25.01 41.48
C2 MLI G . 11.43 -23.54 41.80
C3 MLI G . 10.54 -25.74 40.87
O6 MLI G . 11.98 -23.03 42.79
O7 MLI G . 10.64 -22.92 41.05
O8 MLI G . 10.31 -26.90 41.25
O9 MLI G . 9.85 -25.15 40.02
S SO2 H . 9.18 -21.80 27.96
O1 SO2 H . 10.24 -22.22 27.08
O2 SO2 H . 8.34 -20.73 27.55
S SO3 I . 7.31 -21.98 30.68
O1 SO3 I . 7.17 -23.32 31.34
O2 SO3 I . 5.93 -21.66 30.17
O3 SO3 I . 7.50 -21.04 31.82
C9A FNR J . 4.88 8.14 -12.07
N10 FNR J . 4.81 9.08 -13.13
CAA FNR J . 5.60 10.21 -13.10
N1 FNR J . 5.79 10.97 -14.23
C2 FNR J . 6.65 12.04 -14.27
O2 FNR J . 6.79 12.68 -15.29
N3 FNR J . 7.31 12.33 -13.10
C4 FNR J . 7.19 11.64 -11.91
O4 FNR J . 7.84 12.00 -10.93
C4A FNR J . 6.28 10.55 -11.89
N5 FNR J . 6.09 9.76 -10.78
C5A FNR J . 5.51 8.52 -10.87
C6 FNR J . 5.63 7.60 -9.83
C7 FNR J . 5.11 6.33 -9.95
C7M FNR J . 5.23 5.37 -8.79
C8 FNR J . 4.46 5.94 -11.18
C8M FNR J . 3.89 4.57 -11.37
C9 FNR J . 4.38 6.85 -12.20
C1' FNR J . 4.13 8.70 -14.39
C2' FNR J . 5.06 7.85 -15.26
O2' FNR J . 6.23 8.60 -15.64
C3' FNR J . 4.37 7.34 -16.54
O3' FNR J . 4.12 8.45 -17.39
C4' FNR J . 3.07 6.58 -16.30
O4' FNR J . 3.23 5.69 -15.18
C5' FNR J . 2.61 5.79 -17.50
O5' FNR J . 3.59 4.80 -17.91
P FNR J . 3.37 3.26 -17.49
O1P FNR J . 3.27 3.24 -15.97
O2P FNR J . 2.07 2.81 -18.16
O3P FNR J . 4.57 2.49 -18.00
C1 MLI K . -6.46 11.27 -36.04
C2 MLI K . -5.58 12.49 -35.83
C3 MLI K . -7.65 11.60 -36.94
O6 MLI K . -4.40 12.31 -35.45
O7 MLI K . -6.07 13.61 -36.07
O8 MLI K . -8.71 11.97 -36.39
O9 MLI K . -7.50 11.52 -38.17
C1 MLI L . 5.21 19.01 1.02
C2 MLI L . 5.83 20.26 1.66
C3 MLI L . 6.23 17.92 0.70
O6 MLI L . 6.86 20.11 2.37
O7 MLI L . 5.30 21.35 1.45
O8 MLI L . 7.32 17.92 1.30
O9 MLI L . 5.92 17.06 -0.15
C1 MLI M . 8.91 4.71 -6.73
C2 MLI M . 8.52 4.45 -5.29
C3 MLI M . 10.11 3.86 -7.14
O6 MLI M . 8.90 5.26 -4.42
O7 MLI M . 7.85 3.43 -5.04
O8 MLI M . 11.13 3.90 -6.42
O9 MLI M . 10.03 3.18 -8.17
C1 MLI N . -0.65 15.73 -39.28
C2 MLI N . -1.98 16.06 -38.63
C3 MLI N . -0.84 14.75 -40.42
O6 MLI N . -2.46 17.18 -38.83
O7 MLI N . -2.54 15.16 -37.98
O8 MLI N . 0.17 14.24 -40.95
O9 MLI N . -2.00 14.48 -40.78
S SO2 O . 4.04 13.08 -11.90
O1 SO2 O . 4.40 13.89 -13.03
O2 SO2 O . 3.05 12.04 -12.07
S SO3 P . 4.02 12.13 -8.57
O1 SO3 P . 2.96 12.29 -7.53
O2 SO3 P . 5.31 12.20 -7.82
O3 SO3 P . 3.91 10.68 -8.97
C9A FNR Q . 6.66 5.09 13.16
N10 FNR Q . 7.55 5.01 14.25
CAA FNR Q . 8.62 5.89 14.31
N1 FNR Q . 9.33 6.03 15.48
C2 FNR Q . 10.35 6.94 15.61
O2 FNR Q . 10.97 7.05 16.65
N3 FNR Q . 10.63 7.72 14.50
C4 FNR Q . 9.97 7.64 13.29
O4 FNR Q . 10.30 8.40 12.37
C4A FNR Q . 8.95 6.69 13.18
N5 FNR Q . 8.19 6.56 12.04
C5A FNR Q . 7.00 5.86 12.03
C6 FNR Q . 6.11 5.98 10.98
C7 FNR Q . 4.90 5.34 11.00
C7M FNR Q . 3.96 5.47 9.83
C8 FNR Q . 4.54 4.54 12.14
C8M FNR Q . 3.23 3.81 12.21
C9 FNR Q . 5.42 4.44 13.19
C1' FNR Q . 7.21 4.16 15.41
C2' FNR Q . 6.30 4.95 16.36
O2' FNR Q . 6.97 6.11 16.84
C3' FNR Q . 5.84 4.10 17.56
O3' FNR Q . 6.97 3.84 18.38
C4' FNR Q . 5.17 2.78 17.17
O4' FNR Q . 4.27 3.00 16.07
C5' FNR Q . 4.43 2.16 18.32
O5' FNR Q . 3.37 3.06 18.76
P FNR Q . 1.84 2.72 18.34
O1P FNR Q . 1.84 2.75 16.82
O2P FNR Q . 1.00 3.83 18.95
O3P FNR Q . 1.53 1.35 18.90
C1 MLI R . 10.45 -7.95 36.21
C2 MLI R . 11.62 -6.97 36.10
C3 MLI R . 10.88 -9.17 37.03
O6 MLI R . 11.39 -5.80 35.74
O7 MLI R . 12.75 -7.40 36.40
O8 MLI R . 11.36 -10.14 36.43
O9 MLI R . 10.77 -9.11 38.26
C1 MLI S . 18.06 7.44 0.62
C2 MLI S . 17.76 5.99 0.29
C3 MLI S . 16.82 8.29 0.89
O6 MLI S . 18.61 5.34 -0.38
O7 MLI S . 16.69 5.50 0.69
O8 MLI S . 16.81 9.46 0.48
O9 MLI S . 15.87 7.77 1.51
C1 MLI T . 2.93 9.21 8.01
C2 MLI T . 2.08 10.37 8.51
C3 MLI T . 2.79 9.02 6.50
O6 MLI T . 2.10 11.44 7.86
O7 MLI T . 1.39 10.20 9.53
O8 MLI T . 3.54 9.66 5.77
O9 MLI T . 1.90 8.24 6.10
C1 MLI U . 14.13 -2.43 39.64
C2 MLI U . 13.34 -2.86 40.87
C3 MLI U . 15.37 -3.28 39.41
O6 MLI U . 13.78 -2.52 41.99
O7 MLI U . 12.30 -3.51 40.70
O8 MLI U . 15.22 -4.45 39.01
O9 MLI U . 16.48 -2.77 39.64
S SO2 V . 11.53 4.63 12.93
O1 SO2 V . 12.27 5.11 14.06
O2 SO2 V . 10.71 3.44 13.07
S SO3 W . 10.59 4.89 9.80
O1 SO3 W . 10.81 6.17 9.08
O2 SO3 W . 9.09 4.74 9.84
O3 SO3 W . 11.02 3.83 8.84
C9A FNR X . -20.77 3.92 -27.44
N10 FNR X . -20.87 5.09 -26.64
CAA FNR X . -21.87 6.01 -26.91
N1 FNR X . -22.22 6.96 -25.98
C2 FNR X . -23.26 7.84 -26.19
O2 FNR X . -23.53 8.68 -25.35
N3 FNR X . -23.95 7.71 -27.37
C4 FNR X . -23.68 6.77 -28.36
O4 FNR X . -24.37 6.75 -29.37
C4A FNR X . -22.59 5.91 -28.13
N5 FNR X . -22.26 4.93 -29.02
C5A FNR X . -21.46 3.87 -28.66
C6 FNR X . -21.44 2.71 -29.42
C7 FNR X . -20.71 1.63 -29.03
C7M FNR X . -20.68 0.40 -29.91
C8 FNR X . -19.98 1.68 -27.79
C8M FNR X . -19.16 0.52 -27.30
C9 FNR X . -20.04 2.81 -27.02
C1' FNR X . -20.15 5.14 -25.34
C2' FNR X . -20.91 4.36 -24.28
O2' FNR X . -22.20 4.93 -24.07
C3' FNR X . -20.16 4.33 -22.94
O3' FNR X . -20.05 5.65 -22.45
C4' FNR X . -18.76 3.71 -23.02
O4' FNR X . -18.80 2.54 -23.84
C5' FNR X . -18.23 3.36 -21.65
O5' FNR X . -19.02 2.30 -21.05
P FNR X . -18.47 0.78 -21.09
O1P FNR X . -17.15 0.74 -20.36
O2P FNR X . -18.34 0.44 -22.58
O3P FNR X . -19.55 -0.03 -20.38
C1 MLI Y . -10.78 14.85 -5.33
C2 MLI Y . -11.80 15.81 -5.93
C3 MLI Y . -9.66 15.55 -4.57
O6 MLI Y . -12.92 15.37 -6.23
O7 MLI Y . -11.46 17.00 -6.05
O8 MLI Y . -8.65 15.91 -5.20
O9 MLI Y . -9.83 15.76 -3.36
S SO2 Z . -20.70 8.62 -28.90
O1 SO2 Z . -19.57 7.83 -28.53
O2 SO2 Z . -21.28 9.52 -27.95
S SO3 AA . -20.61 6.86 -31.59
O1 SO3 AA . -19.46 7.10 -32.51
O2 SO3 AA . -21.79 6.75 -32.50
O3 SO3 AA . -20.39 5.45 -31.10
#